data_1OGP
#
_entry.id   1OGP
#
_cell.length_a   222.918
_cell.length_b   351.271
_cell.length_c   158.282
_cell.angle_alpha   90.00
_cell.angle_beta   90.00
_cell.angle_gamma   90.00
#
_symmetry.space_group_name_H-M   'C 2 2 2'
#
loop_
_entity.id
_entity.type
_entity.pdbx_description
1 polymer 'SULFITE OXIDASE'
2 non-polymer 'CESIUM ION'
3 non-polymer GLYCEROL
4 non-polymer (MOLYBDOPTERIN-S,S)-DIOXO-THIO-MOLYBDENUM(VI)
5 water water
#
_entity_poly.entity_id   1
_entity_poly.type   'polypeptide(L)'
_entity_poly.pdbx_seq_one_letter_code
;MPGIRGPSEYSQEPPRHPSLKVNAKEPFNAEPPRSALVSSYVTPVDLFYKRNHGPIPIVDHLQSYSVTLTGLIQNPRKLF
IKDIRSLPKYNVTATLQCAGNRRTAMSKVRNVRGVGWDVSAIGNAVWGGAKLADVLELVGIPKLTASTNLGARHVEFVSV
DRCKEENGGPYKASITLSQATNPEADVLLAYEMNGETLNRDHGFPLRVVVPGVIGARSVKWLDSINVIAEESQGFFMQKD
YKMFPPSVNWDNINWSSRRPQMDFPVQSAICSVEDVQMVKPGKVSIKGYAVSGGGRGIERVDISLDGGKNWVEASRTQEP
GKQYISEHSSSDKWAWVLFEATIDVSQTTEVIAKAVDSAANVQPENVESVWNLRGVLNTSWHRVLLRLGHSNL
;
_entity_poly.pdbx_strand_id   A,B,C,D,E,F
#
loop_
_chem_comp.id
_chem_comp.type
_chem_comp.name
_chem_comp.formula
CS non-polymer 'CESIUM ION' 'Cs 1'
GOL non-polymer GLYCEROL 'C3 H8 O3'
MTQ non-polymer (MOLYBDOPTERIN-S,S)-DIOXO-THIO-MOLYBDENUM(VI) 'C10 H8 Mo N5 O8 P S2'
#
# COMPACT_ATOMS: atom_id res chain seq x y z
N PRO A 2 -7.19 5.39 25.52
CA PRO A 2 -7.28 6.13 24.19
C PRO A 2 -7.73 7.64 24.32
N GLY A 3 -6.79 8.59 24.42
CA GLY A 3 -7.17 10.04 24.34
C GLY A 3 -7.00 10.76 22.97
N ILE A 4 -6.69 9.95 21.98
CA ILE A 4 -6.21 10.42 20.69
C ILE A 4 -6.51 9.36 19.68
N ARG A 5 -6.87 9.80 18.47
CA ARG A 5 -7.05 8.86 17.41
C ARG A 5 -6.34 9.27 16.12
N GLY A 6 -6.03 8.26 15.33
CA GLY A 6 -5.47 8.43 14.01
C GLY A 6 -6.51 8.23 12.98
N PRO A 7 -6.92 9.26 12.27
CA PRO A 7 -7.99 9.05 11.31
C PRO A 7 -7.51 8.25 10.11
N SER A 8 -8.46 7.73 9.39
CA SER A 8 -8.23 6.93 8.20
C SER A 8 -8.61 7.71 6.97
N GLU A 9 -9.00 8.93 7.19
CA GLU A 9 -9.42 9.81 6.07
C GLU A 9 -9.15 11.29 6.49
N TYR A 10 -9.27 12.19 5.53
CA TYR A 10 -8.67 13.55 5.62
C TYR A 10 -9.67 14.74 5.89
N SER A 11 -10.78 14.43 6.52
CA SER A 11 -11.84 15.46 6.68
C SER A 11 -11.54 16.47 7.79
N GLN A 12 -10.68 16.10 8.72
CA GLN A 12 -10.40 16.95 9.89
C GLN A 12 -8.92 17.42 9.96
N GLU A 13 -8.35 17.63 8.81
CA GLU A 13 -6.97 18.10 8.71
C GLU A 13 -6.87 19.55 9.23
N PRO A 14 -5.77 19.92 9.89
CA PRO A 14 -5.64 21.27 10.42
C PRO A 14 -5.35 22.23 9.33
N PRO A 15 -5.52 23.50 9.62
CA PRO A 15 -5.20 24.53 8.63
C PRO A 15 -3.68 24.69 8.52
N ARG A 16 -3.26 25.14 7.36
CA ARG A 16 -1.85 25.54 7.10
C ARG A 16 -1.68 26.98 6.52
N HIS A 17 -0.48 27.57 6.67
CA HIS A 17 -0.18 28.85 6.02
C HIS A 17 -0.38 28.77 4.51
N PRO A 18 -1.08 29.73 3.93
CA PRO A 18 -1.30 29.74 2.46
C PRO A 18 -0.10 29.89 1.59
N SER A 19 1.00 30.42 2.13
CA SER A 19 2.23 30.68 1.29
C SER A 19 2.98 29.39 0.94
N LEU A 20 2.60 28.35 1.64
CA LEU A 20 3.26 27.06 1.51
C LEU A 20 3.08 26.54 0.11
N LYS A 21 4.19 26.09 -0.44
CA LYS A 21 4.20 25.32 -1.68
C LYS A 21 3.86 23.82 -1.43
N VAL A 22 2.71 23.42 -1.92
CA VAL A 22 2.12 22.12 -1.63
C VAL A 22 2.57 21.10 -2.65
N ASN A 23 3.22 20.05 -2.19
CA ASN A 23 3.77 19.04 -3.09
C ASN A 23 2.85 17.82 -3.18
N ALA A 24 2.10 17.61 -2.12
CA ALA A 24 1.02 16.63 -2.08
C ALA A 24 0.04 17.07 -1.05
N LYS A 25 -1.24 17.02 -1.41
CA LYS A 25 -2.34 17.48 -0.55
C LYS A 25 -2.75 16.36 0.48
N GLU A 26 -2.82 15.11 0.03
CA GLU A 26 -3.30 13.98 0.89
C GLU A 26 -2.50 12.76 0.63
N PRO A 27 -1.62 12.42 1.55
CA PRO A 27 -1.35 13.20 2.75
C PRO A 27 -0.61 14.48 2.50
N PHE A 28 -0.60 15.32 3.52
CA PHE A 28 -0.02 16.65 3.41
C PHE A 28 1.52 16.70 3.48
N ASN A 29 2.03 17.20 2.41
CA ASN A 29 3.45 17.30 2.16
C ASN A 29 3.76 18.63 1.51
N ALA A 30 4.42 19.50 2.27
CA ALA A 30 4.62 20.88 1.88
C ALA A 30 5.88 21.56 2.45
N GLU A 31 6.25 22.64 1.81
CA GLU A 31 7.51 23.31 2.07
C GLU A 31 7.37 24.79 1.80
N PRO A 32 8.11 25.62 2.56
CA PRO A 32 7.99 27.07 2.40
C PRO A 32 8.64 27.48 1.09
N PRO A 33 8.29 28.67 0.61
CA PRO A 33 8.99 29.25 -0.56
C PRO A 33 10.41 29.56 -0.08
N ARG A 34 11.30 29.10 -0.86
CA ARG A 34 12.73 29.36 -0.78
C ARG A 34 13.15 30.73 -0.17
N SER A 35 12.51 31.76 -0.66
CA SER A 35 12.82 33.14 -0.27
C SER A 35 12.46 33.46 1.19
N ALA A 36 11.59 32.68 1.79
CA ALA A 36 11.21 32.86 3.17
C ALA A 36 11.95 31.95 4.16
N LEU A 37 12.51 30.87 3.65
CA LEU A 37 13.16 29.78 4.44
C LEU A 37 14.26 30.28 5.36
N VAL A 38 14.94 31.29 4.84
CA VAL A 38 16.29 31.65 5.31
C VAL A 38 16.29 33.09 5.91
N SER A 39 15.08 33.57 6.18
CA SER A 39 14.90 34.94 6.69
C SER A 39 15.23 35.00 8.14
N SER A 40 15.09 33.87 8.80
CA SER A 40 15.43 33.78 10.18
C SER A 40 16.11 32.42 10.52
N TYR A 41 16.98 32.44 11.52
CA TYR A 41 17.78 31.31 11.94
C TYR A 41 16.85 30.24 12.52
N VAL A 42 15.93 30.71 13.33
CA VAL A 42 14.83 29.85 13.82
C VAL A 42 13.59 30.00 12.93
N THR A 43 13.20 28.84 12.39
CA THR A 43 12.11 28.71 11.46
C THR A 43 10.77 28.82 12.17
N PRO A 44 9.93 29.79 11.76
CA PRO A 44 8.61 29.91 12.40
C PRO A 44 7.77 28.70 12.03
N VAL A 45 7.01 28.21 13.01
CA VAL A 45 6.15 27.04 12.85
C VAL A 45 5.25 27.12 11.60
N ASP A 46 4.68 28.27 11.36
CA ASP A 46 3.84 28.52 10.17
C ASP A 46 4.51 28.08 8.88
N LEU A 47 5.84 28.33 8.80
CA LEU A 47 6.66 28.11 7.59
C LEU A 47 7.57 26.85 7.63
N PHE A 48 7.47 26.11 8.75
CA PHE A 48 8.26 24.90 8.94
C PHE A 48 7.62 23.82 8.09
N TYR A 49 8.46 23.11 7.34
CA TYR A 49 7.97 22.16 6.35
C TYR A 49 7.21 21.03 7.04
N LYS A 50 6.34 20.51 6.25
CA LYS A 50 5.36 19.53 6.71
C LYS A 50 5.50 18.26 5.88
N ARG A 51 5.73 17.17 6.54
CA ARG A 51 5.86 15.91 5.83
C ARG A 51 5.15 14.82 6.57
N ASN A 52 4.16 14.28 5.92
CA ASN A 52 3.23 13.28 6.54
C ASN A 52 2.94 12.14 5.58
N HIS A 53 2.85 10.97 6.15
CA HIS A 53 2.57 9.76 5.42
C HIS A 53 1.10 9.38 5.51
N GLY A 54 0.39 10.07 6.36
CA GLY A 54 -1.02 9.80 6.63
C GLY A 54 -1.79 11.00 7.14
N PRO A 55 -3.05 10.79 7.45
CA PRO A 55 -3.87 11.80 8.15
C PRO A 55 -3.33 12.14 9.52
N ILE A 56 -3.50 13.40 9.85
CA ILE A 56 -2.99 13.97 11.10
C ILE A 56 -3.84 13.59 12.26
N PRO A 57 -3.27 13.01 13.28
CA PRO A 57 -4.03 12.64 14.46
C PRO A 57 -4.70 13.85 15.18
N ILE A 58 -5.84 13.49 15.72
CA ILE A 58 -6.71 14.40 16.42
C ILE A 58 -6.87 13.96 17.84
N VAL A 59 -6.67 14.87 18.75
CA VAL A 59 -6.86 14.61 20.19
C VAL A 59 -8.25 15.07 20.67
N ASP A 60 -9.06 14.13 21.18
CA ASP A 60 -10.42 14.41 21.75
C ASP A 60 -10.37 14.85 23.25
N HIS A 61 -9.45 14.27 24.00
CA HIS A 61 -9.26 14.41 25.49
C HIS A 61 -7.77 14.35 25.97
N LEU A 62 -7.16 15.51 26.11
CA LEU A 62 -5.71 15.61 26.38
C LEU A 62 -5.18 14.87 27.67
N GLN A 63 -5.88 15.00 28.79
CA GLN A 63 -5.54 14.19 29.97
C GLN A 63 -6.15 12.85 29.60
N SER A 64 -5.55 11.74 29.96
CA SER A 64 -5.98 10.44 29.35
C SER A 64 -5.17 10.05 28.05
N TYR A 65 -4.56 11.03 27.39
CA TYR A 65 -3.48 10.73 26.44
C TYR A 65 -2.31 10.16 27.21
N SER A 66 -1.70 9.14 26.63
CA SER A 66 -0.47 8.65 27.18
C SER A 66 0.51 7.98 26.12
N VAL A 67 1.79 7.99 26.45
CA VAL A 67 2.80 7.15 25.81
C VAL A 67 3.04 5.92 26.66
N THR A 68 2.99 4.76 26.05
CA THR A 68 3.24 3.49 26.72
C THR A 68 4.67 3.03 26.57
N LEU A 69 5.35 2.82 27.69
CA LEU A 69 6.64 2.17 27.68
C LEU A 69 6.58 0.64 27.87
N THR A 70 6.82 -0.09 26.80
CA THR A 70 6.77 -1.54 26.78
C THR A 70 8.02 -2.15 26.32
N GLY A 71 7.89 -3.45 26.04
CA GLY A 71 8.93 -4.35 25.53
C GLY A 71 9.91 -4.84 26.57
N LEU A 72 11.14 -5.14 26.15
CA LEU A 72 12.23 -5.63 27.02
C LEU A 72 12.61 -4.72 28.19
N ILE A 73 11.62 -4.54 29.05
CA ILE A 73 11.66 -3.64 30.19
C ILE A 73 11.06 -4.29 31.46
N GLN A 74 11.66 -4.03 32.63
CA GLN A 74 11.19 -4.66 33.91
C GLN A 74 9.67 -4.41 34.14
N ASN A 75 9.30 -3.13 34.23
CA ASN A 75 7.90 -2.76 34.57
C ASN A 75 7.27 -1.85 33.54
N PRO A 76 6.62 -2.47 32.57
CA PRO A 76 5.85 -1.75 31.53
C PRO A 76 4.90 -0.72 32.12
N ARG A 77 5.42 0.46 32.24
CA ARG A 77 4.69 1.62 32.77
C ARG A 77 3.88 2.26 31.66
N LYS A 78 3.13 3.30 31.98
CA LYS A 78 2.35 4.06 31.03
C LYS A 78 2.39 5.53 31.47
N LEU A 79 2.93 6.41 30.61
CA LEU A 79 3.29 7.78 30.94
C LEU A 79 2.41 8.77 30.34
N PHE A 80 1.74 9.56 31.20
CA PHE A 80 0.80 10.64 30.80
C PHE A 80 1.53 11.90 30.50
N ILE A 81 0.88 12.80 29.82
CA ILE A 81 1.56 14.01 29.40
C ILE A 81 2.07 14.87 30.58
N LYS A 82 1.30 14.85 31.68
CA LYS A 82 1.65 15.41 33.00
C LYS A 82 3.04 14.89 33.56
N ASP A 83 3.18 13.58 33.46
CA ASP A 83 4.39 12.85 33.84
C ASP A 83 5.63 13.28 32.98
N ILE A 84 5.41 13.46 31.70
CA ILE A 84 6.51 13.84 30.81
C ILE A 84 6.98 15.26 31.11
N ARG A 85 6.01 16.16 31.33
CA ARG A 85 6.29 17.58 31.67
C ARG A 85 6.89 17.77 33.06
N SER A 86 6.79 16.76 33.91
CA SER A 86 7.42 16.82 35.28
C SER A 86 8.89 16.41 35.28
N LEU A 87 9.34 15.76 34.21
CA LEU A 87 10.76 15.40 34.05
C LEU A 87 11.56 16.62 33.79
N PRO A 88 12.86 16.62 33.99
CA PRO A 88 13.63 17.82 33.71
C PRO A 88 13.53 18.23 32.23
N LYS A 89 13.08 19.49 32.08
CA LYS A 89 12.92 20.10 30.80
C LYS A 89 14.22 20.59 30.19
N TYR A 90 14.40 20.23 28.92
CA TYR A 90 15.50 20.72 28.05
C TYR A 90 14.98 21.38 26.80
N ASN A 91 15.74 22.39 26.37
CA ASN A 91 15.50 23.12 25.12
C ASN A 91 16.68 22.86 24.14
N VAL A 92 16.41 22.13 23.04
CA VAL A 92 17.44 21.77 22.08
C VAL A 92 17.14 22.44 20.77
N THR A 93 18.11 23.10 20.25
CA THR A 93 17.97 23.72 18.95
C THR A 93 18.43 22.68 17.94
N ALA A 94 17.56 22.35 16.99
CA ALA A 94 17.85 21.23 16.11
C ALA A 94 17.10 21.34 14.75
N THR A 95 17.87 21.16 13.70
CA THR A 95 17.33 21.15 12.36
C THR A 95 16.83 19.72 11.96
N LEU A 96 15.61 19.72 11.49
CA LEU A 96 15.07 18.57 10.84
C LEU A 96 15.18 18.78 9.33
N GLN A 97 15.90 17.90 8.67
CA GLN A 97 16.00 17.89 7.22
C GLN A 97 15.43 16.55 6.74
N CYS A 98 14.48 16.65 5.82
CA CYS A 98 13.86 15.51 5.26
C CYS A 98 14.85 14.86 4.23
N ALA A 99 14.94 13.54 4.28
CA ALA A 99 15.87 12.81 3.43
C ALA A 99 15.48 13.08 1.96
N GLY A 100 14.19 13.45 1.77
CA GLY A 100 13.67 13.83 0.46
C GLY A 100 14.09 15.20 -0.07
N ASN A 101 14.58 16.06 0.81
CA ASN A 101 15.04 17.39 0.38
C ASN A 101 15.88 17.36 -0.92
N ARG A 102 15.51 18.27 -1.83
CA ARG A 102 16.10 18.43 -3.19
C ARG A 102 15.93 17.28 -4.18
N ARG A 103 14.91 16.51 -3.96
CA ARG A 103 14.66 15.31 -4.79
C ARG A 103 14.28 15.69 -6.20
N THR A 104 13.53 16.78 -6.35
CA THR A 104 12.99 17.09 -7.66
C THR A 104 14.11 17.24 -8.71
N ALA A 105 15.17 17.89 -8.28
CA ALA A 105 16.32 18.14 -9.17
C ALA A 105 17.08 16.86 -9.51
N MET A 106 17.01 15.86 -8.66
CA MET A 106 17.57 14.53 -9.01
C MET A 106 16.68 13.81 -10.06
N SER A 107 15.39 14.10 -9.99
CA SER A 107 14.35 13.45 -10.79
C SER A 107 14.42 13.93 -12.25
N LYS A 108 14.55 15.23 -12.39
CA LYS A 108 14.81 15.92 -13.68
C LYS A 108 15.87 15.24 -14.53
N VAL A 109 16.84 14.66 -13.88
CA VAL A 109 17.88 13.96 -14.60
C VAL A 109 17.52 12.56 -14.94
N ARG A 110 16.92 11.86 -14.01
CA ARG A 110 16.44 10.48 -14.26
C ARG A 110 15.33 10.31 -13.24
N ASN A 111 14.16 9.92 -13.73
CA ASN A 111 12.96 10.02 -12.99
C ASN A 111 12.95 9.20 -11.75
N VAL A 112 12.49 9.84 -10.68
CA VAL A 112 12.19 9.13 -9.43
C VAL A 112 10.73 9.22 -8.99
N ARG A 113 10.26 8.07 -8.59
CA ARG A 113 8.99 8.00 -7.90
C ARG A 113 9.08 8.56 -6.53
N GLY A 114 8.14 9.48 -6.29
CA GLY A 114 7.91 10.03 -4.98
C GLY A 114 7.51 11.47 -5.07
N VAL A 115 7.16 11.99 -3.91
CA VAL A 115 6.76 13.34 -3.77
C VAL A 115 7.97 14.17 -4.15
N GLY A 116 7.68 15.22 -4.92
CA GLY A 116 8.64 16.22 -5.34
C GLY A 116 8.93 17.24 -4.25
N TRP A 117 10.21 17.59 -4.14
CA TRP A 117 10.68 18.61 -3.19
C TRP A 117 11.73 19.47 -3.88
N ASP A 118 11.64 20.71 -3.60
CA ASP A 118 12.62 21.64 -4.02
C ASP A 118 13.72 21.65 -2.87
N VAL A 119 14.04 22.81 -2.40
CA VAL A 119 15.29 23.06 -1.68
C VAL A 119 14.96 23.35 -0.17
N SER A 120 13.67 23.37 0.14
CA SER A 120 13.13 23.75 1.46
C SER A 120 12.43 22.67 2.29
N ALA A 121 12.75 21.41 2.06
CA ALA A 121 12.30 20.32 2.93
C ALA A 121 13.20 20.22 4.14
N ILE A 122 13.22 21.33 4.88
CA ILE A 122 14.18 21.55 5.97
C ILE A 122 13.79 22.72 6.79
N GLY A 123 14.03 22.56 8.10
CA GLY A 123 13.63 23.54 9.06
C GLY A 123 14.42 23.46 10.33
N ASN A 124 14.57 24.61 10.97
CA ASN A 124 15.31 24.72 12.24
C ASN A 124 14.42 25.24 13.35
N ALA A 125 14.40 24.53 14.44
CA ALA A 125 13.57 24.93 15.53
C ALA A 125 14.19 24.65 16.93
N VAL A 126 13.56 25.29 17.93
CA VAL A 126 13.88 25.06 19.32
C VAL A 126 12.88 24.10 19.86
N TRP A 127 13.36 22.94 20.26
CA TRP A 127 12.48 21.87 20.67
C TRP A 127 12.49 21.86 22.19
N GLY A 128 11.32 21.87 22.80
CA GLY A 128 11.21 21.72 24.21
C GLY A 128 10.63 20.41 24.67
N GLY A 129 11.35 19.68 25.52
CA GLY A 129 10.78 18.55 26.17
C GLY A 129 11.69 17.82 27.14
N ALA A 130 11.39 16.55 27.31
CA ALA A 130 12.10 15.69 28.20
C ALA A 130 13.15 14.90 27.45
N LYS A 131 14.32 14.72 28.04
CA LYS A 131 15.28 13.78 27.47
C LYS A 131 14.82 12.34 27.59
N LEU A 132 14.96 11.63 26.46
CA LEU A 132 14.63 10.20 26.37
C LEU A 132 15.51 9.36 27.30
N ALA A 133 16.76 9.77 27.47
CA ALA A 133 17.60 9.01 28.42
C ALA A 133 17.03 9.03 29.86
N ASP A 134 16.49 10.19 30.26
CA ASP A 134 15.82 10.39 31.58
C ASP A 134 14.62 9.46 31.69
N VAL A 135 13.80 9.43 30.65
CA VAL A 135 12.60 8.54 30.58
C VAL A 135 12.96 7.09 30.67
N LEU A 136 14.08 6.72 30.14
CA LEU A 136 14.49 5.29 30.17
C LEU A 136 15.13 4.84 31.48
N GLU A 137 15.87 5.75 32.08
CA GLU A 137 16.34 5.67 33.50
C GLU A 137 15.11 5.36 34.39
N LEU A 138 14.06 6.15 34.21
CA LEU A 138 12.81 5.93 34.91
C LEU A 138 12.28 4.49 34.86
N VAL A 139 12.65 3.74 33.86
CA VAL A 139 12.09 2.39 33.66
C VAL A 139 13.15 1.29 33.84
N GLY A 140 14.26 1.68 34.43
CA GLY A 140 15.26 0.74 34.91
C GLY A 140 16.43 0.58 33.98
N ILE A 141 16.54 1.43 32.95
CA ILE A 141 17.66 1.37 31.98
C ILE A 141 18.59 2.57 32.19
N PRO A 142 19.76 2.32 32.77
CA PRO A 142 20.62 3.46 33.13
C PRO A 142 21.22 4.16 31.90
N LYS A 143 21.66 5.37 32.14
CA LYS A 143 22.31 6.13 31.13
C LYS A 143 23.59 5.43 30.63
N LEU A 144 23.97 5.66 29.37
CA LEU A 144 25.15 5.09 28.71
C LEU A 144 25.24 3.64 28.54
N THR A 145 24.09 3.01 28.52
CA THR A 145 23.90 1.58 28.19
C THR A 145 23.76 1.25 26.70
N ALA A 146 24.46 0.23 26.23
CA ALA A 146 24.42 -0.27 24.82
C ALA A 146 23.48 -1.46 24.72
N SER A 147 23.53 -2.28 25.73
CA SER A 147 22.62 -3.41 25.82
C SER A 147 22.36 -3.80 27.25
N THR A 148 21.25 -4.48 27.50
CA THR A 148 20.87 -4.91 28.85
C THR A 148 20.82 -6.39 28.94
N ASN A 149 20.84 -6.87 30.21
CA ASN A 149 20.70 -8.30 30.59
C ASN A 149 19.41 -8.93 29.98
N LEU A 150 18.33 -8.16 29.86
CA LEU A 150 17.08 -8.61 29.20
C LEU A 150 17.13 -8.74 27.68
N GLY A 151 18.26 -8.42 27.08
CA GLY A 151 18.42 -8.51 25.63
C GLY A 151 18.13 -7.25 24.78
N ALA A 152 17.91 -6.13 25.46
CA ALA A 152 17.56 -4.85 24.81
C ALA A 152 18.74 -4.21 24.13
N ARG A 153 18.52 -3.79 22.89
CA ARG A 153 19.57 -3.18 21.98
C ARG A 153 19.07 -1.97 21.19
N HIS A 154 17.77 -1.87 21.06
CA HIS A 154 17.06 -0.83 20.26
C HIS A 154 15.82 -0.27 20.92
N VAL A 155 15.46 0.92 20.52
CA VAL A 155 14.27 1.58 20.98
C VAL A 155 13.41 2.04 19.82
N GLU A 156 12.17 1.51 19.79
CA GLU A 156 11.22 1.71 18.67
C GLU A 156 10.16 2.72 19.05
N PHE A 157 9.91 3.70 18.19
CA PHE A 157 8.93 4.70 18.46
C PHE A 157 7.78 4.45 17.55
N VAL A 158 6.61 4.28 18.08
CA VAL A 158 5.46 3.89 17.31
C VAL A 158 4.43 4.97 17.39
N SER A 159 3.82 5.32 16.28
CA SER A 159 2.85 6.41 16.25
C SER A 159 1.44 5.88 16.44
N VAL A 160 0.54 6.82 16.45
CA VAL A 160 -0.86 6.51 16.48
C VAL A 160 -1.55 6.77 15.13
N ASP A 161 -0.79 7.23 14.18
CA ASP A 161 -1.36 7.54 12.86
C ASP A 161 -1.56 6.28 12.02
N ARG A 162 -2.08 6.50 10.83
CA ARG A 162 -2.47 5.46 9.92
C ARG A 162 -1.92 5.69 8.50
N CYS A 163 -1.08 4.80 8.04
CA CYS A 163 -0.43 4.90 6.74
C CYS A 163 -0.78 3.82 5.75
N LYS A 164 -1.13 4.19 4.51
CA LYS A 164 -1.39 3.21 3.43
C LYS A 164 -0.31 2.12 3.27
N GLU A 165 0.94 2.51 3.41
CA GLU A 165 2.09 1.62 3.28
C GLU A 165 2.14 0.51 4.31
N GLU A 166 1.62 0.80 5.50
CA GLU A 166 1.45 -0.23 6.55
C GLU A 166 0.00 -0.82 6.63
N ASN A 167 -0.74 -0.62 5.57
CA ASN A 167 -2.10 -1.10 5.42
C ASN A 167 -3.06 -0.60 6.51
N GLY A 168 -2.93 0.65 6.82
CA GLY A 168 -3.65 1.29 7.88
C GLY A 168 -2.95 1.35 9.25
N GLY A 169 -1.81 0.67 9.38
CA GLY A 169 -1.03 0.68 10.59
C GLY A 169 -0.17 1.96 10.78
N PRO A 170 0.45 2.09 11.92
CA PRO A 170 1.25 3.26 12.23
C PRO A 170 2.71 3.37 11.71
N TYR A 171 3.09 4.63 11.54
CA TYR A 171 4.43 5.06 11.26
C TYR A 171 5.29 4.64 12.46
N LYS A 172 6.47 4.10 12.18
CA LYS A 172 7.40 3.66 13.17
C LYS A 172 8.81 4.00 12.80
N ALA A 173 9.69 4.16 13.78
CA ALA A 173 11.13 4.18 13.58
C ALA A 173 11.86 3.67 14.75
N SER A 174 13.15 3.41 14.59
CA SER A 174 13.94 3.04 15.73
C SER A 174 15.36 3.57 15.69
N ILE A 175 15.92 3.62 16.91
CA ILE A 175 17.34 4.01 17.16
C ILE A 175 17.96 3.02 18.12
N THR A 176 19.29 3.01 18.15
CA THR A 176 19.99 2.14 19.08
C THR A 176 19.75 2.58 20.53
N LEU A 177 19.80 1.61 21.41
CA LEU A 177 19.81 1.85 22.84
C LEU A 177 20.94 2.83 23.23
N SER A 178 22.13 2.64 22.69
CA SER A 178 23.23 3.59 22.81
C SER A 178 22.86 5.03 22.58
N GLN A 179 22.34 5.30 21.41
CA GLN A 179 21.92 6.67 21.10
C GLN A 179 20.81 7.19 22.07
N ALA A 180 19.92 6.28 22.44
CA ALA A 180 18.69 6.59 23.20
C ALA A 180 19.00 7.02 24.65
N THR A 181 20.13 6.57 25.09
CA THR A 181 20.42 6.40 26.47
C THR A 181 21.58 7.30 26.82
N ASN A 182 22.16 7.91 25.78
CA ASN A 182 23.25 8.89 25.87
C ASN A 182 22.76 10.32 25.84
N PRO A 183 22.78 10.99 26.96
CA PRO A 183 22.12 12.32 27.06
C PRO A 183 22.77 13.40 26.20
N GLU A 184 24.02 13.15 25.84
CA GLU A 184 24.75 14.03 24.93
C GLU A 184 24.24 13.97 23.47
N ALA A 185 23.59 12.88 23.08
CA ALA A 185 22.89 12.77 21.78
C ALA A 185 21.50 13.52 21.69
N ASP A 186 21.00 14.00 22.84
CA ASP A 186 19.88 14.96 22.93
C ASP A 186 18.56 14.44 22.33
N VAL A 187 18.36 13.16 22.34
CA VAL A 187 17.13 12.65 21.87
C VAL A 187 16.10 13.11 22.85
N LEU A 188 15.06 13.69 22.29
CA LEU A 188 14.06 14.40 23.07
C LEU A 188 12.67 13.89 22.82
N LEU A 189 11.90 13.77 23.90
CA LEU A 189 10.45 13.61 23.78
C LEU A 189 9.90 15.02 23.86
N ALA A 190 9.63 15.64 22.76
CA ALA A 190 9.25 17.05 22.70
C ALA A 190 7.75 17.32 22.66
N TYR A 191 7.35 18.16 23.61
CA TYR A 191 5.95 18.62 23.74
C TYR A 191 5.81 20.13 23.38
N GLU A 192 6.95 20.76 23.09
CA GLU A 192 7.05 22.19 22.71
C GLU A 192 7.94 22.41 21.50
N MET A 193 7.54 23.36 20.69
CA MET A 193 8.25 23.78 19.49
C MET A 193 8.20 25.35 19.36
N ASN A 194 9.38 25.95 19.30
CA ASN A 194 9.59 27.39 19.28
C ASN A 194 8.84 28.16 20.40
N GLY A 195 8.95 27.60 21.61
CA GLY A 195 8.38 28.17 22.81
C GLY A 195 6.90 27.99 23.03
N GLU A 196 6.12 27.61 22.00
CA GLU A 196 4.71 27.28 22.11
C GLU A 196 4.50 25.77 22.18
N THR A 197 3.32 25.42 22.65
CA THR A 197 2.83 24.06 22.61
C THR A 197 2.89 23.51 21.16
N LEU A 198 3.33 22.28 21.09
CA LEU A 198 3.44 21.59 19.83
C LEU A 198 2.06 21.59 19.08
N ASN A 199 2.09 21.97 17.82
CA ASN A 199 0.96 21.94 16.87
C ASN A 199 0.52 20.52 16.52
N ARG A 200 -0.58 20.40 15.82
CA ARG A 200 -1.00 19.12 15.32
C ARG A 200 -0.12 18.54 14.22
N ASP A 201 0.08 19.35 13.19
CA ASP A 201 1.04 19.06 12.07
C ASP A 201 2.42 18.50 12.54
N HIS A 202 2.89 18.98 13.66
CA HIS A 202 4.23 18.66 14.13
C HIS A 202 4.30 17.69 15.27
N GLY A 203 3.18 17.11 15.55
CA GLY A 203 3.13 16.01 16.41
C GLY A 203 2.46 16.08 17.75
N PHE A 204 1.60 17.07 17.95
CA PHE A 204 0.91 17.29 19.24
C PHE A 204 0.15 16.08 19.71
N PRO A 205 0.32 15.67 20.93
CA PRO A 205 1.01 16.33 22.05
C PRO A 205 2.46 16.01 22.30
N LEU A 206 2.93 15.00 21.60
CA LEU A 206 4.31 14.48 21.84
C LEU A 206 4.88 13.80 20.59
N ARG A 207 6.10 14.24 20.26
CA ARG A 207 6.95 13.62 19.22
C ARG A 207 8.33 13.31 19.75
N VAL A 208 9.03 12.33 19.15
CA VAL A 208 10.46 12.23 19.30
C VAL A 208 11.17 13.18 18.33
N VAL A 209 12.24 13.76 18.80
CA VAL A 209 13.15 14.46 17.96
C VAL A 209 14.52 13.87 18.12
N VAL A 210 15.05 13.39 17.00
CA VAL A 210 16.36 12.77 16.95
C VAL A 210 17.36 13.64 16.20
N PRO A 211 18.10 14.48 16.93
CA PRO A 211 19.04 15.42 16.31
C PRO A 211 20.21 14.74 15.55
N GLY A 212 20.58 15.42 14.46
CA GLY A 212 21.64 14.95 13.57
C GLY A 212 21.26 13.69 12.78
N VAL A 213 19.98 13.37 12.76
CA VAL A 213 19.48 12.22 12.06
C VAL A 213 18.35 12.68 11.08
N ILE A 214 18.17 11.94 9.97
CA ILE A 214 17.22 12.42 8.98
C ILE A 214 15.85 12.58 9.60
N GLY A 215 15.10 13.53 9.05
CA GLY A 215 13.74 13.82 9.49
C GLY A 215 12.87 12.62 9.81
N ALA A 216 12.92 11.65 8.94
CA ALA A 216 12.08 10.46 9.01
C ALA A 216 12.14 9.71 10.34
N ARG A 217 13.17 9.84 11.13
CA ARG A 217 13.22 9.12 12.39
C ARG A 217 12.57 9.84 13.57
N SER A 218 12.31 11.13 13.42
CA SER A 218 11.66 11.96 14.47
C SER A 218 10.13 11.73 14.47
N VAL A 219 9.73 10.60 15.01
CA VAL A 219 8.35 10.11 14.88
C VAL A 219 7.38 11.00 15.61
N LYS A 220 6.34 11.38 14.91
CA LYS A 220 5.29 12.23 15.49
C LYS A 220 4.10 11.45 16.14
N TRP A 221 3.45 12.12 17.09
CA TRP A 221 2.18 11.65 17.78
C TRP A 221 2.41 10.28 18.44
N LEU A 222 3.31 10.25 19.39
CA LEU A 222 3.72 8.94 19.97
C LEU A 222 2.61 8.18 20.60
N ASP A 223 2.55 6.92 20.24
CA ASP A 223 1.69 5.99 20.95
C ASP A 223 2.50 5.12 21.90
N SER A 224 3.67 4.65 21.48
CA SER A 224 4.45 3.78 22.36
C SER A 224 5.90 3.90 22.12
N ILE A 225 6.66 3.64 23.17
CA ILE A 225 8.07 3.57 23.11
C ILE A 225 8.39 2.14 23.50
N ASN A 226 8.87 1.41 22.53
CA ASN A 226 8.93 -0.03 22.55
C ASN A 226 10.41 -0.50 22.57
N VAL A 227 10.91 -0.88 23.73
CA VAL A 227 12.29 -1.33 23.88
C VAL A 227 12.45 -2.79 23.42
N ILE A 228 13.33 -3.05 22.44
CA ILE A 228 13.36 -4.35 21.70
C ILE A 228 14.78 -4.84 21.39
N ALA A 229 14.88 -6.09 20.98
CA ALA A 229 16.18 -6.79 20.84
C ALA A 229 16.97 -6.48 19.54
N GLU A 230 16.19 -6.26 18.52
CA GLU A 230 16.62 -5.99 17.15
C GLU A 230 16.00 -4.72 16.59
N GLU A 231 16.57 -4.24 15.53
CA GLU A 231 16.08 -3.01 14.97
C GLU A 231 14.59 -3.13 14.51
N SER A 232 13.90 -2.01 14.48
CA SER A 232 12.52 -2.03 14.06
C SER A 232 12.35 -2.57 12.63
N GLN A 233 11.36 -3.42 12.46
CA GLN A 233 11.02 -4.07 11.18
C GLN A 233 9.91 -3.32 10.47
N GLY A 234 9.70 -2.11 10.90
CA GLY A 234 8.78 -1.25 10.27
C GLY A 234 9.06 -1.00 8.79
N PHE A 235 7.98 -0.73 8.05
CA PHE A 235 8.10 -0.54 6.61
C PHE A 235 9.11 0.59 6.31
N PHE A 236 9.02 1.68 7.09
CA PHE A 236 9.84 2.84 6.82
C PHE A 236 11.28 2.79 7.31
N MET A 237 11.60 1.77 8.08
CA MET A 237 12.99 1.44 8.39
C MET A 237 13.68 0.44 7.38
N GLN A 238 12.87 -0.46 6.85
CA GLN A 238 13.34 -1.62 6.10
C GLN A 238 13.12 -1.48 4.55
N LYS A 239 12.09 -0.79 4.15
CA LYS A 239 11.67 -0.69 2.75
C LYS A 239 11.53 0.74 2.32
N ASP A 240 12.31 1.58 2.97
CA ASP A 240 12.41 3.00 2.62
C ASP A 240 13.63 3.64 3.26
N TYR A 241 13.90 4.87 2.90
CA TYR A 241 14.87 5.69 3.59
C TYR A 241 16.21 5.00 3.71
N LYS A 242 16.59 4.50 2.56
CA LYS A 242 17.86 3.86 2.34
C LYS A 242 18.54 4.48 1.11
N MET A 243 19.87 4.48 1.11
CA MET A 243 20.66 5.16 0.02
C MET A 243 21.29 4.14 -0.89
N PHE A 244 20.63 3.91 -1.99
CA PHE A 244 21.14 2.94 -2.96
C PHE A 244 22.10 3.57 -3.99
N PRO A 245 23.05 2.80 -4.54
CA PRO A 245 23.84 3.29 -5.66
C PRO A 245 23.01 3.48 -6.93
N PRO A 246 23.49 4.31 -7.81
CA PRO A 246 22.85 4.56 -9.11
C PRO A 246 22.56 3.37 -10.02
N SER A 247 23.27 2.29 -9.90
CA SER A 247 22.94 1.10 -10.67
C SER A 247 21.60 0.41 -10.31
N VAL A 248 21.09 0.69 -9.14
CA VAL A 248 19.91 0.01 -8.57
C VAL A 248 18.62 0.65 -9.15
N ASN A 249 17.74 -0.19 -9.64
CA ASN A 249 16.43 0.21 -10.19
C ASN A 249 15.30 -0.73 -9.70
N TRP A 250 14.08 -0.52 -10.18
CA TRP A 250 12.94 -1.35 -9.69
C TRP A 250 12.98 -2.81 -10.06
N ASP A 251 13.78 -3.18 -11.01
CA ASP A 251 14.00 -4.60 -11.38
C ASP A 251 15.05 -5.37 -10.64
N ASN A 252 16.01 -4.69 -10.00
CA ASN A 252 17.11 -5.39 -9.29
C ASN A 252 17.21 -5.09 -7.77
N ILE A 253 16.40 -4.13 -7.31
CA ILE A 253 16.43 -3.72 -5.90
C ILE A 253 16.25 -4.83 -4.94
N ASN A 254 17.19 -4.93 -4.07
CA ASN A 254 17.13 -5.72 -2.89
C ASN A 254 17.29 -4.84 -1.61
N TRP A 255 16.19 -4.65 -0.92
CA TRP A 255 16.08 -3.77 0.30
C TRP A 255 17.00 -4.15 1.45
N SER A 256 17.38 -5.38 1.51
CA SER A 256 18.26 -5.75 2.60
C SER A 256 19.73 -5.53 2.23
N SER A 257 20.02 -5.06 1.05
CA SER A 257 21.39 -4.86 0.65
C SER A 257 21.99 -3.55 1.24
N ARG A 258 21.14 -2.69 1.75
CA ARG A 258 21.55 -1.44 2.33
C ARG A 258 21.03 -1.37 3.78
N ARG A 259 21.83 -0.71 4.61
CA ARG A 259 21.44 -0.30 5.94
C ARG A 259 20.52 0.95 6.01
N PRO A 260 19.63 1.01 7.00
CA PRO A 260 18.77 2.19 7.15
C PRO A 260 19.61 3.44 7.37
N GLN A 261 19.26 4.48 6.66
CA GLN A 261 19.93 5.79 6.76
C GLN A 261 19.50 6.54 8.01
N MET A 262 20.51 7.01 8.72
CA MET A 262 20.30 7.70 10.00
C MET A 262 20.96 9.11 9.95
N ASP A 263 22.29 9.10 10.05
CA ASP A 263 23.10 10.26 9.76
C ASP A 263 22.95 10.68 8.32
N PHE A 264 23.30 11.91 8.02
CA PHE A 264 23.14 12.43 6.67
C PHE A 264 24.30 13.31 6.29
N PRO A 265 24.57 13.49 5.01
CA PRO A 265 25.78 14.19 4.65
C PRO A 265 25.63 15.68 4.36
N VAL A 266 26.79 16.30 4.20
CA VAL A 266 26.89 17.77 4.09
C VAL A 266 26.13 18.22 2.86
N GLN A 267 25.30 19.21 3.13
CA GLN A 267 24.23 19.75 2.26
C GLN A 267 24.27 21.27 2.23
N SER A 268 24.04 21.89 1.08
CA SER A 268 23.77 23.32 1.01
C SER A 268 22.90 23.74 -0.13
N ALA A 269 22.20 24.84 0.06
CA ALA A 269 21.45 25.42 -1.04
C ALA A 269 21.27 26.89 -0.93
N ILE A 270 21.27 27.49 -2.12
CA ILE A 270 21.03 28.89 -2.34
C ILE A 270 19.53 29.11 -2.37
N CYS A 271 19.08 30.03 -1.48
CA CYS A 271 17.66 30.32 -1.25
C CYS A 271 17.17 31.75 -1.57
N SER A 272 18.08 32.70 -1.68
CA SER A 272 17.69 34.15 -1.86
C SER A 272 17.34 34.45 -3.32
N VAL A 273 17.63 33.49 -4.17
CA VAL A 273 17.26 33.56 -5.56
C VAL A 273 16.81 32.19 -6.13
N GLU A 274 16.11 32.27 -7.27
CA GLU A 274 15.45 31.15 -7.89
C GLU A 274 16.47 30.49 -8.73
N ASP A 275 16.17 29.28 -9.19
CA ASP A 275 17.11 28.51 -9.98
C ASP A 275 17.44 29.19 -11.28
N VAL A 276 16.49 29.97 -11.73
CA VAL A 276 16.65 30.76 -12.95
C VAL A 276 15.99 32.07 -12.65
N GLN A 277 16.77 33.14 -12.50
CA GLN A 277 16.27 34.37 -11.95
C GLN A 277 16.75 35.66 -12.71
N MET A 278 15.79 36.55 -12.99
CA MET A 278 16.03 37.90 -13.55
C MET A 278 16.64 38.82 -12.49
N VAL A 279 17.74 39.50 -12.85
CA VAL A 279 18.24 40.60 -12.02
C VAL A 279 18.72 41.87 -12.77
N LYS A 280 18.55 42.98 -12.05
CA LYS A 280 19.15 44.29 -12.46
C LYS A 280 20.65 44.29 -12.14
N PRO A 281 21.50 44.72 -13.11
CA PRO A 281 22.92 44.94 -12.83
C PRO A 281 23.17 45.61 -11.48
N GLY A 282 24.24 45.11 -10.87
CA GLY A 282 24.70 45.60 -9.58
C GLY A 282 24.92 44.49 -8.57
N LYS A 283 24.68 44.88 -7.33
CA LYS A 283 24.95 44.07 -6.16
C LYS A 283 23.75 43.09 -5.90
N VAL A 284 24.03 41.79 -5.96
CA VAL A 284 23.01 40.79 -5.54
C VAL A 284 23.45 39.89 -4.34
N SER A 285 22.59 39.88 -3.35
CA SER A 285 22.82 39.09 -2.13
C SER A 285 22.52 37.58 -2.33
N ILE A 286 23.56 36.74 -2.27
CA ILE A 286 23.43 35.28 -2.33
C ILE A 286 23.41 34.66 -0.92
N LYS A 287 22.22 34.31 -0.47
CA LYS A 287 21.97 33.81 0.90
C LYS A 287 21.39 32.39 0.86
N GLY A 288 21.80 31.55 1.79
CA GLY A 288 21.26 30.22 1.90
C GLY A 288 21.60 29.46 3.17
N TYR A 289 21.46 28.12 3.12
CA TYR A 289 21.67 27.29 4.29
C TYR A 289 22.64 26.23 3.96
N ALA A 290 23.27 25.73 5.01
CA ALA A 290 24.20 24.60 4.95
C ALA A 290 24.04 23.82 6.26
N VAL A 291 24.10 22.47 6.14
CA VAL A 291 23.97 21.57 7.27
C VAL A 291 24.68 20.30 6.98
N SER A 292 24.99 19.65 8.06
CA SER A 292 25.42 18.32 8.09
C SER A 292 24.82 17.53 9.24
N GLY A 293 24.76 16.22 9.13
CA GLY A 293 24.23 15.40 10.19
C GLY A 293 25.29 15.11 11.26
N GLY A 294 24.86 14.40 12.25
CA GLY A 294 25.76 13.74 13.18
C GLY A 294 26.43 14.68 14.13
N GLY A 295 25.89 15.84 14.22
CA GLY A 295 26.45 16.84 15.10
C GLY A 295 27.69 17.58 14.61
N ARG A 296 27.99 17.38 13.35
CA ARG A 296 29.06 18.07 12.72
C ARG A 296 28.59 19.46 12.25
N GLY A 297 29.44 20.46 12.43
CA GLY A 297 29.23 21.85 12.04
C GLY A 297 29.64 22.12 10.60
N ILE A 298 29.48 23.32 10.18
CA ILE A 298 29.94 23.75 8.85
C ILE A 298 31.23 24.66 8.92
N GLU A 299 32.34 24.09 8.48
CA GLU A 299 33.63 24.77 8.60
C GLU A 299 33.82 25.88 7.55
N ARG A 300 33.12 25.71 6.43
CA ARG A 300 33.31 26.57 5.24
C ARG A 300 32.12 26.52 4.24
N VAL A 301 31.71 27.67 3.74
CA VAL A 301 30.86 27.72 2.56
C VAL A 301 31.57 28.47 1.41
N ASP A 302 31.66 27.83 0.26
CA ASP A 302 32.36 28.33 -0.90
C ASP A 302 31.37 28.76 -2.02
N ILE A 303 31.62 29.92 -2.62
CA ILE A 303 30.78 30.41 -3.70
C ILE A 303 31.59 30.75 -4.94
N SER A 304 31.11 30.27 -6.09
CA SER A 304 31.78 30.47 -7.37
C SER A 304 30.88 31.11 -8.42
N LEU A 305 31.50 32.03 -9.17
CA LEU A 305 30.84 32.76 -10.26
C LEU A 305 31.34 32.36 -11.60
N ASP A 306 32.23 31.40 -11.69
CA ASP A 306 32.95 31.13 -12.96
C ASP A 306 32.96 29.66 -13.32
N GLY A 307 31.89 28.97 -12.92
CA GLY A 307 31.71 27.55 -13.26
C GLY A 307 32.58 26.65 -12.43
N GLY A 308 32.95 27.14 -11.25
CA GLY A 308 33.72 26.38 -10.27
C GLY A 308 35.22 26.26 -10.49
N LYS A 309 35.75 27.14 -11.33
CA LYS A 309 37.27 27.34 -11.44
C LYS A 309 37.86 27.95 -10.14
N ASN A 310 37.16 28.94 -9.63
CA ASN A 310 37.54 29.76 -8.49
C ASN A 310 36.40 29.98 -7.52
N TRP A 311 36.76 29.95 -6.23
CA TRP A 311 35.79 30.05 -5.14
C TRP A 311 36.14 31.13 -4.22
N VAL A 312 35.17 31.74 -3.67
CA VAL A 312 35.34 32.76 -2.65
C VAL A 312 34.44 32.38 -1.45
N GLU A 313 34.84 32.77 -0.29
CA GLU A 313 34.22 32.17 0.84
C GLU A 313 33.08 33.06 1.33
N ALA A 314 31.94 32.45 1.59
CA ALA A 314 30.80 33.16 2.15
C ALA A 314 30.91 33.21 3.66
N SER A 315 30.12 34.05 4.24
CA SER A 315 30.10 34.14 5.66
C SER A 315 29.12 33.11 6.23
N ARG A 316 29.30 32.80 7.51
CA ARG A 316 28.40 31.90 8.15
C ARG A 316 27.96 32.29 9.52
N THR A 317 26.71 32.03 9.79
CA THR A 317 26.03 32.58 10.98
C THR A 317 25.01 31.60 11.51
N GLN A 318 24.87 31.54 12.83
CA GLN A 318 23.73 30.85 13.48
C GLN A 318 22.81 31.89 14.12
N GLU A 319 22.72 31.92 15.44
CA GLU A 319 22.01 33.03 16.13
C GLU A 319 22.54 34.38 15.67
N PRO A 320 21.70 35.32 15.34
CA PRO A 320 22.24 36.61 14.84
C PRO A 320 22.96 37.40 15.97
N GLY A 321 24.01 38.13 15.59
CA GLY A 321 24.87 38.87 16.54
C GLY A 321 26.11 38.16 17.07
N LYS A 322 25.88 37.06 17.78
CA LYS A 322 26.85 35.95 17.97
C LYS A 322 27.71 35.63 16.72
N GLN A 323 28.98 35.33 16.95
CA GLN A 323 29.87 34.90 15.86
C GLN A 323 29.83 33.36 15.79
N TYR A 324 29.62 32.82 14.58
CA TYR A 324 29.62 31.38 14.41
C TYR A 324 30.99 30.74 14.38
N ILE A 325 31.15 29.76 15.25
CA ILE A 325 32.35 28.96 15.27
C ILE A 325 32.04 27.46 15.25
N SER A 326 32.75 26.76 14.38
CA SER A 326 32.39 25.38 14.08
C SER A 326 32.60 24.32 15.13
N GLU A 327 33.68 24.02 15.68
CA GLU A 327 33.43 22.80 16.56
C GLU A 327 33.67 23.36 17.94
N HIS A 328 32.63 23.88 18.51
CA HIS A 328 32.75 24.88 19.56
C HIS A 328 31.58 24.85 20.50
N SER A 329 31.85 25.10 21.75
CA SER A 329 30.81 25.04 22.80
C SER A 329 29.70 26.10 22.60
N SER A 330 30.02 27.26 22.02
CA SER A 330 28.98 28.27 21.66
C SER A 330 28.02 27.92 20.45
N SER A 331 28.48 27.01 19.59
CA SER A 331 27.73 26.62 18.39
C SER A 331 26.62 25.60 18.72
N ASP A 332 25.59 25.68 17.90
CA ASP A 332 24.41 24.79 17.93
C ASP A 332 24.63 23.63 16.95
N LYS A 333 25.20 22.57 17.44
CA LYS A 333 25.80 21.52 16.60
C LYS A 333 24.71 20.71 15.83
N TRP A 334 23.47 20.74 16.32
CA TRP A 334 22.36 20.05 15.64
C TRP A 334 21.62 20.86 14.66
N ALA A 335 22.12 22.06 14.43
CA ALA A 335 21.40 23.02 13.62
C ALA A 335 22.15 23.44 12.35
N TRP A 336 21.42 23.91 11.36
CA TRP A 336 21.99 24.47 10.23
C TRP A 336 22.76 25.77 10.50
N VAL A 337 23.45 26.16 9.43
CA VAL A 337 24.20 27.33 9.35
C VAL A 337 23.80 28.16 8.14
N LEU A 338 23.48 29.41 8.35
CA LEU A 338 23.09 30.30 7.28
C LEU A 338 24.28 31.10 6.71
N PHE A 339 24.34 31.10 5.41
CA PHE A 339 25.45 31.68 4.69
C PHE A 339 25.00 32.88 3.87
N GLU A 340 25.86 33.88 3.73
CA GLU A 340 25.62 35.03 2.86
C GLU A 340 26.94 35.50 2.18
N ALA A 341 26.81 35.86 0.93
CA ALA A 341 27.86 36.50 0.15
C ALA A 341 27.24 37.54 -0.83
N THR A 342 27.74 38.77 -0.79
CA THR A 342 27.30 39.78 -1.78
C THR A 342 28.21 39.74 -2.99
N ILE A 343 27.58 39.66 -4.16
CA ILE A 343 28.35 39.56 -5.40
C ILE A 343 27.96 40.64 -6.38
N ASP A 344 28.86 40.85 -7.34
CA ASP A 344 28.74 41.91 -8.34
C ASP A 344 28.44 41.30 -9.69
N VAL A 345 27.25 41.63 -10.19
CA VAL A 345 26.79 41.10 -11.48
C VAL A 345 26.60 42.19 -12.53
N SER A 346 27.30 41.95 -13.63
CA SER A 346 27.31 42.89 -14.77
C SER A 346 26.93 42.17 -16.06
N GLN A 347 26.71 40.89 -15.93
CA GLN A 347 26.64 40.00 -17.08
C GLN A 347 25.79 38.74 -16.66
N THR A 348 25.35 37.96 -17.61
CA THR A 348 24.66 36.70 -17.29
C THR A 348 25.64 35.68 -16.64
N THR A 349 25.28 35.26 -15.42
CA THR A 349 26.17 34.53 -14.45
C THR A 349 25.56 33.28 -13.79
N GLU A 350 26.25 32.16 -13.98
CA GLU A 350 26.00 30.99 -13.16
C GLU A 350 26.61 31.07 -11.74
N VAL A 351 25.81 31.09 -10.68
CA VAL A 351 26.39 30.98 -9.35
C VAL A 351 26.24 29.59 -8.70
N ILE A 352 27.33 29.13 -8.10
CA ILE A 352 27.38 27.81 -7.44
C ILE A 352 27.76 27.93 -5.96
N ALA A 353 27.07 27.18 -5.08
CA ALA A 353 27.41 27.10 -3.66
C ALA A 353 27.69 25.66 -3.24
N LYS A 354 28.75 25.47 -2.46
CA LYS A 354 28.99 24.20 -1.79
C LYS A 354 29.61 24.38 -0.43
N ALA A 355 29.41 23.39 0.42
CA ALA A 355 29.80 23.50 1.81
C ALA A 355 30.70 22.39 2.17
N VAL A 356 31.47 22.62 3.22
CA VAL A 356 32.42 21.65 3.72
C VAL A 356 32.25 21.60 5.20
N ASP A 357 32.02 20.45 5.76
CA ASP A 357 31.69 20.35 7.19
C ASP A 357 32.94 20.22 8.07
N SER A 358 32.75 20.15 9.37
CA SER A 358 33.84 20.12 10.38
C SER A 358 34.74 18.92 10.21
N ALA A 359 34.27 17.87 9.57
CA ALA A 359 35.10 16.69 9.34
C ALA A 359 35.74 16.72 7.94
N ALA A 360 35.68 17.90 7.34
CA ALA A 360 36.21 18.11 5.99
C ALA A 360 35.46 17.29 4.87
N ASN A 361 34.27 16.78 5.20
CA ASN A 361 33.43 16.21 4.18
C ASN A 361 33.00 17.18 3.14
N VAL A 362 32.89 16.69 1.91
CA VAL A 362 32.49 17.49 0.75
C VAL A 362 31.20 17.03 0.16
N GLN A 363 30.64 17.89 -0.67
CA GLN A 363 29.47 17.61 -1.46
C GLN A 363 29.83 17.09 -2.85
N PRO A 364 29.08 16.12 -3.38
CA PRO A 364 29.36 15.61 -4.75
C PRO A 364 29.16 16.69 -5.78
N GLU A 365 30.04 16.72 -6.78
CA GLU A 365 29.97 17.72 -7.86
C GLU A 365 28.59 17.58 -8.69
N ASN A 366 28.30 16.36 -9.10
CA ASN A 366 27.14 16.09 -9.96
C ASN A 366 26.16 15.06 -9.40
N VAL A 367 24.86 15.37 -9.53
CA VAL A 367 23.77 14.42 -9.14
C VAL A 367 23.97 12.96 -9.60
N GLU A 368 24.35 12.83 -10.86
CA GLU A 368 24.64 11.53 -11.46
C GLU A 368 25.47 10.60 -10.53
N SER A 369 26.46 11.13 -9.83
CA SER A 369 27.30 10.22 -9.00
C SER A 369 26.57 9.68 -7.75
N VAL A 370 25.53 10.42 -7.32
CA VAL A 370 24.77 10.02 -6.15
C VAL A 370 23.30 9.67 -6.39
N TRP A 371 22.90 9.73 -7.64
CA TRP A 371 21.58 9.33 -8.09
C TRP A 371 21.16 7.97 -7.47
N ASN A 372 19.94 8.01 -6.98
CA ASN A 372 19.39 6.88 -6.26
C ASN A 372 17.86 6.81 -6.44
N LEU A 373 17.45 5.56 -6.48
CA LEU A 373 16.05 5.15 -6.66
C LEU A 373 14.93 5.87 -5.83
N ARG A 374 15.22 6.05 -4.55
CA ARG A 374 14.30 6.74 -3.66
C ARG A 374 14.40 8.27 -3.72
N GLY A 375 15.38 8.73 -4.45
CA GLY A 375 15.50 10.20 -4.63
C GLY A 375 15.81 10.92 -3.32
N VAL A 376 16.64 10.29 -2.53
CA VAL A 376 17.02 10.87 -1.23
C VAL A 376 18.45 11.40 -1.20
N LEU A 377 18.70 12.41 -0.38
CA LEU A 377 20.04 12.95 -0.06
C LEU A 377 20.73 13.49 -1.32
N ASN A 378 19.97 14.14 -2.16
CA ASN A 378 20.57 14.98 -3.20
C ASN A 378 21.44 16.07 -2.62
N THR A 379 22.74 15.85 -2.60
CA THR A 379 23.70 16.87 -2.13
C THR A 379 24.69 17.43 -3.16
N SER A 380 24.43 17.18 -4.42
CA SER A 380 24.91 17.92 -5.57
C SER A 380 25.19 19.33 -5.31
N TRP A 381 26.20 19.90 -5.97
CA TRP A 381 26.36 21.36 -5.88
C TRP A 381 25.16 21.99 -6.46
N HIS A 382 24.58 22.87 -5.67
CA HIS A 382 23.49 23.66 -6.13
C HIS A 382 23.96 24.79 -7.03
N ARG A 383 23.44 24.79 -8.27
CA ARG A 383 23.80 25.78 -9.35
C ARG A 383 22.61 26.63 -9.69
N VAL A 384 22.73 27.94 -9.62
CA VAL A 384 21.68 28.83 -10.06
C VAL A 384 22.14 29.74 -11.21
N LEU A 385 21.16 30.23 -11.95
CA LEU A 385 21.44 31.00 -13.15
C LEU A 385 20.80 32.35 -13.03
N LEU A 386 21.65 33.37 -13.07
CA LEU A 386 21.24 34.77 -12.98
C LEU A 386 21.33 35.36 -14.38
N ARG A 387 20.25 36.04 -14.73
CA ARG A 387 20.02 36.59 -16.08
C ARG A 387 19.72 38.08 -15.98
N LEU A 388 20.16 38.76 -17.03
CA LEU A 388 20.04 40.25 -17.16
C LEU A 388 18.70 40.82 -17.72
N GLY A 389 17.71 40.98 -16.84
CA GLY A 389 16.39 41.61 -17.12
C GLY A 389 16.15 42.87 -16.31
N PRO B 2 61.31 12.91 37.29
CA PRO B 2 61.82 12.59 35.89
C PRO B 2 62.30 11.12 35.65
N GLY B 3 61.42 10.20 35.19
CA GLY B 3 61.90 8.83 34.79
C GLY B 3 62.17 8.59 33.29
N ILE B 4 62.16 9.69 32.56
CA ILE B 4 62.07 9.68 31.08
C ILE B 4 62.64 10.99 30.58
N ARG B 5 63.34 10.95 29.47
CA ARG B 5 63.68 12.21 28.86
C ARG B 5 63.43 12.24 27.35
N GLY B 6 63.33 13.44 26.86
CA GLY B 6 63.21 13.70 25.47
C GLY B 6 64.49 14.18 24.90
N PRO B 7 65.16 13.42 24.10
CA PRO B 7 66.38 13.91 23.54
C PRO B 7 66.23 15.10 22.64
N SER B 8 67.34 15.76 22.45
CA SER B 8 67.42 16.90 21.53
C SER B 8 68.21 16.55 20.31
N GLU B 9 68.58 15.28 20.19
CA GLU B 9 69.34 14.77 19.03
C GLU B 9 69.06 13.24 18.89
N TYR B 10 69.51 12.68 17.75
CA TYR B 10 68.98 11.41 17.21
C TYR B 10 69.95 10.15 17.33
N SER B 11 70.77 10.18 18.36
CA SER B 11 71.79 9.14 18.50
C SER B 11 71.26 7.87 19.14
N GLN B 12 70.11 7.92 19.79
CA GLN B 12 69.57 6.78 20.54
C GLN B 12 68.14 6.35 20.02
N GLU B 13 67.95 6.53 18.72
CA GLU B 13 66.69 6.19 18.06
C GLU B 13 66.54 4.67 18.04
N PRO B 14 65.35 4.15 18.25
CA PRO B 14 65.11 2.71 18.24
C PRO B 14 65.19 2.15 16.84
N PRO B 15 65.33 0.85 16.78
CA PRO B 15 65.39 0.18 15.49
C PRO B 15 63.96 0.10 14.87
N ARG B 16 63.92 0.09 13.54
CA ARG B 16 62.69 -0.17 12.77
C ARG B 16 62.75 -1.35 11.77
N HIS B 17 61.61 -1.90 11.38
CA HIS B 17 61.55 -2.91 10.30
C HIS B 17 62.19 -2.35 9.00
N PRO B 18 63.12 -3.09 8.38
CA PRO B 18 63.74 -2.64 7.11
C PRO B 18 62.84 -2.48 5.91
N SER B 19 61.68 -3.12 5.91
CA SER B 19 60.74 -3.03 4.73
C SER B 19 60.07 -1.68 4.59
N LEU B 20 60.19 -0.90 5.65
CA LEU B 20 59.54 0.38 5.76
C LEU B 20 60.03 1.31 4.70
N LYS B 21 59.12 1.92 3.99
CA LYS B 21 59.47 3.06 3.16
C LYS B 21 59.62 4.37 4.00
N VAL B 22 60.83 4.87 4.01
CA VAL B 22 61.22 6.02 4.83
C VAL B 22 61.07 7.32 4.08
N ASN B 23 60.24 8.18 4.61
CA ASN B 23 59.94 9.45 3.99
C ASN B 23 60.70 10.63 4.57
N ALA B 24 61.08 10.47 5.81
CA ALA B 24 62.12 11.31 6.45
C ALA B 24 62.80 10.55 7.57
N LYS B 25 64.12 10.67 7.62
CA LYS B 25 64.98 9.91 8.58
C LYS B 25 64.96 10.60 9.95
N GLU B 26 65.11 11.92 9.95
CA GLU B 26 65.26 12.67 11.23
C GLU B 26 64.50 13.99 11.20
N PRO B 27 63.37 14.08 11.92
CA PRO B 27 62.76 12.94 12.64
C PRO B 27 62.16 11.84 11.76
N PHE B 28 61.97 10.70 12.39
CA PHE B 28 61.53 9.48 11.72
C PHE B 28 60.03 9.48 11.36
N ASN B 29 59.83 9.39 10.05
CA ASN B 29 58.58 9.44 9.40
C ASN B 29 58.54 8.39 8.27
N ALA B 30 57.76 7.34 8.51
CA ALA B 30 57.78 6.13 7.66
C ALA B 30 56.43 5.39 7.58
N GLU B 31 56.29 4.60 6.53
CA GLU B 31 55.06 3.93 6.20
C GLU B 31 55.36 2.61 5.53
N PRO B 32 54.54 1.59 5.78
CA PRO B 32 54.77 0.27 5.17
C PRO B 32 54.51 0.32 3.68
N PRO B 33 55.05 -0.69 2.98
CA PRO B 33 54.77 -0.82 1.54
C PRO B 33 53.28 -1.19 1.47
N ARG B 34 52.62 -0.45 0.63
CA ARG B 34 51.26 -0.71 0.18
C ARG B 34 50.77 -2.18 0.24
N SER B 35 51.57 -3.05 -0.35
CA SER B 35 51.21 -4.45 -0.54
C SER B 35 51.16 -5.20 0.73
N ALA B 36 51.78 -4.69 1.78
CA ALA B 36 51.75 -5.36 3.10
C ALA B 36 50.69 -4.74 4.08
N LEU B 37 50.28 -3.51 3.78
CA LEU B 37 49.35 -2.73 4.62
C LEU B 37 48.04 -3.46 4.98
N VAL B 38 47.57 -4.16 3.99
CA VAL B 38 46.20 -4.64 3.94
C VAL B 38 46.11 -6.22 4.02
N SER B 39 47.22 -6.84 4.44
CA SER B 39 47.32 -8.30 4.52
C SER B 39 46.58 -8.78 5.71
N SER B 40 46.49 -7.94 6.72
CA SER B 40 45.74 -8.26 7.91
C SER B 40 44.91 -7.03 8.42
N TYR B 41 43.78 -7.33 9.04
CA TYR B 41 42.83 -6.35 9.56
C TYR B 41 43.50 -5.53 10.67
N VAL B 42 44.21 -6.26 11.54
CA VAL B 42 45.04 -5.69 12.60
C VAL B 42 46.46 -5.61 12.12
N THR B 43 46.94 -4.36 12.07
CA THR B 43 48.26 -4.00 11.59
C THR B 43 49.37 -4.37 12.59
N PRO B 44 50.34 -5.17 12.18
CA PRO B 44 51.39 -5.54 13.13
C PRO B 44 52.20 -4.29 13.44
N VAL B 45 52.64 -4.22 14.67
CA VAL B 45 53.45 -3.11 15.17
C VAL B 45 54.68 -2.79 14.32
N ASP B 46 55.40 -3.85 13.88
CA ASP B 46 56.56 -3.73 12.95
C ASP B 46 56.24 -2.89 11.71
N LEU B 47 55.00 -3.03 11.20
CA LEU B 47 54.58 -2.39 9.93
C LEU B 47 53.68 -1.20 10.09
N PHE B 48 53.37 -0.87 11.35
CA PHE B 48 52.48 0.26 11.67
C PHE B 48 53.26 1.52 11.42
N TYR B 49 52.66 2.46 10.70
CA TYR B 49 53.38 3.63 10.27
C TYR B 49 53.80 4.49 11.44
N LYS B 50 54.83 5.21 11.16
CA LYS B 50 55.61 5.93 12.19
C LYS B 50 55.67 7.40 11.84
N ARG B 51 55.15 8.24 12.70
CA ARG B 51 55.12 9.68 12.39
C ARG B 51 55.55 10.46 13.67
N ASN B 52 56.63 11.16 13.50
CA ASN B 52 57.30 11.83 14.62
C ASN B 52 57.78 13.21 14.24
N HIS B 53 57.64 14.11 15.18
CA HIS B 53 58.06 15.48 14.98
C HIS B 53 59.44 15.76 15.55
N GLY B 54 59.91 14.82 16.36
CA GLY B 54 61.16 14.96 17.07
C GLY B 54 61.78 13.62 17.45
N PRO B 55 62.91 13.68 18.13
CA PRO B 55 63.56 12.46 18.64
C PRO B 55 62.66 11.71 19.62
N ILE B 56 62.81 10.39 19.63
CA ILE B 56 61.94 9.52 20.39
C ILE B 56 62.42 9.51 21.79
N PRO B 57 61.55 9.76 22.75
CA PRO B 57 61.94 9.67 24.14
C PRO B 57 62.43 8.28 24.56
N ILE B 58 63.35 8.34 25.51
CA ILE B 58 64.01 7.20 26.11
C ILE B 58 63.70 7.20 27.60
N VAL B 59 63.31 6.05 28.11
CA VAL B 59 63.02 5.83 29.53
C VAL B 59 64.23 5.20 30.21
N ASP B 60 64.82 5.86 31.20
CA ASP B 60 65.97 5.35 32.01
C ASP B 60 65.53 4.49 33.22
N HIS B 61 64.39 4.86 33.82
CA HIS B 61 63.76 4.23 35.06
C HIS B 61 62.19 4.19 35.06
N LEU B 62 61.64 3.08 34.65
CA LEU B 62 60.17 2.97 34.45
C LEU B 62 59.28 3.31 35.67
N GLN B 63 59.60 2.76 36.85
CA GLN B 63 58.89 3.19 38.11
C GLN B 63 59.54 4.56 38.36
N SER B 64 58.80 5.52 38.85
CA SER B 64 59.33 6.91 38.84
C SER B 64 58.95 7.74 37.52
N TYR B 65 58.61 7.05 36.43
CA TYR B 65 57.78 7.71 35.37
C TYR B 65 56.39 8.01 35.88
N SER B 66 55.90 9.17 35.51
CA SER B 66 54.53 9.51 35.82
C SER B 66 53.90 10.49 34.83
N VAL B 67 52.58 10.47 34.77
CA VAL B 67 51.78 11.51 34.12
C VAL B 67 51.24 12.43 35.22
N THR B 68 51.38 13.73 35.01
CA THR B 68 50.87 14.73 35.95
C THR B 68 49.52 15.28 35.50
N LEU B 69 48.53 15.12 36.37
CA LEU B 69 47.26 15.81 36.21
C LEU B 69 47.20 17.19 36.87
N THR B 70 47.29 18.23 36.07
CA THR B 70 47.26 19.61 36.53
C THR B 70 46.11 20.40 35.96
N GLY B 71 46.26 21.71 36.14
CA GLY B 71 45.36 22.76 35.68
C GLY B 71 44.08 22.92 36.49
N LEU B 72 43.02 23.40 35.82
CA LEU B 72 41.69 23.65 36.46
C LEU B 72 41.02 22.46 37.15
N ILE B 73 41.75 21.96 38.10
CA ILE B 73 41.43 20.73 38.82
C ILE B 73 41.61 20.92 40.38
N GLN B 74 40.70 20.35 41.17
CA GLN B 74 40.74 20.51 42.68
C GLN B 74 42.11 20.13 43.28
N ASN B 75 42.52 18.84 43.05
CA ASN B 75 43.76 18.30 43.60
C ASN B 75 44.74 17.77 42.60
N PRO B 76 45.60 18.65 42.09
CA PRO B 76 46.69 18.27 41.18
C PRO B 76 47.48 17.09 41.66
N ARG B 77 47.01 15.93 41.25
CA ARG B 77 47.61 14.63 41.55
C ARG B 77 48.75 14.32 40.57
N LYS B 78 49.43 13.23 40.78
CA LYS B 78 50.49 12.77 39.89
C LYS B 78 50.41 11.23 39.82
N LEU B 79 50.21 10.74 38.61
CA LEU B 79 49.84 9.34 38.38
C LEU B 79 50.93 8.49 37.74
N PHE B 80 51.33 7.47 38.48
CA PHE B 80 52.43 6.58 38.10
C PHE B 80 51.87 5.50 37.22
N ILE B 81 52.73 4.82 36.50
CA ILE B 81 52.28 3.78 35.54
C ILE B 81 51.51 2.64 36.20
N LYS B 82 51.92 2.30 37.41
CA LYS B 82 51.21 1.34 38.31
C LYS B 82 49.73 1.72 38.58
N ASP B 83 49.55 3.00 38.85
CA ASP B 83 48.22 3.62 39.05
C ASP B 83 47.31 3.61 37.81
N ILE B 84 47.90 3.83 36.64
CA ILE B 84 47.15 3.81 35.39
C ILE B 84 46.71 2.34 35.07
N ARG B 85 47.60 1.39 35.27
CA ARG B 85 47.29 -0.07 35.07
C ARG B 85 46.30 -0.64 36.09
N SER B 86 46.09 0.04 37.19
CA SER B 86 45.14 -0.46 38.21
C SER B 86 43.72 0.02 37.95
N LEU B 87 43.57 0.99 37.06
CA LEU B 87 42.24 1.46 36.60
C LEU B 87 41.61 0.39 35.69
N PRO B 88 40.33 0.43 35.47
CA PRO B 88 39.70 -0.61 34.66
C PRO B 88 40.28 -0.58 33.25
N LYS B 89 40.81 -1.73 32.87
CA LYS B 89 41.38 -1.91 31.56
C LYS B 89 40.32 -2.13 30.46
N TYR B 90 40.48 -1.37 29.38
CA TYR B 90 39.71 -1.51 28.15
C TYR B 90 40.62 -1.81 26.93
N ASN B 91 40.06 -2.56 25.99
CA ASN B 91 40.71 -2.84 24.74
C ASN B 91 39.89 -2.22 23.62
N VAL B 92 40.42 -1.22 22.91
CA VAL B 92 39.69 -0.54 21.87
C VAL B 92 40.40 -0.74 20.55
N THR B 93 39.64 -1.19 19.56
CA THR B 93 40.19 -1.35 18.25
C THR B 93 39.97 -0.02 17.50
N ALA B 94 41.05 0.51 16.96
CA ALA B 94 41.00 1.90 16.44
C ALA B 94 42.08 2.18 15.45
N THR B 95 41.66 2.78 14.37
CA THR B 95 42.57 3.15 13.32
C THR B 95 43.09 4.52 13.50
N LEU B 96 44.39 4.64 13.43
CA LEU B 96 45.05 5.97 13.35
C LEU B 96 45.39 6.25 11.92
N GLN B 97 44.88 7.31 11.38
CA GLN B 97 45.20 7.78 10.09
C GLN B 97 45.78 9.14 10.26
N CYS B 98 46.94 9.32 9.60
CA CYS B 98 47.64 10.62 9.64
C CYS B 98 46.98 11.52 8.69
N ALA B 99 46.84 12.76 9.09
CA ALA B 99 46.14 13.77 8.25
C ALA B 99 46.92 13.96 6.98
N GLY B 100 48.22 13.66 7.05
CA GLY B 100 49.13 13.71 5.90
C GLY B 100 48.94 12.56 4.88
N ASN B 101 48.27 11.45 5.26
CA ASN B 101 48.04 10.33 4.30
C ASN B 101 47.66 10.82 2.92
N ARG B 102 48.30 10.23 1.92
CA ARG B 102 48.11 10.55 0.47
C ARG B 102 48.52 11.93 -0.02
N ARG B 103 49.36 12.56 0.74
CA ARG B 103 49.77 13.93 0.41
C ARG B 103 50.58 14.02 -0.87
N THR B 104 51.45 13.05 -1.12
CA THR B 104 52.36 13.13 -2.25
C THR B 104 51.56 13.35 -3.58
N ALA B 105 50.44 12.65 -3.70
CA ALA B 105 49.63 12.77 -4.93
C ALA B 105 49.03 14.11 -5.06
N MET B 106 48.76 14.77 -3.93
CA MET B 106 48.24 16.17 -4.01
C MET B 106 49.34 17.18 -4.46
N SER B 107 50.56 16.85 -4.11
CA SER B 107 51.75 17.69 -4.31
C SER B 107 52.14 17.64 -5.80
N LYS B 108 52.11 16.44 -6.37
CA LYS B 108 52.29 16.20 -7.86
C LYS B 108 51.50 17.16 -8.70
N VAL B 109 50.34 17.55 -8.21
CA VAL B 109 49.50 18.49 -8.95
C VAL B 109 49.90 19.92 -8.71
N ARG B 110 50.18 20.25 -7.50
CA ARG B 110 50.60 21.64 -7.16
C ARG B 110 51.37 21.42 -5.85
N ASN B 111 52.61 21.89 -5.85
CA ASN B 111 53.58 21.50 -4.84
C ASN B 111 53.15 21.88 -3.40
N VAL B 112 53.29 20.92 -2.52
CA VAL B 112 53.16 21.21 -1.09
C VAL B 112 54.45 20.92 -0.35
N ARG B 113 54.75 21.85 0.52
CA ARG B 113 55.75 21.67 1.53
C ARG B 113 55.30 20.69 2.59
N GLY B 114 56.15 19.71 2.76
CA GLY B 114 56.01 18.77 3.83
C GLY B 114 56.54 17.41 3.46
N VAL B 115 56.55 16.56 4.46
CA VAL B 115 56.95 15.20 4.29
C VAL B 115 55.95 14.52 3.33
N GLY B 116 56.51 13.75 2.41
CA GLY B 116 55.75 13.00 1.41
C GLY B 116 55.19 11.75 2.01
N TRP B 117 53.98 11.45 1.61
CA TRP B 117 53.30 10.20 2.00
C TRP B 117 52.61 9.62 0.78
N ASP B 118 52.67 8.31 0.72
CA ASP B 118 51.91 7.60 -0.25
C ASP B 118 50.52 7.30 0.44
N VAL B 119 50.13 6.06 0.41
CA VAL B 119 48.73 5.69 0.61
C VAL B 119 48.63 4.92 1.96
N SER B 120 49.76 4.75 2.63
CA SER B 120 49.92 3.94 3.84
C SER B 120 50.29 4.67 5.14
N ALA B 121 49.97 5.94 5.24
CA ALA B 121 50.11 6.66 6.50
C ALA B 121 48.86 6.42 7.35
N ILE B 122 48.70 5.15 7.66
CA ILE B 122 47.49 4.64 8.30
C ILE B 122 47.70 3.30 8.81
N GLY B 123 47.04 3.02 9.92
CA GLY B 123 47.21 1.72 10.60
C GLY B 123 46.12 1.47 11.61
N ASN B 124 45.85 0.19 11.78
CA ASN B 124 44.76 -0.32 12.64
C ASN B 124 45.31 -1.20 13.73
N ALA B 125 44.95 -0.86 14.97
CA ALA B 125 45.47 -1.62 16.09
C ALA B 125 44.46 -1.76 17.21
N VAL B 126 44.78 -2.71 18.09
CA VAL B 126 44.05 -2.93 19.33
C VAL B 126 44.84 -2.24 20.42
N TRP B 127 44.23 -1.23 20.99
CA TRP B 127 44.88 -0.38 21.98
C TRP B 127 44.40 -0.86 23.38
N GLY B 128 45.35 -1.07 24.25
CA GLY B 128 45.01 -1.43 25.63
C GLY B 128 45.33 -0.35 26.61
N GLY B 129 44.36 0.09 27.36
CA GLY B 129 44.67 0.91 28.51
C GLY B 129 43.49 1.35 29.34
N ALA B 130 43.67 2.51 29.96
CA ALA B 130 42.67 3.07 30.83
C ALA B 130 41.84 4.13 30.11
N LYS B 131 40.55 4.16 30.36
CA LYS B 131 39.74 5.22 29.83
C LYS B 131 40.05 6.55 30.55
N LEU B 132 40.22 7.58 29.74
CA LEU B 132 40.48 8.96 30.17
C LEU B 132 39.31 9.52 31.01
N ALA B 133 38.11 9.09 30.70
CA ALA B 133 36.97 9.51 31.48
C ALA B 133 37.12 9.03 32.94
N ASP B 134 37.60 7.80 33.12
CA ASP B 134 37.84 7.17 34.44
C ASP B 134 38.89 7.95 35.20
N VAL B 135 40.00 8.23 34.52
CA VAL B 135 41.10 9.05 35.08
C VAL B 135 40.66 10.45 35.50
N LEU B 136 39.71 11.04 34.80
CA LEU B 136 39.25 12.40 35.14
C LEU B 136 38.23 12.42 36.33
N GLU B 137 37.39 11.39 36.36
CA GLU B 137 36.54 11.05 37.50
C GLU B 137 37.40 10.97 38.79
N LEU B 138 38.51 10.27 38.69
CA LEU B 138 39.48 10.21 39.78
C LEU B 138 39.92 11.58 40.31
N VAL B 139 39.80 12.62 39.53
CA VAL B 139 40.32 13.91 39.94
C VAL B 139 39.21 14.94 40.10
N GLY B 140 38.00 14.41 40.22
CA GLY B 140 36.85 15.19 40.63
C GLY B 140 36.01 15.72 39.50
N ILE B 141 36.25 15.24 38.29
CA ILE B 141 35.44 15.65 37.10
C ILE B 141 34.59 14.51 36.66
N PRO B 142 33.30 14.60 36.90
CA PRO B 142 32.43 13.44 36.64
C PRO B 142 32.21 13.20 35.15
N LYS B 143 31.79 11.98 34.85
CA LYS B 143 31.50 11.60 33.50
C LYS B 143 30.40 12.48 32.88
N LEU B 144 30.44 12.68 31.57
CA LEU B 144 29.45 13.49 30.81
C LEU B 144 29.34 14.97 31.10
N THR B 145 30.43 15.51 31.60
CA THR B 145 30.63 16.95 31.78
C THR B 145 31.17 17.72 30.56
N ALA B 146 30.56 18.86 30.25
CA ALA B 146 31.02 19.76 29.19
C ALA B 146 31.89 20.88 29.73
N SER B 147 31.52 21.37 30.89
CA SER B 147 32.27 22.37 31.63
C SER B 147 32.06 22.22 33.13
N THR B 148 33.01 22.75 33.88
CA THR B 148 32.97 22.73 35.33
C THR B 148 32.86 24.13 35.89
N ASN B 149 32.46 24.17 37.15
CA ASN B 149 32.42 25.42 37.99
C ASN B 149 33.79 26.16 38.05
N LEU B 150 34.92 25.42 38.02
CA LEU B 150 36.29 26.01 37.94
C LEU B 150 36.68 26.60 36.54
N GLY B 151 35.76 26.53 35.58
CA GLY B 151 36.01 27.07 34.24
C GLY B 151 36.61 26.14 33.19
N ALA B 152 36.71 24.86 33.52
CA ALA B 152 37.32 23.84 32.63
C ALA B 152 36.41 23.50 31.46
N ARG B 153 36.99 23.50 30.26
CA ARG B 153 36.31 23.24 28.95
C ARG B 153 37.07 22.33 27.97
N HIS B 154 38.36 22.17 28.21
CA HIS B 154 39.31 21.42 27.36
C HIS B 154 40.33 20.66 28.18
N VAL B 155 40.88 19.60 27.57
CA VAL B 155 41.91 18.75 28.16
C VAL B 155 43.10 18.69 27.22
N GLU B 156 44.26 19.14 27.69
CA GLU B 156 45.52 19.28 26.86
C GLU B 156 46.50 18.19 27.20
N PHE B 157 47.01 17.52 26.20
CA PHE B 157 47.94 16.43 26.42
C PHE B 157 49.29 16.96 25.98
N VAL B 158 50.23 16.90 26.88
CA VAL B 158 51.55 17.44 26.67
C VAL B 158 52.59 16.33 26.69
N SER B 159 53.45 16.33 25.70
CA SER B 159 54.45 15.25 25.63
C SER B 159 55.72 15.63 26.44
N VAL B 160 56.64 14.71 26.41
CA VAL B 160 57.96 14.92 26.97
C VAL B 160 59.02 15.05 25.85
N ASP B 161 58.61 14.99 24.59
CA ASP B 161 59.53 15.10 23.49
C ASP B 161 59.95 16.49 23.22
N ARG B 162 60.78 16.68 22.18
CA ARG B 162 61.35 17.98 21.80
C ARG B 162 61.30 18.22 20.32
N CYS B 163 60.58 19.25 19.93
CA CYS B 163 60.33 19.58 18.51
C CYS B 163 60.90 20.94 18.07
N LYS B 164 61.63 20.95 16.96
CA LYS B 164 62.13 22.18 16.36
C LYS B 164 61.05 23.31 16.30
N GLU B 165 59.81 22.94 15.93
CA GLU B 165 58.71 23.85 15.73
C GLU B 165 58.28 24.61 16.98
N GLU B 166 58.46 23.93 18.10
CA GLU B 166 58.25 24.54 19.42
C GLU B 166 59.61 24.99 20.11
N ASN B 167 60.65 25.11 19.28
CA ASN B 167 61.92 25.61 19.71
C ASN B 167 62.52 24.79 20.81
N GLY B 168 62.38 23.49 20.69
CA GLY B 168 62.87 22.53 21.67
C GLY B 168 61.82 22.07 22.72
N GLY B 169 60.64 22.69 22.68
CA GLY B 169 59.53 22.30 23.57
C GLY B 169 58.76 21.07 23.09
N PRO B 170 57.81 20.60 23.91
CA PRO B 170 56.98 19.40 23.56
C PRO B 170 55.76 19.52 22.63
N TYR B 171 55.52 18.40 21.92
CA TYR B 171 54.33 18.17 21.09
C TYR B 171 53.15 18.22 22.08
N LYS B 172 52.07 18.87 21.66
CA LYS B 172 50.85 18.97 22.45
C LYS B 172 49.62 18.88 21.56
N ALA B 173 48.52 18.42 22.17
CA ALA B 173 47.18 18.52 21.54
C ALA B 173 46.14 18.71 22.56
N SER B 174 44.95 19.11 22.12
CA SER B 174 43.83 19.10 23.03
C SER B 174 42.52 18.65 22.42
N ILE B 175 41.64 18.22 23.32
CA ILE B 175 40.23 17.88 23.00
C ILE B 175 39.31 18.51 24.00
N THR B 176 38.02 18.54 23.64
CA THR B 176 37.04 19.11 24.55
C THR B 176 36.88 18.22 25.77
N LEU B 177 36.49 18.87 26.86
CA LEU B 177 36.09 18.18 28.11
C LEU B 177 34.93 17.15 27.84
N SER B 178 33.94 17.62 27.05
CA SER B 178 32.87 16.70 26.50
C SER B 178 33.38 15.39 25.94
N GLN B 179 34.29 15.47 24.97
CA GLN B 179 34.86 14.26 24.40
C GLN B 179 35.69 13.44 25.42
N ALA B 180 36.35 14.14 26.30
CA ALA B 180 37.31 13.52 27.24
C ALA B 180 36.64 12.71 28.28
N THR B 181 35.40 13.07 28.50
CA THR B 181 34.68 12.73 29.72
C THR B 181 33.52 11.85 29.42
N ASN B 182 33.28 11.69 28.13
CA ASN B 182 32.31 10.75 27.60
C ASN B 182 32.93 9.33 27.29
N PRO B 183 32.62 8.35 28.09
CA PRO B 183 33.26 7.04 27.94
C PRO B 183 32.88 6.33 26.62
N GLU B 184 31.81 6.73 26.01
CA GLU B 184 31.43 6.20 24.71
C GLU B 184 32.37 6.69 23.54
N ALA B 185 33.07 7.79 23.71
CA ALA B 185 34.09 8.30 22.79
C ALA B 185 35.45 7.57 22.90
N ASP B 186 35.59 6.72 23.91
CA ASP B 186 36.70 5.76 24.04
C ASP B 186 38.10 6.36 24.04
N VAL B 187 38.22 7.58 24.51
CA VAL B 187 39.52 8.20 24.59
C VAL B 187 40.30 7.41 25.67
N LEU B 188 41.48 6.99 25.29
CA LEU B 188 42.22 6.00 26.05
C LEU B 188 43.60 6.48 26.36
N LEU B 189 44.04 6.23 27.58
CA LEU B 189 45.43 6.36 27.95
C LEU B 189 46.00 4.98 27.75
N ALA B 190 46.62 4.75 26.62
CA ALA B 190 47.06 3.43 26.25
C ALA B 190 48.54 3.09 26.58
N TYR B 191 48.71 1.98 27.27
CA TYR B 191 50.01 1.41 27.65
C TYR B 191 50.33 0.08 26.94
N GLU B 192 49.35 -0.38 26.14
CA GLU B 192 49.43 -1.60 25.32
C GLU B 192 48.97 -1.39 23.90
N MET B 193 49.64 -2.09 22.99
CA MET B 193 49.34 -2.03 21.53
C MET B 193 49.54 -3.44 20.94
N ASN B 194 48.46 -3.96 20.34
CA ASN B 194 48.32 -5.35 19.80
C ASN B 194 48.75 -6.41 20.82
N GLY B 195 48.27 -6.24 22.05
CA GLY B 195 48.49 -7.19 23.14
C GLY B 195 49.85 -7.20 23.84
N GLU B 196 50.82 -6.53 23.24
CA GLU B 196 52.13 -6.27 23.85
C GLU B 196 52.22 -4.88 24.48
N THR B 197 53.20 -4.75 25.35
CA THR B 197 53.61 -3.47 25.85
C THR B 197 53.96 -2.54 24.71
N LEU B 198 53.51 -1.31 24.91
CA LEU B 198 53.71 -0.25 23.91
C LEU B 198 55.20 -0.06 23.65
N ASN B 199 55.55 0.03 22.41
CA ASN B 199 56.89 0.34 21.92
C ASN B 199 57.38 1.74 22.11
N ARG B 200 58.64 2.01 21.85
CA ARG B 200 59.12 3.40 21.97
C ARG B 200 58.57 4.25 20.91
N ASP B 201 58.76 3.84 19.67
CA ASP B 201 58.14 4.54 18.50
C ASP B 201 56.67 4.97 18.68
N HIS B 202 55.90 4.20 19.38
CA HIS B 202 54.46 4.37 19.48
C HIS B 202 54.00 4.92 20.81
N GLY B 203 54.98 5.30 21.61
CA GLY B 203 54.72 6.14 22.76
C GLY B 203 54.97 5.62 24.17
N PHE B 204 55.78 4.59 24.25
CA PHE B 204 56.05 3.88 25.54
C PHE B 204 56.55 4.89 26.56
N PRO B 205 56.03 4.92 27.78
CA PRO B 205 55.09 3.96 28.38
C PRO B 205 53.62 4.25 28.24
N LEU B 206 53.32 5.43 27.73
CA LEU B 206 51.93 5.92 27.76
C LEU B 206 51.69 6.96 26.68
N ARG B 207 50.65 6.72 25.90
CA ARG B 207 50.11 7.69 24.91
C ARG B 207 48.59 7.85 25.05
N VAL B 208 48.07 8.96 24.59
CA VAL B 208 46.64 9.05 24.38
C VAL B 208 46.32 8.48 23.03
N VAL B 209 45.19 7.81 22.97
CA VAL B 209 44.60 7.48 21.65
C VAL B 209 43.20 8.11 21.61
N VAL B 210 42.96 8.91 20.60
CA VAL B 210 41.72 9.55 20.37
C VAL B 210 41.01 9.00 19.11
N PRO B 211 40.09 8.06 19.27
CA PRO B 211 39.47 7.39 18.13
C PRO B 211 38.59 8.29 17.31
N GLY B 212 38.59 8.02 16.01
CA GLY B 212 37.77 8.75 15.09
C GLY B 212 38.31 10.16 14.85
N VAL B 213 39.52 10.43 15.31
CA VAL B 213 40.13 11.78 15.11
C VAL B 213 41.48 11.60 14.43
N ILE B 214 41.93 12.60 13.69
CA ILE B 214 43.18 12.42 12.99
C ILE B 214 44.32 12.02 13.93
N GLY B 215 45.24 11.29 13.36
CA GLY B 215 46.42 10.80 14.07
C GLY B 215 47.14 11.84 14.98
N ALA B 216 47.31 13.04 14.45
CA ALA B 216 48.00 14.11 15.18
C ALA B 216 47.51 14.40 16.61
N ARG B 217 46.31 14.06 16.96
CA ARG B 217 45.86 14.34 18.33
C ARG B 217 46.18 13.23 19.31
N SER B 218 46.54 12.06 18.84
CA SER B 218 46.88 10.96 19.74
C SER B 218 48.35 11.07 20.24
N VAL B 219 48.51 11.93 21.23
CA VAL B 219 49.83 12.40 21.68
C VAL B 219 50.57 11.30 22.37
N LYS B 220 51.81 11.11 21.93
CA LYS B 220 52.64 10.04 22.46
C LYS B 220 53.60 10.54 23.62
N TRP B 221 54.00 9.60 24.47
CA TRP B 221 54.98 9.81 25.58
C TRP B 221 54.52 10.91 26.57
N LEU B 222 53.39 10.69 27.17
CA LEU B 222 52.73 11.72 27.96
C LEU B 222 53.55 12.15 29.11
N ASP B 223 53.63 13.46 29.23
CA ASP B 223 54.19 14.08 30.43
C ASP B 223 53.07 14.65 31.30
N SER B 224 52.06 15.28 30.73
CA SER B 224 51.05 15.84 31.59
C SER B 224 49.71 15.95 30.89
N ILE B 225 48.66 15.88 31.69
CA ILE B 225 47.31 16.00 31.25
C ILE B 225 46.78 17.20 31.95
N ASN B 226 46.60 18.22 31.16
CA ASN B 226 46.49 19.59 31.58
C ASN B 226 45.03 20.13 31.34
N VAL B 227 44.18 20.10 32.35
CA VAL B 227 42.79 20.59 32.23
C VAL B 227 42.65 22.12 32.23
N ILE B 228 42.08 22.70 31.19
CA ILE B 228 42.23 24.14 30.93
C ILE B 228 40.96 24.77 30.38
N ALA B 229 40.90 26.10 30.34
CA ALA B 229 39.64 26.83 30.07
C ALA B 229 39.30 27.05 28.56
N GLU B 230 40.39 27.11 27.81
CA GLU B 230 40.40 27.33 26.39
C GLU B 230 41.21 26.27 25.61
N GLU B 231 40.95 26.17 24.33
CA GLU B 231 41.69 25.17 23.56
C GLU B 231 43.25 25.37 23.65
N SER B 232 43.98 24.28 23.50
CA SER B 232 45.45 24.39 23.54
C SER B 232 45.96 25.33 22.47
N GLN B 233 46.94 26.12 22.89
CA GLN B 233 47.60 27.13 22.00
C GLN B 233 48.88 26.60 21.44
N GLY B 234 49.05 25.29 21.55
CA GLY B 234 50.17 24.61 20.99
C GLY B 234 50.31 24.85 19.51
N PHE B 235 51.55 24.78 19.06
CA PHE B 235 51.88 25.09 17.66
C PHE B 235 51.06 24.20 16.72
N PHE B 236 50.99 22.93 17.07
CA PHE B 236 50.37 21.91 16.21
C PHE B 236 48.84 21.89 16.27
N MET B 237 48.23 22.63 17.18
CA MET B 237 46.80 22.90 17.18
C MET B 237 46.40 24.19 16.45
N GLN B 238 47.29 25.14 16.45
CA GLN B 238 46.97 26.50 15.98
C GLN B 238 47.61 26.86 14.63
N LYS B 239 48.79 26.28 14.36
CA LYS B 239 49.59 26.63 13.19
C LYS B 239 49.92 25.41 12.36
N ASP B 240 49.04 24.41 12.45
CA ASP B 240 49.15 23.21 11.64
C ASP B 240 47.80 22.45 11.66
N TYR B 241 47.71 21.36 10.88
CA TYR B 241 46.59 20.38 10.97
C TYR B 241 45.27 21.12 10.85
N LYS B 242 45.25 22.03 9.89
CA LYS B 242 44.07 22.70 9.49
C LYS B 242 43.81 22.52 8.02
N MET B 243 42.53 22.58 7.62
CA MET B 243 42.08 22.31 6.23
C MET B 243 41.71 23.58 5.53
N PHE B 244 42.67 24.13 4.79
CA PHE B 244 42.39 25.38 4.03
C PHE B 244 41.85 25.16 2.64
N PRO B 245 41.04 26.09 2.16
CA PRO B 245 40.62 26.05 0.74
C PRO B 245 41.76 26.21 -0.27
N PRO B 246 41.59 25.78 -1.51
CA PRO B 246 42.64 25.86 -2.54
C PRO B 246 43.19 27.27 -2.87
N SER B 247 42.40 28.30 -2.61
CA SER B 247 42.82 29.68 -2.87
C SER B 247 43.91 30.19 -1.87
N VAL B 248 44.12 29.47 -0.79
CA VAL B 248 45.06 29.88 0.25
C VAL B 248 46.46 29.41 -0.10
N ASN B 249 47.40 30.34 -0.01
CA ASN B 249 48.85 30.06 -0.20
C ASN B 249 49.75 30.81 0.82
N TRP B 250 51.07 30.68 0.69
CA TRP B 250 51.93 31.21 1.74
C TRP B 250 51.92 32.72 1.86
N ASP B 251 51.42 33.40 0.86
CA ASP B 251 51.25 34.91 0.87
C ASP B 251 49.96 35.42 1.49
N ASN B 252 48.94 34.58 1.64
CA ASN B 252 47.66 35.08 2.19
C ASN B 252 47.17 34.31 3.40
N ILE B 253 47.86 33.26 3.74
CA ILE B 253 47.43 32.43 4.84
C ILE B 253 47.24 33.20 6.15
N ASN B 254 46.09 33.01 6.73
CA ASN B 254 45.76 33.40 8.07
C ASN B 254 45.25 32.16 8.84
N TRP B 255 46.12 31.68 9.72
CA TRP B 255 45.92 30.49 10.55
C TRP B 255 44.72 30.53 11.46
N SER B 256 44.28 31.70 11.79
CA SER B 256 43.11 31.72 12.68
C SER B 256 41.80 31.66 11.83
N SER B 257 41.90 31.60 10.52
CA SER B 257 40.72 31.61 9.68
C SER B 257 40.02 30.25 9.65
N ARG B 258 40.74 29.24 10.09
CA ARG B 258 40.26 27.87 10.06
C ARG B 258 40.32 27.28 11.46
N ARG B 259 39.36 26.40 11.78
CA ARG B 259 39.40 25.61 13.02
C ARG B 259 40.28 24.37 12.93
N PRO B 260 40.80 23.98 14.07
CA PRO B 260 41.67 22.78 14.11
C PRO B 260 40.91 21.54 13.72
N GLN B 261 41.55 20.76 12.88
CA GLN B 261 40.94 19.55 12.32
C GLN B 261 40.96 18.46 13.32
N MET B 262 39.80 17.84 13.52
CA MET B 262 39.69 16.74 14.50
C MET B 262 39.15 15.43 13.81
N ASP B 263 37.86 15.46 13.56
CA ASP B 263 37.21 14.49 12.68
C ASP B 263 37.83 14.59 11.31
N PHE B 264 37.68 13.51 10.52
CA PHE B 264 38.23 13.45 9.14
C PHE B 264 37.25 12.77 8.22
N PRO B 265 37.36 13.01 6.94
CA PRO B 265 36.36 12.50 6.02
C PRO B 265 36.67 11.21 5.33
N VAL B 266 35.66 10.70 4.64
CA VAL B 266 35.65 9.36 4.03
C VAL B 266 36.80 9.24 3.02
N GLN B 267 37.56 8.18 3.23
CA GLN B 267 38.84 7.98 2.53
C GLN B 267 38.92 6.48 2.05
N SER B 268 39.48 6.29 0.87
CA SER B 268 39.87 4.88 0.46
C SER B 268 41.04 4.86 -0.49
N ALA B 269 41.72 3.74 -0.43
CA ALA B 269 42.78 3.49 -1.39
C ALA B 269 43.00 2.01 -1.71
N ILE B 270 43.36 1.85 -2.97
CA ILE B 270 43.76 0.59 -3.51
C ILE B 270 45.19 0.31 -3.15
N CYS B 271 45.41 -0.84 -2.52
CA CYS B 271 46.75 -1.26 -1.99
C CYS B 271 47.40 -2.54 -2.61
N SER B 272 46.63 -3.36 -3.27
CA SER B 272 47.12 -4.70 -3.71
C SER B 272 47.89 -4.56 -5.03
N VAL B 273 47.83 -3.38 -5.61
CA VAL B 273 48.58 -3.03 -6.78
C VAL B 273 49.08 -1.53 -6.76
N GLU B 274 50.09 -1.28 -7.56
CA GLU B 274 50.82 -0.03 -7.58
C GLU B 274 50.07 0.88 -8.44
N ASP B 275 50.40 2.15 -8.36
CA ASP B 275 49.68 3.18 -9.14
C ASP B 275 49.77 2.97 -10.64
N VAL B 276 50.87 2.33 -11.02
CA VAL B 276 51.13 1.95 -12.41
C VAL B 276 51.72 0.59 -12.29
N GLN B 277 50.98 -0.40 -12.70
CA GLN B 277 51.38 -1.80 -12.50
C GLN B 277 51.21 -2.75 -13.73
N MET B 278 52.25 -3.54 -13.98
CA MET B 278 52.28 -4.63 -14.96
C MET B 278 51.41 -5.81 -14.48
N VAL B 279 50.48 -6.27 -15.31
CA VAL B 279 49.86 -7.59 -15.08
C VAL B 279 49.71 -8.53 -16.30
N LYS B 280 49.72 -9.81 -15.95
CA LYS B 280 49.34 -10.90 -16.87
C LYS B 280 47.81 -10.95 -17.07
N PRO B 281 47.33 -11.06 -18.31
CA PRO B 281 45.90 -11.28 -18.55
C PRO B 281 45.31 -12.32 -17.61
N GLY B 282 44.07 -12.01 -17.24
CA GLY B 282 43.28 -12.83 -16.37
C GLY B 282 42.72 -12.06 -15.16
N LYS B 283 42.61 -12.84 -14.09
CA LYS B 283 41.96 -12.42 -12.84
C LYS B 283 42.96 -11.64 -11.98
N VAL B 284 42.64 -10.38 -11.71
CA VAL B 284 43.43 -9.60 -10.74
C VAL B 284 42.60 -9.16 -9.48
N SER B 285 43.12 -9.52 -8.30
CA SER B 285 42.51 -9.10 -7.05
C SER B 285 42.78 -7.58 -6.68
N ILE B 286 41.74 -6.77 -6.66
CA ILE B 286 41.83 -5.38 -6.22
C ILE B 286 41.39 -5.22 -4.73
N LYS B 287 42.38 -5.09 -3.87
CA LYS B 287 42.20 -5.06 -2.43
C LYS B 287 42.69 -3.73 -1.85
N GLY B 288 41.97 -3.20 -0.87
CA GLY B 288 42.32 -1.94 -0.22
C GLY B 288 41.67 -1.68 1.14
N TYR B 289 41.72 -0.41 1.55
CA TYR B 289 41.13 0.03 2.81
C TYR B 289 40.20 1.21 2.52
N ALA B 290 39.25 1.33 3.42
CA ALA B 290 38.36 2.49 3.51
C ALA B 290 38.11 2.82 4.97
N VAL B 291 38.03 4.11 5.24
CA VAL B 291 37.73 4.64 6.59
C VAL B 291 37.08 5.93 6.53
N SER B 292 36.43 6.21 7.62
CA SER B 292 35.93 7.52 7.98
C SER B 292 36.14 7.82 9.44
N GLY B 293 36.15 9.10 9.75
CA GLY B 293 36.35 9.49 11.12
C GLY B 293 35.00 9.49 11.88
N GLY B 294 35.07 9.90 13.11
CA GLY B 294 33.93 10.27 13.91
C GLY B 294 33.10 9.10 14.29
N GLY B 295 33.57 7.91 14.10
CA GLY B 295 32.82 6.71 14.42
C GLY B 295 31.82 6.25 13.37
N ARG B 296 31.93 6.87 12.22
CA ARG B 296 31.14 6.46 11.09
C ARG B 296 31.78 5.25 10.35
N GLY B 297 30.95 4.26 9.98
CA GLY B 297 31.37 3.06 9.26
C GLY B 297 31.39 3.32 7.75
N ILE B 298 31.68 2.27 7.02
CA ILE B 298 31.67 2.32 5.51
C ILE B 298 30.52 1.50 4.95
N GLU B 299 29.60 2.19 4.37
CA GLU B 299 28.35 1.58 3.92
C GLU B 299 28.50 0.86 2.60
N ARG B 300 29.44 1.36 1.84
CA ARG B 300 29.67 0.92 0.46
C ARG B 300 31.11 1.24 -0.06
N VAL B 301 31.71 0.27 -0.73
CA VAL B 301 32.86 0.56 -1.60
C VAL B 301 32.55 0.24 -3.07
N ASP B 302 32.76 1.19 -3.93
CA ASP B 302 32.51 1.11 -5.38
C ASP B 302 33.78 1.05 -6.22
N ILE B 303 33.76 0.16 -7.20
CA ILE B 303 34.90 -0.03 -8.10
C ILE B 303 34.51 0.10 -9.54
N SER B 304 35.28 0.89 -10.29
CA SER B 304 35.04 1.13 -11.73
C SER B 304 36.22 0.82 -12.61
N LEU B 305 35.90 0.21 -13.74
CA LEU B 305 36.91 -0.17 -14.76
C LEU B 305 36.80 0.62 -15.99
N ASP B 306 35.92 1.60 -16.04
CA ASP B 306 35.59 2.32 -17.29
C ASP B 306 35.57 3.82 -17.13
N GLY B 307 36.45 4.31 -16.26
CA GLY B 307 36.64 5.74 -16.08
C GLY B 307 35.51 6.38 -15.27
N GLY B 308 34.87 5.54 -14.48
CA GLY B 308 33.81 5.99 -13.62
C GLY B 308 32.42 6.22 -14.23
N LYS B 309 32.19 5.69 -15.40
CA LYS B 309 30.83 5.61 -15.99
C LYS B 309 29.90 4.64 -15.22
N ASN B 310 30.46 3.50 -14.84
CA ASN B 310 29.81 2.39 -14.18
C ASN B 310 30.64 1.84 -13.04
N TRP B 311 29.96 1.46 -11.97
CA TRP B 311 30.55 0.99 -10.73
C TRP B 311 29.94 -0.31 -10.29
N VAL B 312 30.74 -1.09 -9.66
CA VAL B 312 30.35 -2.35 -9.17
C VAL B 312 30.85 -2.42 -7.73
N GLU B 313 30.16 -3.15 -6.93
CA GLU B 313 30.41 -3.01 -5.54
C GLU B 313 31.42 -4.03 -5.05
N ALA B 314 32.39 -3.55 -4.30
CA ALA B 314 33.35 -4.45 -3.67
C ALA B 314 32.81 -4.97 -2.34
N SER B 315 33.44 -5.98 -1.84
CA SER B 315 33.05 -6.54 -0.60
C SER B 315 33.77 -5.78 0.53
N ARG B 316 33.20 -5.90 1.73
CA ARG B 316 33.77 -5.27 2.86
C ARG B 316 33.86 -6.05 4.11
N THR B 317 34.99 -5.96 4.80
CA THR B 317 35.31 -6.88 5.87
C THR B 317 36.10 -6.19 6.97
N GLN B 318 35.84 -6.57 8.21
CA GLN B 318 36.70 -6.16 9.33
C GLN B 318 37.45 -7.38 9.89
N GLU B 319 37.15 -7.86 11.10
CA GLU B 319 37.67 -9.15 11.61
C GLU B 319 37.36 -10.25 10.59
N PRO B 320 38.30 -11.11 10.25
CA PRO B 320 38.01 -12.12 9.22
C PRO B 320 37.02 -13.18 9.79
N GLY B 321 36.19 -13.71 8.91
CA GLY B 321 35.14 -14.67 9.25
C GLY B 321 33.75 -14.09 9.61
N LYS B 322 33.71 -13.30 10.67
CA LYS B 322 32.64 -12.31 10.93
C LYS B 322 32.18 -11.48 9.65
N GLN B 323 30.90 -11.25 9.55
CA GLN B 323 30.33 -10.45 8.43
C GLN B 323 30.31 -9.00 8.85
N TYR B 324 30.81 -8.12 8.01
CA TYR B 324 30.81 -6.72 8.32
C TYR B 324 29.45 -6.06 8.09
N ILE B 325 28.98 -5.39 9.14
CA ILE B 325 27.79 -4.54 9.06
C ILE B 325 28.04 -3.14 9.56
N SER B 326 27.63 -2.20 8.78
CA SER B 326 27.97 -0.83 9.08
C SER B 326 27.39 -0.12 10.29
N GLU B 327 26.15 0.03 10.57
CA GLU B 327 26.05 0.91 11.82
C GLU B 327 25.48 -0.08 12.80
N HIS B 328 26.34 -0.81 13.47
CA HIS B 328 25.93 -2.06 14.11
C HIS B 328 26.80 -2.37 15.28
N SER B 329 26.18 -3.00 16.25
CA SER B 329 26.84 -3.32 17.50
C SER B 329 28.06 -4.24 17.32
N SER B 330 28.01 -5.14 16.34
CA SER B 330 29.15 -6.08 16.02
C SER B 330 30.38 -5.44 15.30
N SER B 331 30.15 -4.28 14.70
CA SER B 331 31.18 -3.51 13.97
C SER B 331 32.08 -2.70 14.89
N ASP B 332 33.31 -2.57 14.42
CA ASP B 332 34.40 -1.82 15.08
C ASP B 332 34.40 -0.40 14.51
N LYS B 333 33.63 0.50 15.12
CA LYS B 333 33.28 1.78 14.51
C LYS B 333 34.51 2.76 14.38
N TRP B 334 35.54 2.54 15.18
CA TRP B 334 36.70 3.36 15.09
C TRP B 334 37.79 2.83 14.15
N ALA B 335 37.44 1.75 13.45
CA ALA B 335 38.41 1.05 12.64
C ALA B 335 38.09 1.13 11.16
N TRP B 336 39.14 0.99 10.35
CA TRP B 336 38.97 0.83 8.93
C TRP B 336 38.22 -0.44 8.52
N VAL B 337 37.88 -0.43 7.27
CA VAL B 337 37.22 -1.52 6.60
C VAL B 337 38.05 -1.91 5.36
N LEU B 338 38.35 -3.18 5.29
CA LEU B 338 39.04 -3.75 4.12
C LEU B 338 38.11 -4.20 3.02
N PHE B 339 38.44 -3.77 1.83
CA PHE B 339 37.65 -4.08 0.66
C PHE B 339 38.38 -4.96 -0.34
N GLU B 340 37.65 -5.87 -1.01
CA GLU B 340 38.19 -6.71 -2.08
C GLU B 340 37.16 -6.87 -3.24
N ALA B 341 37.69 -6.81 -4.43
CA ALA B 341 36.94 -7.14 -5.66
C ALA B 341 37.85 -7.83 -6.66
N THR B 342 37.43 -8.98 -7.18
CA THR B 342 38.13 -9.66 -8.30
C THR B 342 37.66 -9.21 -9.66
N ILE B 343 38.58 -8.81 -10.47
CA ILE B 343 38.21 -8.28 -11.78
C ILE B 343 38.92 -9.04 -12.88
N ASP B 344 38.38 -8.86 -14.07
CA ASP B 344 38.84 -9.55 -15.29
C ASP B 344 39.48 -8.53 -16.22
N VAL B 345 40.78 -8.74 -16.45
CA VAL B 345 41.58 -7.87 -17.31
C VAL B 345 42.07 -8.59 -18.52
N SER B 346 41.72 -8.01 -19.64
CA SER B 346 42.11 -8.53 -20.96
C SER B 346 42.82 -7.43 -21.80
N GLN B 347 42.94 -6.25 -21.23
CA GLN B 347 43.30 -5.06 -21.96
C GLN B 347 43.92 -4.04 -20.93
N THR B 348 44.57 -3.00 -21.42
CA THR B 348 45.06 -1.98 -20.53
C THR B 348 43.86 -1.17 -19.91
N THR B 349 43.82 -1.18 -18.58
CA THR B 349 42.66 -0.76 -17.72
C THR B 349 42.96 0.18 -16.57
N GLU B 350 42.32 1.31 -16.59
CA GLU B 350 42.26 2.19 -15.44
C GLU B 350 41.26 1.70 -14.33
N VAL B 351 41.75 1.31 -13.14
CA VAL B 351 40.82 1.00 -12.03
C VAL B 351 40.69 2.14 -11.02
N ILE B 352 39.45 2.45 -10.66
CA ILE B 352 39.08 3.49 -9.65
C ILE B 352 38.29 2.94 -8.47
N ALA B 353 38.66 3.34 -7.25
CA ALA B 353 37.93 2.96 -6.01
C ALA B 353 37.44 4.22 -5.30
N LYS B 354 36.19 4.18 -4.85
CA LYS B 354 35.71 5.15 -3.90
C LYS B 354 34.77 4.59 -2.89
N ALA B 355 34.63 5.24 -1.76
CA ALA B 355 33.90 4.75 -0.64
C ALA B 355 32.86 5.76 -0.27
N VAL B 356 31.83 5.21 0.40
CA VAL B 356 30.70 6.00 0.91
C VAL B 356 30.44 5.52 2.33
N ASP B 357 30.45 6.46 3.24
CA ASP B 357 30.32 6.13 4.66
C ASP B 357 28.86 6.00 5.13
N SER B 358 28.69 5.60 6.40
CA SER B 358 27.32 5.42 7.00
C SER B 358 26.44 6.64 6.95
N ALA B 359 27.01 7.82 6.84
CA ALA B 359 26.24 9.06 6.72
C ALA B 359 26.01 9.50 5.26
N ALA B 360 26.34 8.59 4.34
CA ALA B 360 26.28 8.79 2.93
C ALA B 360 27.23 9.88 2.42
N ASN B 361 28.23 10.20 3.20
CA ASN B 361 29.29 11.10 2.72
C ASN B 361 30.05 10.43 1.61
N VAL B 362 30.47 11.26 0.68
CA VAL B 362 31.25 10.86 -0.50
C VAL B 362 32.65 11.44 -0.54
N GLN B 363 33.48 10.85 -1.42
CA GLN B 363 34.83 11.33 -1.68
C GLN B 363 34.86 12.31 -2.85
N PRO B 364 35.64 13.38 -2.79
CA PRO B 364 35.72 14.32 -3.96
C PRO B 364 36.28 13.62 -5.20
N GLU B 365 35.76 13.95 -6.36
CA GLU B 365 36.22 13.27 -7.61
C GLU B 365 37.78 13.57 -7.91
N ASN B 366 38.09 14.86 -7.82
CA ASN B 366 39.39 15.46 -8.16
C ASN B 366 40.15 16.15 -7.04
N VAL B 367 41.45 15.85 -6.88
CA VAL B 367 42.30 16.62 -5.90
C VAL B 367 42.10 18.10 -5.95
N GLU B 368 42.11 18.64 -7.15
CA GLU B 368 41.99 20.08 -7.36
C GLU B 368 40.93 20.66 -6.46
N SER B 369 39.84 19.98 -6.27
CA SER B 369 38.73 20.59 -5.50
C SER B 369 39.00 20.71 -4.01
N VAL B 370 39.89 19.86 -3.54
CA VAL B 370 40.22 19.84 -2.11
C VAL B 370 41.72 20.18 -1.79
N TRP B 371 42.47 20.55 -2.82
CA TRP B 371 43.86 20.98 -2.70
C TRP B 371 44.01 22.01 -1.63
N ASN B 372 44.99 21.75 -0.80
CA ASN B 372 45.27 22.58 0.34
C ASN B 372 46.74 22.63 0.67
N LEU B 373 47.08 23.82 1.14
CA LEU B 373 48.46 24.24 1.55
C LEU B 373 49.28 23.25 2.33
N ARG B 374 48.66 22.65 3.34
CA ARG B 374 49.33 21.65 4.20
C ARG B 374 49.37 20.30 3.62
N GLY B 375 48.70 20.14 2.51
CA GLY B 375 48.63 18.83 1.88
C GLY B 375 48.02 17.73 2.74
N VAL B 376 46.95 18.08 3.43
CA VAL B 376 46.29 17.12 4.28
C VAL B 376 44.95 16.68 3.71
N LEU B 377 44.56 15.46 4.11
CA LEU B 377 43.17 14.93 3.84
C LEU B 377 42.87 14.85 2.34
N ASN B 378 43.89 14.44 1.61
CA ASN B 378 43.68 14.00 0.22
C ASN B 378 42.75 12.80 0.15
N THR B 379 41.49 13.08 -0.20
CA THR B 379 40.50 11.98 -0.34
C THR B 379 39.87 11.82 -1.74
N SER B 380 40.49 12.46 -2.70
CA SER B 380 40.43 12.16 -4.11
C SER B 380 40.12 10.73 -4.43
N TRP B 381 39.33 10.48 -5.46
CA TRP B 381 39.27 9.06 -5.91
C TRP B 381 40.63 8.58 -6.30
N HIS B 382 41.00 7.47 -5.66
CA HIS B 382 42.22 6.77 -6.00
C HIS B 382 42.12 6.01 -7.36
N ARG B 383 42.95 6.42 -8.32
CA ARG B 383 42.96 5.81 -9.69
C ARG B 383 44.28 5.09 -9.88
N VAL B 384 44.22 3.87 -10.28
CA VAL B 384 45.38 3.12 -10.63
C VAL B 384 45.30 2.64 -12.12
N LEU B 385 46.48 2.34 -12.66
CA LEU B 385 46.63 1.99 -14.06
C LEU B 385 47.27 0.64 -14.19
N LEU B 386 46.51 -0.27 -14.76
CA LEU B 386 46.98 -1.64 -15.02
C LEU B 386 47.35 -1.77 -16.50
N ARG B 387 48.52 -2.33 -16.71
CA ARG B 387 49.19 -2.45 -18.03
C ARG B 387 49.43 -3.88 -18.33
N LEU B 388 49.36 -4.18 -19.61
CA LEU B 388 49.64 -5.57 -20.11
C LEU B 388 51.08 -5.97 -20.43
N GLY B 389 51.79 -6.43 -19.37
CA GLY B 389 53.15 -6.99 -19.38
C GLY B 389 53.23 -8.52 -19.19
N PRO C 2 -29.87 43.54 -55.10
CA PRO C 2 -28.59 42.78 -55.45
C PRO C 2 -27.27 43.64 -55.34
N GLY C 3 -26.58 43.62 -54.16
CA GLY C 3 -25.23 44.23 -54.06
C GLY C 3 -23.97 43.30 -54.23
N ILE C 4 -24.27 42.07 -54.64
CA ILE C 4 -23.32 40.94 -54.56
C ILE C 4 -23.75 39.88 -55.54
N ARG C 5 -22.80 39.25 -56.18
CA ARG C 5 -23.18 38.14 -57.00
C ARG C 5 -22.32 36.91 -56.79
N GLY C 6 -22.88 35.77 -57.12
CA GLY C 6 -22.20 34.52 -57.07
C GLY C 6 -21.77 34.07 -58.43
N PRO C 7 -20.50 34.12 -58.77
CA PRO C 7 -20.14 33.68 -60.12
C PRO C 7 -20.47 32.28 -60.40
N SER C 8 -20.49 31.96 -61.65
CA SER C 8 -20.67 30.61 -62.15
C SER C 8 -19.38 30.06 -62.75
N GLU C 9 -18.32 30.84 -62.60
CA GLU C 9 -16.98 30.45 -63.11
C GLU C 9 -15.90 31.18 -62.27
N TYR C 10 -14.63 30.80 -62.49
CA TYR C 10 -13.54 31.00 -61.51
C TYR C 10 -12.49 32.05 -61.95
N SER C 11 -12.93 33.01 -62.72
CA SER C 11 -12.00 34.03 -63.31
C SER C 11 -11.65 35.17 -62.35
N GLN C 12 -12.49 35.36 -61.33
CA GLN C 12 -12.28 36.51 -60.35
C GLN C 12 -12.06 36.00 -58.86
N GLU C 13 -11.42 34.83 -58.74
CA GLU C 13 -11.13 34.24 -57.43
C GLU C 13 -10.08 35.09 -56.74
N PRO C 14 -10.20 35.32 -55.43
CA PRO C 14 -9.24 36.12 -54.68
C PRO C 14 -7.91 35.40 -54.55
N PRO C 15 -6.92 36.17 -54.16
CA PRO C 15 -5.58 35.62 -53.97
C PRO C 15 -5.53 34.85 -52.64
N ARG C 16 -4.68 33.82 -52.57
CA ARG C 16 -4.36 33.10 -51.31
C ARG C 16 -2.86 33.07 -50.93
N HIS C 17 -2.54 32.86 -49.63
CA HIS C 17 -1.12 32.60 -49.23
C HIS C 17 -0.49 31.40 -50.02
N PRO C 18 0.71 31.62 -50.57
CA PRO C 18 1.36 30.54 -51.35
C PRO C 18 1.77 29.31 -50.55
N SER C 19 1.90 29.42 -49.24
CA SER C 19 2.32 28.26 -48.38
C SER C 19 1.25 27.18 -48.28
N LEU C 20 0.05 27.57 -48.67
CA LEU C 20 -1.10 26.70 -48.54
C LEU C 20 -0.94 25.45 -49.35
N LYS C 21 -1.20 24.30 -48.75
CA LYS C 21 -1.33 23.07 -49.52
C LYS C 21 -2.71 23.00 -50.11
N VAL C 22 -2.75 22.93 -51.44
CA VAL C 22 -3.99 22.95 -52.22
C VAL C 22 -4.45 21.57 -52.54
N ASN C 23 -5.67 21.26 -52.17
CA ASN C 23 -6.22 19.93 -52.38
C ASN C 23 -7.15 19.88 -53.54
N ALA C 24 -7.77 21.02 -53.79
CA ALA C 24 -8.55 21.23 -55.07
C ALA C 24 -8.49 22.71 -55.43
N LYS C 25 -8.21 22.98 -56.71
CA LYS C 25 -8.08 24.37 -57.20
C LYS C 25 -9.48 24.98 -57.46
N GLU C 26 -10.36 24.20 -58.07
CA GLU C 26 -11.63 24.75 -58.52
C GLU C 26 -12.73 23.77 -58.32
N PRO C 27 -13.58 24.04 -57.31
CA PRO C 27 -13.42 25.11 -56.33
C PRO C 27 -12.29 24.97 -55.38
N PHE C 28 -11.98 26.08 -54.76
CA PHE C 28 -10.80 26.20 -53.89
C PHE C 28 -10.97 25.59 -52.48
N ASN C 29 -10.14 24.59 -52.27
CA ASN C 29 -10.14 23.74 -51.07
C ASN C 29 -8.66 23.50 -50.65
N ALA C 30 -8.30 24.11 -49.53
CA ALA C 30 -6.91 24.19 -49.12
C ALA C 30 -6.71 24.33 -47.58
N GLU C 31 -5.50 23.99 -47.17
CA GLU C 31 -5.18 23.84 -45.74
C GLU C 31 -3.73 24.20 -45.54
N PRO C 32 -3.41 24.78 -44.38
CA PRO C 32 -2.03 25.13 -44.10
C PRO C 32 -1.17 23.92 -43.91
N PRO C 33 0.14 24.13 -44.02
CA PRO C 33 1.10 23.06 -43.67
C PRO C 33 0.97 22.85 -42.14
N ARG C 34 0.72 21.61 -41.81
CA ARG C 34 0.85 21.08 -40.47
C ARG C 34 1.73 21.89 -39.46
N SER C 35 2.95 22.19 -39.87
CA SER C 35 3.96 22.83 -38.98
C SER C 35 3.62 24.23 -38.66
N ALA C 36 2.75 24.86 -39.45
CA ALA C 36 2.37 26.26 -39.16
C ALA C 36 1.02 26.36 -38.44
N LEU C 37 0.22 25.30 -38.55
CA LEU C 37 -1.14 25.26 -37.99
C LEU C 37 -1.26 25.65 -36.53
N VAL C 38 -0.22 25.25 -35.78
CA VAL C 38 -0.25 25.13 -34.33
C VAL C 38 0.73 26.12 -33.68
N SER C 39 1.19 27.07 -34.45
CA SER C 39 2.22 28.02 -33.97
C SER C 39 1.58 29.08 -33.12
N SER C 40 0.31 29.28 -33.34
CA SER C 40 -0.42 30.23 -32.52
C SER C 40 -1.84 29.67 -32.21
N TYR C 41 -2.35 30.08 -31.05
CA TYR C 41 -3.66 29.67 -30.56
C TYR C 41 -4.78 30.15 -31.51
N VAL C 42 -4.64 31.42 -31.89
CA VAL C 42 -5.50 32.06 -32.87
C VAL C 42 -4.85 32.00 -34.25
N THR C 43 -5.55 31.33 -35.14
CA THR C 43 -5.09 31.04 -36.49
C THR C 43 -5.13 32.34 -37.36
N PRO C 44 -4.03 32.73 -37.96
CA PRO C 44 -4.08 33.94 -38.79
C PRO C 44 -4.84 33.63 -40.09
N VAL C 45 -5.64 34.61 -40.50
CA VAL C 45 -6.49 34.47 -41.70
C VAL C 45 -5.78 33.88 -42.95
N ASP C 46 -4.58 34.36 -43.17
CA ASP C 46 -3.71 33.92 -44.28
C ASP C 46 -3.61 32.39 -44.32
N LEU C 47 -3.53 31.80 -43.10
CA LEU C 47 -3.31 30.34 -42.88
C LEU C 47 -4.54 29.53 -42.54
N PHE C 48 -5.66 30.21 -42.39
CA PHE C 48 -6.91 29.51 -41.99
C PHE C 48 -7.42 28.77 -43.19
N TYR C 49 -7.79 27.54 -43.00
CA TYR C 49 -8.12 26.70 -44.10
C TYR C 49 -9.36 27.19 -44.85
N LYS C 50 -9.43 26.73 -46.07
CA LYS C 50 -10.34 27.26 -47.03
C LYS C 50 -11.09 26.11 -47.58
N ARG C 51 -12.41 26.14 -47.45
CA ARG C 51 -13.22 25.03 -47.97
C ARG C 51 -14.48 25.62 -48.70
N ASN C 52 -14.54 25.34 -50.00
CA ASN C 52 -15.59 26.00 -50.90
C ASN C 52 -16.14 25.05 -51.90
N HIS C 53 -17.42 25.15 -52.06
CA HIS C 53 -18.14 24.21 -52.95
C HIS C 53 -18.34 24.82 -54.33
N GLY C 54 -18.03 26.10 -54.42
CA GLY C 54 -18.27 26.87 -55.59
C GLY C 54 -17.37 28.12 -55.63
N PRO C 55 -17.53 28.90 -56.72
CA PRO C 55 -16.79 30.14 -56.90
C PRO C 55 -17.15 31.10 -55.79
N ILE C 56 -16.19 31.91 -55.42
CA ILE C 56 -16.31 32.85 -54.31
C ILE C 56 -17.09 34.05 -54.78
N PRO C 57 -18.19 34.36 -54.12
CA PRO C 57 -18.85 35.65 -54.36
C PRO C 57 -18.02 36.89 -54.28
N ILE C 58 -18.42 37.77 -55.18
CA ILE C 58 -17.82 39.10 -55.41
C ILE C 58 -18.90 40.19 -55.14
N VAL C 59 -18.53 41.16 -54.32
CA VAL C 59 -19.36 42.29 -54.01
C VAL C 59 -19.02 43.50 -54.86
N ASP C 60 -19.97 43.98 -55.69
CA ASP C 60 -19.79 45.20 -56.58
C ASP C 60 -20.10 46.53 -55.84
N HIS C 61 -21.08 46.48 -54.92
CA HIS C 61 -21.63 47.62 -54.11
C HIS C 61 -22.06 47.29 -52.65
N LEU C 62 -21.15 47.52 -51.73
CA LEU C 62 -21.36 47.11 -50.31
C LEU C 62 -22.65 47.62 -49.64
N GLN C 63 -22.94 48.91 -49.75
CA GLN C 63 -24.24 49.44 -49.25
C GLN C 63 -25.21 48.96 -50.36
N SER C 64 -26.42 48.56 -50.03
CA SER C 64 -27.24 47.83 -51.04
C SER C 64 -27.08 46.25 -50.99
N TYR C 65 -25.98 45.75 -50.38
CA TYR C 65 -25.97 44.35 -49.87
C TYR C 65 -26.93 44.24 -48.72
N SER C 66 -27.66 43.16 -48.71
CA SER C 66 -28.51 42.86 -47.59
C SER C 66 -28.77 41.32 -47.38
N VAL C 67 -29.08 40.99 -46.14
CA VAL C 67 -29.60 39.70 -45.76
C VAL C 67 -31.09 39.82 -45.62
N THR C 68 -31.84 38.90 -46.24
CA THR C 68 -33.30 38.88 -46.15
C THR C 68 -33.82 37.91 -45.09
N LEU C 69 -34.55 38.42 -44.12
CA LEU C 69 -35.28 37.59 -43.21
C LEU C 69 -36.70 37.28 -43.66
N THR C 70 -36.89 36.05 -44.08
CA THR C 70 -38.15 35.53 -44.62
C THR C 70 -38.65 34.30 -43.89
N GLY C 71 -39.67 33.69 -44.50
CA GLY C 71 -40.37 32.51 -44.04
C GLY C 71 -41.38 32.74 -42.91
N LEU C 72 -41.61 31.70 -42.11
CA LEU C 72 -42.56 31.71 -40.97
C LEU C 72 -42.36 32.78 -39.91
N ILE C 73 -42.44 34.01 -40.43
CA ILE C 73 -42.15 35.25 -39.68
C ILE C 73 -43.25 36.35 -39.90
N GLN C 74 -43.59 37.09 -38.82
CA GLN C 74 -44.65 38.14 -38.89
C GLN C 74 -44.37 39.14 -40.05
N ASN C 75 -43.22 39.79 -39.96
CA ASN C 75 -42.85 40.87 -40.90
C ASN C 75 -41.51 40.68 -41.65
N PRO C 76 -41.58 39.97 -42.79
CA PRO C 76 -40.41 39.73 -43.62
C PRO C 76 -39.65 41.03 -43.92
N ARG C 77 -38.71 41.29 -43.03
CA ARG C 77 -37.79 42.42 -43.10
C ARG C 77 -36.65 42.15 -44.08
N LYS C 78 -35.81 43.13 -44.27
CA LYS C 78 -34.60 42.97 -45.09
C LYS C 78 -33.49 43.85 -44.46
N LEU C 79 -32.41 43.19 -44.02
CA LEU C 79 -31.38 43.75 -43.13
C LEU C 79 -30.08 44.07 -43.84
N PHE C 80 -29.72 45.33 -43.84
CA PHE C 80 -28.50 45.81 -44.53
C PHE C 80 -27.32 45.65 -43.59
N ILE C 81 -26.14 45.73 -44.14
CA ILE C 81 -24.93 45.52 -43.35
C ILE C 81 -24.78 46.51 -42.17
N LYS C 82 -25.21 47.75 -42.42
CA LYS C 82 -25.35 48.88 -41.43
C LYS C 82 -26.18 48.47 -40.20
N ASP C 83 -27.31 47.84 -40.51
CA ASP C 83 -28.28 47.31 -39.54
C ASP C 83 -27.71 46.18 -38.65
N ILE C 84 -26.93 45.32 -39.29
CA ILE C 84 -26.32 44.20 -38.59
C ILE C 84 -25.24 44.72 -37.60
N ARG C 85 -24.45 45.67 -38.07
CA ARG C 85 -23.39 46.34 -37.27
C ARG C 85 -23.91 47.21 -36.12
N SER C 86 -25.17 47.59 -36.18
CA SER C 86 -25.74 48.44 -35.12
C SER C 86 -26.35 47.61 -33.96
N LEU C 87 -26.49 46.30 -34.19
CA LEU C 87 -26.90 45.35 -33.13
C LEU C 87 -25.77 45.17 -32.13
N PRO C 88 -26.05 44.69 -30.96
CA PRO C 88 -24.94 44.53 -29.98
C PRO C 88 -23.86 43.54 -30.56
N LYS C 89 -22.66 44.09 -30.64
CA LYS C 89 -21.51 43.35 -31.08
C LYS C 89 -20.95 42.39 -30.00
N TYR C 90 -20.72 41.14 -30.44
CA TYR C 90 -20.04 40.09 -29.64
C TYR C 90 -18.82 39.57 -30.37
N ASN C 91 -17.84 39.19 -29.56
CA ASN C 91 -16.62 38.52 -30.05
C ASN C 91 -16.57 37.08 -29.48
N VAL C 92 -16.63 36.11 -30.34
CA VAL C 92 -16.64 34.72 -29.92
C VAL C 92 -15.45 34.05 -30.51
N THR C 93 -14.70 33.40 -29.64
CA THR C 93 -13.59 32.59 -30.09
C THR C 93 -14.10 31.21 -30.40
N ALA C 94 -13.89 30.74 -31.61
CA ALA C 94 -14.50 29.47 -32.04
C ALA C 94 -13.74 28.79 -33.13
N THR C 95 -13.54 27.51 -32.95
CA THR C 95 -12.85 26.72 -33.91
C THR C 95 -13.83 26.09 -34.96
N LEU C 96 -13.48 26.27 -36.22
CA LEU C 96 -14.14 25.62 -37.30
C LEU C 96 -13.32 24.44 -37.72
N GLN C 97 -13.90 23.25 -37.69
CA GLN C 97 -13.26 22.09 -38.11
C GLN C 97 -14.16 21.54 -39.18
N CYS C 98 -13.54 21.24 -40.32
CA CYS C 98 -14.24 20.63 -41.42
C CYS C 98 -14.48 19.15 -41.12
N ALA C 99 -15.67 18.70 -41.44
CA ALA C 99 -16.04 17.32 -41.16
C ALA C 99 -15.15 16.43 -41.98
N GLY C 100 -14.58 16.99 -43.06
CA GLY C 100 -13.63 16.23 -43.89
C GLY C 100 -12.18 16.14 -43.35
N ASN C 101 -11.87 16.92 -42.31
CA ASN C 101 -10.49 16.84 -41.65
C ASN C 101 -10.04 15.41 -41.43
N ARG C 102 -8.82 15.19 -41.79
CA ARG C 102 -8.14 13.82 -41.75
C ARG C 102 -8.67 12.69 -42.67
N ARG C 103 -9.39 13.10 -43.70
CA ARG C 103 -10.03 12.12 -44.65
C ARG C 103 -9.01 11.26 -45.38
N THR C 104 -7.88 11.88 -45.77
CA THR C 104 -6.96 11.15 -46.68
C THR C 104 -6.51 9.84 -46.03
N ALA C 105 -6.24 9.92 -44.72
CA ALA C 105 -5.76 8.68 -43.99
C ALA C 105 -6.82 7.64 -43.93
N MET C 106 -8.07 8.01 -43.94
CA MET C 106 -9.15 7.00 -43.99
C MET C 106 -9.25 6.33 -45.35
N SER C 107 -8.87 7.10 -46.37
CA SER C 107 -8.99 6.73 -47.81
C SER C 107 -7.89 5.72 -48.17
N LYS C 108 -6.68 6.00 -47.68
CA LYS C 108 -5.52 5.05 -47.75
C LYS C 108 -5.89 3.62 -47.36
N VAL C 109 -6.79 3.50 -46.43
CA VAL C 109 -7.21 2.16 -46.01
C VAL C 109 -8.27 1.57 -46.91
N ARG C 110 -9.24 2.36 -47.23
CA ARG C 110 -10.29 1.91 -48.17
C ARG C 110 -10.74 3.21 -48.81
N ASN C 111 -10.73 3.20 -50.14
CA ASN C 111 -10.85 4.40 -50.93
C ASN C 111 -12.17 5.17 -50.71
N VAL C 112 -12.01 6.48 -50.46
CA VAL C 112 -13.18 7.40 -50.44
C VAL C 112 -13.11 8.49 -51.53
N ARG C 113 -14.27 8.63 -52.16
CA ARG C 113 -14.48 9.77 -53.06
C ARG C 113 -14.61 11.05 -52.30
N GLY C 114 -13.78 11.98 -52.71
CA GLY C 114 -13.86 13.30 -52.17
C GLY C 114 -12.51 13.95 -52.15
N VAL C 115 -12.55 15.23 -51.86
CA VAL C 115 -11.33 15.99 -51.77
C VAL C 115 -10.52 15.37 -50.58
N GLY C 116 -9.24 15.29 -50.80
CA GLY C 116 -8.31 14.85 -49.81
C GLY C 116 -7.97 15.95 -48.81
N TRP C 117 -7.83 15.55 -47.56
CA TRP C 117 -7.38 16.44 -46.48
C TRP C 117 -6.42 15.67 -45.56
N ASP C 118 -5.43 16.40 -45.11
CA ASP C 118 -4.48 15.89 -44.18
C ASP C 118 -5.15 16.25 -42.77
N VAL C 119 -4.34 16.87 -41.94
CA VAL C 119 -4.58 16.97 -40.51
C VAL C 119 -4.92 18.46 -40.13
N SER C 120 -4.88 19.34 -41.15
CA SER C 120 -5.08 20.77 -41.01
C SER C 120 -6.38 21.43 -41.59
N ALA C 121 -7.45 20.67 -41.81
CA ALA C 121 -8.76 21.23 -42.22
C ALA C 121 -9.50 21.70 -40.98
N ILE C 122 -8.83 22.63 -40.31
CA ILE C 122 -9.26 23.14 -39.00
C ILE C 122 -8.56 24.40 -38.70
N GLY C 123 -9.26 25.27 -37.99
CA GLY C 123 -8.73 26.58 -37.65
C GLY C 123 -9.53 27.22 -36.57
N ASN C 124 -8.83 28.09 -35.86
CA ASN C 124 -9.36 28.79 -34.67
C ASN C 124 -9.31 30.29 -34.88
N ALA C 125 -10.43 30.95 -34.62
CA ALA C 125 -10.50 32.37 -34.84
C ALA C 125 -11.43 33.09 -33.90
N VAL C 126 -11.24 34.40 -33.83
CA VAL C 126 -12.10 35.30 -33.04
C VAL C 126 -13.05 35.93 -34.01
N TRP C 127 -14.31 35.62 -33.81
CA TRP C 127 -15.36 36.00 -34.77
C TRP C 127 -16.04 37.21 -34.16
N GLY C 128 -16.17 38.24 -34.97
CA GLY C 128 -16.91 39.43 -34.56
C GLY C 128 -18.22 39.62 -35.28
N GLY C 129 -19.31 39.70 -34.55
CA GLY C 129 -20.57 40.11 -35.17
C GLY C 129 -21.75 40.20 -34.23
N ALA C 130 -22.90 40.00 -34.81
CA ALA C 130 -24.14 40.09 -34.07
C ALA C 130 -24.64 38.72 -33.69
N LYS C 131 -25.21 38.59 -32.51
CA LYS C 131 -25.86 37.32 -32.19
C LYS C 131 -27.16 37.15 -32.98
N LEU C 132 -27.34 35.98 -33.56
CA LEU C 132 -28.51 35.56 -34.33
C LEU C 132 -29.75 35.57 -33.43
N ALA C 133 -29.63 35.28 -32.15
CA ALA C 133 -30.79 35.35 -31.27
C ALA C 133 -31.35 36.79 -31.28
N ASP C 134 -30.44 37.77 -31.20
CA ASP C 134 -30.77 39.22 -31.17
C ASP C 134 -31.50 39.60 -32.48
N VAL C 135 -30.95 39.14 -33.60
CA VAL C 135 -31.56 39.31 -34.93
C VAL C 135 -32.98 38.71 -35.08
N LEU C 136 -33.22 37.59 -34.41
CA LEU C 136 -34.52 36.92 -34.49
C LEU C 136 -35.59 37.53 -33.54
N GLU C 137 -35.12 37.99 -32.38
CA GLU C 137 -35.87 38.89 -31.45
C GLU C 137 -36.40 40.12 -32.25
N LEU C 138 -35.51 40.71 -33.02
CA LEU C 138 -35.88 41.82 -33.91
C LEU C 138 -37.06 41.51 -34.81
N VAL C 139 -37.35 40.25 -35.07
CA VAL C 139 -38.38 39.91 -36.09
C VAL C 139 -39.53 39.13 -35.43
N GLY C 140 -39.57 39.25 -34.11
CA GLY C 140 -40.75 38.84 -33.36
C GLY C 140 -40.63 37.46 -32.76
N ILE C 141 -39.43 36.88 -32.80
CA ILE C 141 -39.21 35.53 -32.22
C ILE C 141 -38.36 35.68 -30.95
N PRO C 142 -38.97 35.50 -29.77
CA PRO C 142 -38.22 35.82 -28.55
C PRO C 142 -37.12 34.78 -28.26
N LYS C 143 -36.17 35.19 -27.43
CA LYS C 143 -35.11 34.29 -27.02
C LYS C 143 -35.66 32.99 -26.31
N LEU C 144 -34.93 31.91 -26.40
CA LEU C 144 -35.30 30.62 -25.77
C LEU C 144 -36.57 29.92 -26.23
N THR C 145 -36.95 30.26 -27.43
CA THR C 145 -38.02 29.55 -28.15
C THR C 145 -37.60 28.29 -28.91
N ALA C 146 -38.41 27.26 -28.81
CA ALA C 146 -38.23 26.01 -29.53
C ALA C 146 -39.11 25.91 -30.77
N SER C 147 -40.30 26.44 -30.62
CA SER C 147 -41.27 26.55 -31.71
C SER C 147 -42.22 27.71 -31.47
N THR C 148 -42.80 28.21 -32.57
CA THR C 148 -43.71 29.32 -32.53
C THR C 148 -45.11 28.88 -32.99
N ASN C 149 -46.08 29.74 -32.65
CA ASN C 149 -47.49 29.65 -33.07
C ASN C 149 -47.65 29.54 -34.61
N LEU C 150 -46.79 30.24 -35.36
CA LEU C 150 -46.76 30.13 -36.86
C LEU C 150 -46.21 28.81 -37.44
N GLY C 151 -45.76 27.91 -36.56
CA GLY C 151 -45.19 26.60 -36.95
C GLY C 151 -43.67 26.54 -37.18
N ALA C 152 -42.97 27.59 -36.81
CA ALA C 152 -41.50 27.64 -36.98
C ALA C 152 -40.77 26.71 -35.97
N ARG C 153 -39.83 25.93 -36.52
CA ARG C 153 -39.00 24.94 -35.76
C ARG C 153 -37.48 24.95 -36.13
N HIS C 154 -37.15 25.52 -37.28
CA HIS C 154 -35.80 25.56 -37.85
C HIS C 154 -35.47 26.93 -38.51
N VAL C 155 -34.18 27.21 -38.67
CA VAL C 155 -33.67 28.41 -39.28
C VAL C 155 -32.68 28.02 -40.35
N GLU C 156 -32.93 28.39 -41.60
CA GLU C 156 -32.16 27.96 -42.78
C GLU C 156 -31.33 29.16 -43.28
N PHE C 157 -30.04 28.94 -43.53
CA PHE C 157 -29.18 30.00 -43.98
C PHE C 157 -28.90 29.66 -45.35
N VAL C 158 -29.09 30.60 -46.25
CA VAL C 158 -28.95 30.41 -47.71
C VAL C 158 -27.89 31.29 -48.26
N SER C 159 -27.07 30.77 -49.10
CA SER C 159 -25.99 31.58 -49.59
C SER C 159 -26.38 32.35 -50.92
N VAL C 160 -25.43 33.10 -51.40
CA VAL C 160 -25.56 33.60 -52.72
C VAL C 160 -24.64 32.95 -53.75
N ASP C 161 -23.89 31.96 -53.32
CA ASP C 161 -22.97 31.29 -54.23
C ASP C 161 -23.69 30.30 -55.12
N ARG C 162 -22.92 29.66 -55.98
CA ARG C 162 -23.40 28.72 -56.94
C ARG C 162 -22.58 27.42 -56.97
N CYS C 163 -23.31 26.31 -56.71
CA CYS C 163 -22.73 24.98 -56.59
C CYS C 163 -23.17 23.96 -57.63
N LYS C 164 -22.23 23.29 -58.28
CA LYS C 164 -22.57 22.20 -59.23
C LYS C 164 -23.61 21.19 -58.65
N GLU C 165 -23.46 20.81 -57.38
CA GLU C 165 -24.36 19.84 -56.71
C GLU C 165 -25.82 20.28 -56.63
N GLU C 166 -26.00 21.59 -56.52
CA GLU C 166 -27.40 22.17 -56.55
C GLU C 166 -27.76 22.76 -57.97
N ASN C 167 -27.01 22.33 -58.99
CA ASN C 167 -27.26 22.65 -60.37
C ASN C 167 -27.20 24.12 -60.59
N GLY C 168 -26.22 24.74 -59.96
CA GLY C 168 -26.02 26.19 -60.01
C GLY C 168 -26.67 26.99 -58.89
N GLY C 169 -27.48 26.31 -58.08
CA GLY C 169 -28.13 26.91 -56.89
C GLY C 169 -27.15 27.15 -55.71
N PRO C 170 -27.65 27.80 -54.67
CA PRO C 170 -26.83 28.13 -53.48
C PRO C 170 -26.64 27.04 -52.40
N TYR C 171 -25.45 27.09 -51.74
CA TYR C 171 -25.10 26.35 -50.52
C TYR C 171 -26.11 26.81 -49.47
N LYS C 172 -26.64 25.85 -48.71
CA LYS C 172 -27.57 26.09 -47.63
C LYS C 172 -27.21 25.19 -46.43
N ALA C 173 -27.61 25.65 -45.25
CA ALA C 173 -27.67 24.78 -44.04
C ALA C 173 -28.80 25.18 -43.17
N SER C 174 -29.14 24.32 -42.20
CA SER C 174 -30.03 24.79 -41.14
C SER C 174 -29.67 24.31 -39.78
N ILE C 175 -30.22 25.00 -38.80
CA ILE C 175 -30.17 24.60 -37.40
C ILE C 175 -31.52 24.78 -36.73
N THR C 176 -31.73 24.13 -35.56
CA THR C 176 -33.02 24.24 -34.88
C THR C 176 -33.21 25.67 -34.37
N LEU C 177 -34.49 26.03 -34.25
CA LEU C 177 -34.87 27.33 -33.65
C LEU C 177 -34.31 27.46 -32.23
N SER C 178 -34.44 26.37 -31.46
CA SER C 178 -33.81 26.26 -30.11
C SER C 178 -32.35 26.73 -30.12
N GLN C 179 -31.52 26.13 -30.97
CA GLN C 179 -30.09 26.57 -31.01
C GLN C 179 -29.96 28.06 -31.48
N ALA C 180 -30.85 28.45 -32.40
CA ALA C 180 -30.73 29.76 -33.07
C ALA C 180 -31.06 30.88 -32.14
N THR C 181 -31.82 30.52 -31.13
CA THR C 181 -32.55 31.51 -30.36
C THR C 181 -32.05 31.57 -28.93
N ASN C 182 -31.16 30.62 -28.64
CA ASN C 182 -30.41 30.52 -27.37
C ASN C 182 -29.11 31.30 -27.41
N PRO C 183 -29.00 32.41 -26.70
CA PRO C 183 -27.80 33.25 -26.85
C PRO C 183 -26.54 32.61 -26.28
N GLU C 184 -26.73 31.64 -25.39
CA GLU C 184 -25.60 30.87 -24.81
C GLU C 184 -24.92 29.91 -25.89
N ALA C 185 -25.66 29.51 -26.92
CA ALA C 185 -25.08 28.77 -28.08
C ALA C 185 -24.21 29.60 -29.06
N ASP C 186 -24.24 30.91 -28.91
CA ASP C 186 -23.36 31.89 -29.57
C ASP C 186 -23.40 31.83 -31.07
N VAL C 187 -24.55 31.46 -31.64
CA VAL C 187 -24.64 31.48 -33.08
C VAL C 187 -24.52 32.95 -33.47
N LEU C 188 -23.63 33.19 -34.40
CA LEU C 188 -23.20 34.56 -34.73
C LEU C 188 -23.34 34.88 -36.22
N LEU C 189 -23.85 36.08 -36.52
CA LEU C 189 -23.79 36.60 -37.89
C LEU C 189 -22.54 37.41 -37.91
N ALA C 190 -21.48 36.84 -38.42
CA ALA C 190 -20.17 37.45 -38.31
C ALA C 190 -19.79 38.25 -39.52
N TYR C 191 -19.34 39.48 -39.25
CA TYR C 191 -18.79 40.43 -40.28
C TYR C 191 -17.30 40.73 -40.06
N GLU C 192 -16.79 40.17 -38.96
CA GLU C 192 -15.36 40.30 -38.58
C GLU C 192 -14.70 38.99 -38.18
N MET C 193 -13.44 38.87 -38.56
CA MET C 193 -12.60 37.68 -38.29
C MET C 193 -11.18 38.13 -37.92
N ASN C 194 -10.76 37.75 -36.75
CA ASN C 194 -9.44 38.15 -36.13
C ASN C 194 -9.22 39.64 -36.11
N GLY C 195 -10.26 40.37 -35.72
CA GLY C 195 -10.22 41.83 -35.57
C GLY C 195 -10.32 42.67 -36.85
N GLU C 196 -10.10 42.06 -38.02
CA GLU C 196 -10.30 42.72 -39.32
C GLU C 196 -11.66 42.37 -39.93
N THR C 197 -12.00 43.16 -40.90
CA THR C 197 -13.12 42.88 -41.76
C THR C 197 -12.97 41.51 -42.42
N LEU C 198 -14.07 40.81 -42.46
CA LEU C 198 -14.13 39.48 -43.02
C LEU C 198 -13.69 39.54 -44.50
N ASN C 199 -12.84 38.60 -44.88
CA ASN C 199 -12.29 38.47 -46.22
C ASN C 199 -13.24 37.74 -47.15
N ARG C 200 -12.93 37.71 -48.43
CA ARG C 200 -13.86 37.12 -49.42
C ARG C 200 -13.95 35.64 -49.25
N ASP C 201 -12.78 34.97 -49.21
CA ASP C 201 -12.70 33.50 -48.90
C ASP C 201 -13.54 33.05 -47.68
N HIS C 202 -13.67 33.91 -46.70
CA HIS C 202 -14.26 33.56 -45.42
C HIS C 202 -15.63 34.12 -45.22
N GLY C 203 -16.16 34.70 -46.28
CA GLY C 203 -17.60 34.97 -46.37
C GLY C 203 -18.08 36.39 -46.41
N PHE C 204 -17.17 37.29 -46.76
CA PHE C 204 -17.42 38.76 -46.80
C PHE C 204 -18.66 39.04 -47.64
N PRO C 205 -19.60 39.80 -47.16
CA PRO C 205 -19.58 40.64 -45.94
C PRO C 205 -20.14 40.04 -44.69
N LEU C 206 -20.74 38.86 -44.84
CA LEU C 206 -21.47 38.25 -43.73
C LEU C 206 -21.61 36.74 -43.86
N ARG C 207 -21.24 36.08 -42.78
CA ARG C 207 -21.43 34.60 -42.64
C ARG C 207 -22.05 34.26 -41.37
N VAL C 208 -22.71 33.11 -41.30
CA VAL C 208 -23.05 32.52 -40.01
C VAL C 208 -21.84 31.70 -39.48
N VAL C 209 -21.65 31.79 -38.19
CA VAL C 209 -20.75 30.91 -37.51
C VAL C 209 -21.53 30.18 -36.42
N VAL C 210 -21.52 28.85 -36.54
CA VAL C 210 -22.21 27.96 -35.57
C VAL C 210 -21.21 27.19 -34.71
N PRO C 211 -20.88 27.69 -33.53
CA PRO C 211 -19.86 27.08 -32.70
C PRO C 211 -20.23 25.69 -32.19
N GLY C 212 -19.22 24.86 -32.07
CA GLY C 212 -19.40 23.50 -31.63
C GLY C 212 -20.07 22.58 -32.64
N VAL C 213 -20.20 23.06 -33.87
CA VAL C 213 -20.82 22.27 -34.94
C VAL C 213 -19.85 22.18 -36.11
N ILE C 214 -19.97 21.17 -36.91
CA ILE C 214 -19.00 21.01 -37.96
C ILE C 214 -18.96 22.22 -38.89
N GLY C 215 -17.82 22.46 -39.45
CA GLY C 215 -17.65 23.56 -40.38
C GLY C 215 -18.77 23.80 -41.43
N ALA C 216 -19.23 22.72 -42.03
CA ALA C 216 -20.24 22.82 -43.08
C ALA C 216 -21.48 23.62 -42.75
N ARG C 217 -21.81 23.81 -41.51
CA ARG C 217 -23.03 24.51 -41.22
C ARG C 217 -22.82 26.02 -41.12
N SER C 218 -21.59 26.45 -41.04
CA SER C 218 -21.26 27.91 -40.91
C SER C 218 -21.27 28.58 -42.33
N VAL C 219 -22.49 28.82 -42.82
CA VAL C 219 -22.72 29.24 -44.23
C VAL C 219 -22.18 30.58 -44.49
N LYS C 220 -21.41 30.63 -45.54
CA LYS C 220 -20.76 31.89 -45.96
C LYS C 220 -21.59 32.70 -46.97
N TRP C 221 -21.38 34.01 -47.00
CA TRP C 221 -21.95 35.01 -48.00
C TRP C 221 -23.47 34.96 -47.99
N LEU C 222 -24.02 35.29 -46.84
CA LEU C 222 -25.45 35.13 -46.60
C LEU C 222 -26.31 35.91 -47.58
N ASP C 223 -27.29 35.21 -48.12
CA ASP C 223 -28.35 35.84 -48.94
C ASP C 223 -29.59 35.94 -48.13
N SER C 224 -29.95 34.88 -47.41
CA SER C 224 -31.21 34.93 -46.67
C SER C 224 -31.21 34.05 -45.48
N ILE C 225 -32.00 34.46 -44.47
CA ILE C 225 -32.21 33.68 -43.27
C ILE C 225 -33.66 33.35 -43.27
N ASN C 226 -33.92 32.10 -43.47
CA ASN C 226 -35.21 31.59 -43.86
C ASN C 226 -35.80 30.74 -42.70
N VAL C 227 -36.67 31.33 -41.91
CA VAL C 227 -37.33 30.62 -40.80
C VAL C 227 -38.42 29.68 -41.29
N ILE C 228 -38.35 28.39 -40.99
CA ILE C 228 -39.18 27.34 -41.63
C ILE C 228 -39.68 26.25 -40.65
N ALA C 229 -40.61 25.41 -41.11
CA ALA C 229 -41.29 24.46 -40.19
C ALA C 229 -40.51 23.12 -39.96
N GLU C 230 -39.75 22.75 -40.98
CA GLU C 230 -38.99 21.53 -41.00
C GLU C 230 -37.51 21.77 -41.40
N GLU C 231 -36.68 20.79 -41.14
CA GLU C 231 -35.27 21.00 -41.41
C GLU C 231 -35.03 21.31 -42.94
N SER C 232 -33.94 22.02 -43.24
CA SER C 232 -33.60 22.37 -44.60
C SER C 232 -33.47 21.08 -45.41
N GLN C 233 -33.99 21.11 -46.65
CA GLN C 233 -33.90 19.99 -47.62
C GLN C 233 -32.81 20.20 -48.61
N GLY C 234 -31.92 21.10 -48.24
CA GLY C 234 -30.75 21.35 -49.07
C GLY C 234 -29.93 20.12 -49.29
N PHE C 235 -29.24 20.10 -50.40
CA PHE C 235 -28.47 18.94 -50.80
C PHE C 235 -27.48 18.63 -49.72
N PHE C 236 -26.82 19.67 -49.20
CA PHE C 236 -25.71 19.44 -48.21
C PHE C 236 -26.17 19.14 -46.75
N MET C 237 -27.46 19.28 -46.50
CA MET C 237 -28.07 18.77 -45.28
C MET C 237 -28.60 17.34 -45.39
N GLN C 238 -29.00 16.94 -46.59
CA GLN C 238 -29.72 15.64 -46.77
C GLN C 238 -28.90 14.61 -47.50
N LYS C 239 -27.97 14.99 -48.33
CA LYS C 239 -27.26 14.06 -49.21
C LYS C 239 -25.78 14.27 -49.07
N ASP C 240 -25.43 14.72 -47.90
CA ASP C 240 -24.02 14.84 -47.53
C ASP C 240 -23.87 15.09 -45.97
N TYR C 241 -22.62 15.10 -45.50
CA TYR C 241 -22.33 15.48 -44.15
C TYR C 241 -23.14 14.64 -43.14
N LYS C 242 -23.10 13.35 -43.46
CA LYS C 242 -23.71 12.35 -42.61
C LYS C 242 -22.69 11.26 -42.29
N MET C 243 -22.88 10.60 -41.14
CA MET C 243 -21.87 9.59 -40.63
C MET C 243 -22.43 8.25 -40.77
N PHE C 244 -22.04 7.58 -41.87
CA PHE C 244 -22.56 6.20 -42.14
C PHE C 244 -21.65 5.09 -41.56
N PRO C 245 -22.23 3.93 -41.16
CA PRO C 245 -21.38 2.81 -40.71
C PRO C 245 -20.52 2.29 -41.79
N PRO C 246 -19.41 1.61 -41.48
CA PRO C 246 -18.54 1.00 -42.51
C PRO C 246 -19.19 0.03 -43.48
N SER C 247 -20.31 -0.57 -43.14
CA SER C 247 -20.97 -1.54 -44.04
C SER C 247 -21.59 -0.84 -45.29
N VAL C 248 -21.82 0.46 -45.19
CA VAL C 248 -22.52 1.23 -46.20
C VAL C 248 -21.57 1.64 -47.33
N ASN C 249 -21.98 1.35 -48.56
CA ASN C 249 -21.19 1.68 -49.81
C ASN C 249 -22.17 2.30 -50.90
N TRP C 250 -21.60 2.60 -52.07
CA TRP C 250 -22.42 3.28 -53.12
C TRP C 250 -23.57 2.43 -53.71
N ASP C 251 -23.56 1.12 -53.46
CA ASP C 251 -24.64 0.20 -53.88
C ASP C 251 -25.80 0.07 -52.93
N ASN C 252 -25.57 0.40 -51.63
CA ASN C 252 -26.66 0.17 -50.61
C ASN C 252 -27.07 1.40 -49.90
N ILE C 253 -26.32 2.48 -50.12
CA ILE C 253 -26.60 3.75 -49.38
C ILE C 253 -28.03 4.17 -49.46
N ASN C 254 -28.59 4.49 -48.35
CA ASN C 254 -29.83 5.20 -48.27
C ASN C 254 -29.64 6.44 -47.31
N TRP C 255 -29.63 7.62 -47.95
CA TRP C 255 -29.36 8.93 -47.30
C TRP C 255 -30.31 9.25 -46.17
N SER C 256 -31.50 8.72 -46.22
CA SER C 256 -32.42 9.09 -45.15
C SER C 256 -32.25 8.15 -43.94
N SER C 257 -31.33 7.17 -44.05
CA SER C 257 -31.11 6.26 -42.87
C SER C 257 -30.29 6.93 -41.70
N ARG C 258 -29.67 8.06 -41.97
CA ARG C 258 -28.84 8.73 -41.01
C ARG C 258 -29.33 10.15 -40.91
N ARG C 259 -29.22 10.70 -39.72
CA ARG C 259 -29.43 12.13 -39.45
C ARG C 259 -28.25 13.07 -39.77
N PRO C 260 -28.57 14.33 -40.09
CA PRO C 260 -27.50 15.23 -40.51
C PRO C 260 -26.60 15.45 -39.29
N GLN C 261 -25.30 15.43 -39.56
CA GLN C 261 -24.25 15.63 -38.55
C GLN C 261 -24.16 17.09 -38.20
N MET C 262 -24.19 17.34 -36.92
CA MET C 262 -24.04 18.70 -36.39
C MET C 262 -22.87 18.80 -35.43
N ASP C 263 -23.07 18.29 -34.23
CA ASP C 263 -22.00 18.11 -33.25
C ASP C 263 -20.97 17.11 -33.84
N PHE C 264 -19.76 17.13 -33.29
CA PHE C 264 -18.75 16.24 -33.77
C PHE C 264 -17.88 15.75 -32.67
N PRO C 265 -17.17 14.64 -32.85
CA PRO C 265 -16.52 13.99 -31.69
C PRO C 265 -15.04 14.34 -31.48
N VAL C 266 -14.56 13.89 -30.32
CA VAL C 266 -13.23 14.26 -29.80
C VAL C 266 -12.19 13.85 -30.84
N GLN C 267 -11.35 14.79 -31.15
CA GLN C 267 -10.33 14.69 -32.23
C GLN C 267 -8.99 15.21 -31.73
N SER C 268 -7.91 14.63 -32.19
CA SER C 268 -6.56 15.24 -31.98
C SER C 268 -5.61 14.85 -33.09
N ALA C 269 -4.62 15.70 -33.27
CA ALA C 269 -3.51 15.37 -34.15
C ALA C 269 -2.22 16.05 -33.83
N ILE C 270 -1.19 15.28 -34.12
CA ILE C 270 0.18 15.74 -33.98
C ILE C 270 0.56 16.53 -35.22
N CYS C 271 1.00 17.75 -34.98
CA CYS C 271 1.33 18.70 -36.06
C CYS C 271 2.80 19.17 -36.15
N SER C 272 3.61 18.99 -35.12
CA SER C 272 4.98 19.55 -35.10
C SER C 272 5.94 18.61 -35.85
N VAL C 273 5.45 17.49 -36.30
CA VAL C 273 6.19 16.58 -37.09
C VAL C 273 5.31 15.84 -38.07
N GLU C 274 5.95 15.28 -39.08
CA GLU C 274 5.32 14.72 -40.25
C GLU C 274 5.01 13.30 -39.90
N ASP C 275 4.15 12.67 -40.69
CA ASP C 275 3.72 11.31 -40.43
C ASP C 275 4.87 10.30 -40.45
N VAL C 276 5.87 10.65 -41.19
CA VAL C 276 7.10 9.89 -41.28
C VAL C 276 8.20 10.92 -41.33
N GLN C 277 8.95 11.05 -40.25
CA GLN C 277 9.90 12.16 -40.11
C GLN C 277 11.28 11.73 -39.59
N MET C 278 12.31 12.25 -40.24
CA MET C 278 13.72 12.15 -39.83
C MET C 278 14.01 13.07 -38.61
N VAL C 279 14.62 12.49 -37.58
CA VAL C 279 15.19 13.29 -36.47
C VAL C 279 16.59 12.87 -35.97
N LYS C 280 17.28 13.91 -35.49
CA LYS C 280 18.55 13.76 -34.76
C LYS C 280 18.24 13.30 -33.33
N PRO C 281 18.97 12.28 -32.84
CA PRO C 281 18.90 11.92 -31.41
C PRO C 281 18.86 13.09 -30.46
N GLY C 282 18.02 12.90 -29.45
CA GLY C 282 17.81 13.88 -28.43
C GLY C 282 16.35 14.21 -28.17
N LYS C 283 16.16 15.44 -27.76
CA LYS C 283 14.88 15.98 -27.33
C LYS C 283 14.05 16.42 -28.58
N VAL C 284 12.90 15.80 -28.77
CA VAL C 284 11.92 16.27 -29.80
C VAL C 284 10.56 16.76 -29.20
N SER C 285 10.23 17.99 -29.53
CA SER C 285 8.94 18.56 -29.14
C SER C 285 7.70 18.02 -29.97
N ILE C 286 6.84 17.25 -29.31
CA ILE C 286 5.57 16.75 -29.89
C ILE C 286 4.42 17.72 -29.56
N LYS C 287 4.07 18.58 -30.54
CA LYS C 287 3.01 19.60 -30.39
C LYS C 287 1.83 19.36 -31.37
N GLY C 288 0.61 19.63 -30.89
CA GLY C 288 -0.59 19.43 -31.72
C GLY C 288 -1.83 20.11 -31.22
N TYR C 289 -2.98 19.67 -31.77
CA TYR C 289 -4.29 20.20 -31.35
C TYR C 289 -5.21 19.08 -30.94
N ALA C 290 -6.15 19.48 -30.12
CA ALA C 290 -7.25 18.63 -29.71
C ALA C 290 -8.53 19.50 -29.63
N VAL C 291 -9.62 18.93 -30.07
CA VAL C 291 -10.92 19.54 -30.00
C VAL C 291 -12.02 18.50 -29.86
N SER C 292 -13.13 19.01 -29.35
CA SER C 292 -14.39 18.36 -29.39
C SER C 292 -15.50 19.33 -29.72
N GLY C 293 -16.61 18.83 -30.24
CA GLY C 293 -17.73 19.65 -30.57
C GLY C 293 -18.60 19.89 -29.33
N GLY C 294 -19.67 20.65 -29.54
CA GLY C 294 -20.78 20.73 -28.59
C GLY C 294 -20.45 21.51 -27.35
N GLY C 295 -19.37 22.26 -27.39
CA GLY C 295 -18.94 23.06 -26.24
C GLY C 295 -18.23 22.28 -25.15
N ARG C 296 -17.90 21.03 -25.46
CA ARG C 296 -17.08 20.25 -24.54
C ARG C 296 -15.57 20.57 -24.67
N GLY C 297 -14.88 20.64 -23.54
CA GLY C 297 -13.46 20.95 -23.47
C GLY C 297 -12.63 19.68 -23.60
N ILE C 298 -11.31 19.85 -23.50
CA ILE C 298 -10.42 18.68 -23.52
C ILE C 298 -9.79 18.44 -22.11
N GLU C 299 -10.19 17.36 -21.48
CA GLU C 299 -9.81 17.05 -20.07
C GLU C 299 -8.41 16.46 -19.96
N ARG C 300 -7.98 15.87 -21.05
CA ARG C 300 -6.74 15.13 -21.08
C ARG C 300 -6.19 14.86 -22.50
N VAL C 301 -4.89 15.06 -22.68
CA VAL C 301 -4.20 14.56 -23.85
C VAL C 301 -3.12 13.59 -23.45
N ASP C 302 -3.17 12.40 -24.01
CA ASP C 302 -2.25 11.32 -23.71
C ASP C 302 -1.24 11.04 -24.90
N ILE C 303 0.00 10.77 -24.56
CA ILE C 303 1.04 10.47 -25.54
C ILE C 303 1.81 9.23 -25.21
N SER C 304 1.93 8.37 -26.20
CA SER C 304 2.60 7.08 -26.06
C SER C 304 3.78 6.86 -27.02
N LEU C 305 4.85 6.31 -26.50
CA LEU C 305 6.03 5.98 -27.33
C LEU C 305 6.21 4.52 -27.52
N ASP C 306 5.32 3.68 -27.06
CA ASP C 306 5.55 2.21 -27.00
C ASP C 306 4.39 1.41 -27.56
N GLY C 307 3.69 2.00 -28.51
CA GLY C 307 2.64 1.30 -29.24
C GLY C 307 1.38 1.28 -28.47
N GLY C 308 1.25 2.25 -27.56
CA GLY C 308 0.04 2.41 -26.74
C GLY C 308 -0.12 1.48 -25.54
N LYS C 309 0.96 0.85 -25.09
CA LYS C 309 0.99 0.10 -23.80
C LYS C 309 0.90 1.06 -22.60
N ASN C 310 1.66 2.15 -22.72
CA ASN C 310 1.86 3.17 -21.69
C ASN C 310 1.73 4.56 -22.24
N TRP C 311 1.09 5.43 -21.44
CA TRP C 311 0.76 6.80 -21.82
C TRP C 311 1.25 7.74 -20.80
N VAL C 312 1.67 8.90 -21.25
CA VAL C 312 2.13 9.97 -20.45
C VAL C 312 1.35 11.23 -20.88
N GLU C 313 1.14 12.13 -19.98
CA GLU C 313 0.17 13.12 -20.22
C GLU C 313 0.84 14.39 -20.76
N ALA C 314 0.31 14.93 -21.87
CA ALA C 314 0.85 16.17 -22.42
C ALA C 314 0.19 17.32 -21.74
N SER C 315 0.74 18.48 -21.96
CA SER C 315 0.16 19.64 -21.34
C SER C 315 -0.84 20.21 -22.32
N ARG C 316 -1.70 21.06 -21.77
CA ARG C 316 -2.75 21.63 -22.57
C ARG C 316 -3.02 23.14 -22.34
N THR C 317 -3.17 23.89 -23.44
CA THR C 317 -3.14 25.36 -23.38
C THR C 317 -4.10 25.94 -24.35
N GLN C 318 -4.71 27.04 -23.98
CA GLN C 318 -5.48 27.85 -24.93
C GLN C 318 -4.76 29.19 -25.14
N GLU C 319 -5.29 30.30 -24.68
CA GLU C 319 -4.54 31.60 -24.74
C GLU C 319 -3.20 31.42 -24.04
N PRO C 320 -2.10 31.88 -24.62
CA PRO C 320 -0.81 31.67 -23.95
C PRO C 320 -0.73 32.48 -22.64
N GLY C 321 -0.02 31.94 -21.65
CA GLY C 321 0.14 32.55 -20.32
C GLY C 321 -0.91 32.12 -19.28
N LYS C 322 -2.16 32.43 -19.54
CA LYS C 322 -3.34 31.78 -18.91
C LYS C 322 -3.21 30.23 -18.79
N GLN C 323 -3.72 29.71 -17.69
CA GLN C 323 -3.72 28.28 -17.43
C GLN C 323 -5.05 27.71 -17.96
N TYR C 324 -4.95 26.63 -18.74
CA TYR C 324 -6.16 26.00 -19.30
C TYR C 324 -6.86 25.07 -18.29
N ILE C 325 -8.13 25.37 -18.12
CA ILE C 325 -9.00 24.56 -17.34
C ILE C 325 -10.28 24.15 -18.06
N SER C 326 -10.57 22.87 -18.00
CA SER C 326 -11.62 22.30 -18.88
C SER C 326 -13.07 22.64 -18.65
N GLU C 327 -13.73 22.46 -17.56
CA GLU C 327 -15.16 22.94 -17.83
C GLU C 327 -15.27 24.12 -16.88
N HIS C 328 -14.94 25.29 -17.42
CA HIS C 328 -14.54 26.37 -16.58
C HIS C 328 -14.92 27.69 -17.26
N SER C 329 -15.28 28.67 -16.46
CA SER C 329 -15.64 30.01 -16.99
C SER C 329 -14.50 30.71 -17.74
N SER C 330 -13.24 30.50 -17.33
CA SER C 330 -12.04 31.08 -18.04
C SER C 330 -11.72 30.42 -19.41
N SER C 331 -12.20 29.21 -19.63
CA SER C 331 -11.92 28.46 -20.87
C SER C 331 -12.84 28.83 -22.05
N ASP C 332 -12.25 28.72 -23.25
CA ASP C 332 -12.94 29.08 -24.53
C ASP C 332 -13.54 27.78 -25.06
N LYS C 333 -14.77 27.51 -24.68
CA LYS C 333 -15.39 26.20 -24.84
C LYS C 333 -15.67 25.81 -26.29
N TRP C 334 -15.72 26.80 -27.19
CA TRP C 334 -15.90 26.53 -28.64
C TRP C 334 -14.58 26.35 -29.37
N ALA C 335 -13.48 26.38 -28.64
CA ALA C 335 -12.18 26.45 -29.27
C ALA C 335 -11.33 25.19 -29.01
N TRP C 336 -10.43 24.92 -29.94
CA TRP C 336 -9.45 23.90 -29.72
C TRP C 336 -8.55 24.17 -28.54
N VAL C 337 -7.80 23.12 -28.24
CA VAL C 337 -6.79 23.07 -27.16
C VAL C 337 -5.46 22.59 -27.74
N LEU C 338 -4.44 23.39 -27.57
CA LEU C 338 -3.08 23.05 -28.03
C LEU C 338 -2.30 22.22 -26.99
N PHE C 339 -1.75 21.12 -27.45
CA PHE C 339 -1.01 20.22 -26.58
C PHE C 339 0.46 20.22 -26.92
N GLU C 340 1.31 20.07 -25.91
CA GLU C 340 2.76 19.85 -26.10
C GLU C 340 3.31 18.81 -25.07
N ALA C 341 4.21 17.97 -25.55
CA ALA C 341 5.03 17.09 -24.74
C ALA C 341 6.44 16.94 -25.32
N THR C 342 7.45 17.18 -24.49
CA THR C 342 8.85 16.92 -24.87
C THR C 342 9.24 15.45 -24.62
N ILE C 343 9.76 14.81 -25.62
CA ILE C 343 10.14 13.41 -25.46
C ILE C 343 11.61 13.20 -25.85
N ASP C 344 12.11 12.05 -25.40
CA ASP C 344 13.50 11.66 -25.53
C ASP C 344 13.57 10.51 -26.52
N VAL C 345 14.26 10.77 -27.64
CA VAL C 345 14.43 9.77 -28.72
C VAL C 345 15.90 9.41 -28.91
N SER C 346 16.09 8.11 -28.81
CA SER C 346 17.42 7.49 -28.93
C SER C 346 17.42 6.41 -30.01
N GLN C 347 16.25 6.15 -30.55
CA GLN C 347 15.98 4.96 -31.32
C GLN C 347 14.78 5.28 -32.27
N THR C 348 14.54 4.41 -33.27
CA THR C 348 13.36 4.56 -34.13
C THR C 348 12.04 4.28 -33.33
N THR C 349 11.17 5.29 -33.29
CA THR C 349 10.01 5.40 -32.40
C THR C 349 8.67 5.82 -33.07
N GLU C 350 7.70 4.97 -32.91
CA GLU C 350 6.32 5.33 -33.18
C GLU C 350 5.65 6.22 -32.08
N VAL C 351 5.28 7.48 -32.37
CA VAL C 351 4.52 8.26 -31.38
C VAL C 351 3.03 8.35 -31.66
N ILE C 352 2.24 8.15 -30.64
CA ILE C 352 0.75 8.21 -30.75
C ILE C 352 0.14 9.21 -29.81
N ALA C 353 -0.81 10.00 -30.29
CA ALA C 353 -1.55 11.00 -29.44
C ALA C 353 -3.04 10.75 -29.51
N LYS C 354 -3.66 10.79 -28.37
CA LYS C 354 -5.11 10.76 -28.26
C LYS C 354 -5.61 11.66 -27.17
N ALA C 355 -6.83 12.10 -27.33
CA ALA C 355 -7.47 13.07 -26.42
C ALA C 355 -8.74 12.49 -25.86
N VAL C 356 -9.07 13.06 -24.71
CA VAL C 356 -10.30 12.68 -23.99
C VAL C 356 -10.98 13.98 -23.53
N ASP C 357 -12.25 14.10 -23.87
CA ASP C 357 -12.95 15.34 -23.67
C ASP C 357 -13.59 15.41 -22.27
N SER C 358 -14.17 16.55 -21.99
CA SER C 358 -14.81 16.81 -20.66
C SER C 358 -15.89 15.84 -20.27
N ALA C 359 -16.46 15.16 -21.23
CA ALA C 359 -17.51 14.15 -20.96
C ALA C 359 -16.93 12.77 -20.90
N ALA C 360 -15.62 12.72 -20.86
CA ALA C 360 -14.88 11.42 -20.90
C ALA C 360 -15.03 10.61 -22.18
N ASN C 361 -15.46 11.28 -23.26
CA ASN C 361 -15.44 10.63 -24.58
C ASN C 361 -14.05 10.36 -25.01
N VAL C 362 -13.92 9.25 -25.70
CA VAL C 362 -12.64 8.79 -26.29
C VAL C 362 -12.59 8.76 -27.79
N GLN C 363 -11.37 8.68 -28.31
CA GLN C 363 -11.11 8.50 -29.73
C GLN C 363 -11.04 7.01 -30.17
N PRO C 364 -11.60 6.62 -31.31
CA PRO C 364 -11.50 5.19 -31.72
C PRO C 364 -10.03 4.80 -31.98
N GLU C 365 -9.69 3.57 -31.60
CA GLU C 365 -8.26 3.12 -31.77
C GLU C 365 -7.84 3.10 -33.30
N ASN C 366 -8.71 2.47 -34.08
CA ASN C 366 -8.46 2.21 -35.52
C ASN C 366 -9.49 2.82 -36.47
N VAL C 367 -9.03 3.47 -37.52
CA VAL C 367 -9.91 3.92 -38.67
C VAL C 367 -11.00 2.93 -39.08
N GLU C 368 -10.60 1.70 -39.31
CA GLU C 368 -11.54 0.64 -39.70
C GLU C 368 -12.84 0.71 -38.90
N SER C 369 -12.82 1.00 -37.62
CA SER C 369 -14.09 0.89 -36.84
C SER C 369 -15.05 2.06 -37.17
N VAL C 370 -14.47 3.14 -37.67
CA VAL C 370 -15.30 4.34 -37.99
C VAL C 370 -15.31 4.73 -39.47
N TRP C 371 -14.67 3.91 -40.28
CA TRP C 371 -14.63 4.08 -41.73
C TRP C 371 -16.04 4.27 -42.28
N ASN C 372 -16.12 5.31 -43.12
CA ASN C 372 -17.40 5.77 -43.63
C ASN C 372 -17.22 6.31 -45.07
N LEU C 373 -18.23 6.04 -45.85
CA LEU C 373 -18.37 6.44 -47.28
C LEU C 373 -17.95 7.83 -47.71
N ARG C 374 -18.42 8.79 -46.93
CA ARG C 374 -18.10 10.21 -47.11
C ARG C 374 -16.73 10.63 -46.58
N GLY C 375 -16.07 9.73 -45.87
CA GLY C 375 -14.74 10.02 -45.40
C GLY C 375 -14.72 11.16 -44.44
N VAL C 376 -15.75 11.22 -43.61
CA VAL C 376 -15.82 12.30 -42.60
C VAL C 376 -15.48 11.80 -41.16
N LEU C 377 -15.01 12.74 -40.34
CA LEU C 377 -14.87 12.54 -38.89
C LEU C 377 -13.91 11.37 -38.54
N ASN C 378 -12.88 11.27 -39.33
CA ASN C 378 -11.75 10.43 -38.97
C ASN C 378 -11.09 10.90 -37.66
N THR C 379 -11.40 10.20 -36.56
CA THR C 379 -10.81 10.52 -35.26
C THR C 379 -9.97 9.37 -34.62
N SER C 380 -9.65 8.39 -35.42
CA SER C 380 -8.54 7.46 -35.26
C SER C 380 -7.44 8.03 -34.42
N TRP C 381 -6.80 7.20 -33.62
CA TRP C 381 -5.55 7.71 -32.97
C TRP C 381 -4.58 8.06 -34.07
N HIS C 382 -4.13 9.29 -34.00
CA HIS C 382 -3.03 9.72 -34.84
C HIS C 382 -1.66 9.11 -34.47
N ARG C 383 -1.06 8.34 -35.37
CA ARG C 383 0.22 7.69 -35.18
C ARG C 383 1.25 8.31 -36.13
N VAL C 384 2.38 8.73 -35.60
CA VAL C 384 3.50 9.19 -36.42
C VAL C 384 4.73 8.34 -36.16
N LEU C 385 5.65 8.39 -37.12
CA LEU C 385 6.86 7.56 -37.15
C LEU C 385 8.05 8.42 -37.20
N LEU C 386 8.84 8.35 -36.16
CA LEU C 386 10.11 9.07 -36.08
C LEU C 386 11.26 8.09 -36.37
N ARG C 387 12.17 8.56 -37.20
CA ARG C 387 13.28 7.78 -37.77
C ARG C 387 14.58 8.48 -37.50
N LEU C 388 15.62 7.68 -37.32
CA LEU C 388 16.98 8.16 -37.01
C LEU C 388 17.91 8.51 -38.23
N GLY C 389 17.76 9.76 -38.71
CA GLY C 389 18.61 10.39 -39.77
C GLY C 389 19.45 11.59 -39.29
N PRO D 2 -36.64 21.15 11.74
CA PRO D 2 -36.34 19.66 11.53
C PRO D 2 -37.56 18.68 11.37
N GLY D 3 -38.05 18.47 10.11
CA GLY D 3 -39.15 17.45 9.87
C GLY D 3 -38.68 16.04 9.41
N ILE D 4 -37.36 15.90 9.42
CA ILE D 4 -36.66 14.77 8.77
C ILE D 4 -35.34 14.55 9.49
N ARG D 5 -34.96 13.27 9.61
CA ARG D 5 -33.58 13.06 10.08
C ARG D 5 -32.85 12.00 9.28
N GLY D 6 -31.54 12.13 9.36
CA GLY D 6 -30.62 11.19 8.73
C GLY D 6 -30.04 10.22 9.71
N PRO D 7 -30.43 8.95 9.64
CA PRO D 7 -29.96 8.07 10.73
C PRO D 7 -28.46 7.81 10.63
N SER D 8 -27.87 7.36 11.73
CA SER D 8 -26.44 6.99 11.76
C SER D 8 -26.33 5.52 11.82
N GLU D 9 -27.42 4.84 11.68
CA GLU D 9 -27.38 3.37 11.65
C GLU D 9 -28.56 2.85 10.83
N TYR D 10 -28.58 1.54 10.59
CA TYR D 10 -29.47 0.89 9.55
C TYR D 10 -30.72 0.07 10.05
N SER D 11 -31.25 0.48 11.19
CA SER D 11 -32.39 -0.31 11.80
C SER D 11 -33.74 0.01 11.15
N GLN D 12 -33.85 1.17 10.48
CA GLN D 12 -35.16 1.67 9.94
C GLN D 12 -35.17 1.76 8.39
N GLU D 13 -34.38 0.93 7.75
CA GLU D 13 -34.22 0.97 6.30
C GLU D 13 -35.54 0.47 5.66
N PRO D 14 -35.94 1.04 4.52
CA PRO D 14 -37.18 0.62 3.89
C PRO D 14 -37.08 -0.68 3.25
N PRO D 15 -38.19 -1.24 2.84
CA PRO D 15 -38.15 -2.53 2.17
C PRO D 15 -37.77 -2.32 0.74
N ARG D 16 -37.25 -3.36 0.11
CA ARG D 16 -36.98 -3.42 -1.35
C ARG D 16 -37.51 -4.67 -2.08
N HIS D 17 -37.69 -4.58 -3.37
CA HIS D 17 -38.07 -5.78 -4.14
C HIS D 17 -37.04 -6.93 -3.95
N PRO D 18 -37.51 -8.15 -3.70
CA PRO D 18 -36.60 -9.29 -3.51
C PRO D 18 -35.82 -9.74 -4.77
N SER D 19 -36.25 -9.34 -5.97
CA SER D 19 -35.55 -9.77 -7.22
C SER D 19 -34.22 -9.00 -7.46
N LEU D 20 -34.06 -7.96 -6.66
CA LEU D 20 -32.91 -7.09 -6.77
C LEU D 20 -31.63 -7.87 -6.45
N LYS D 21 -30.64 -7.76 -7.33
CA LYS D 21 -29.30 -8.19 -7.06
C LYS D 21 -28.60 -7.16 -6.17
N VAL D 22 -28.30 -7.57 -4.92
CA VAL D 22 -27.66 -6.67 -3.89
C VAL D 22 -26.18 -6.75 -3.97
N ASN D 23 -25.56 -5.59 -4.17
CA ASN D 23 -24.11 -5.48 -4.28
C ASN D 23 -23.45 -5.06 -2.96
N ALA D 24 -24.22 -4.35 -2.16
CA ALA D 24 -23.86 -4.03 -0.76
C ALA D 24 -25.16 -3.86 0.01
N LYS D 25 -25.20 -4.42 1.24
CA LYS D 25 -26.39 -4.29 2.10
C LYS D 25 -26.36 -3.01 2.88
N GLU D 26 -25.21 -2.63 3.42
CA GLU D 26 -25.13 -1.48 4.32
C GLU D 26 -23.87 -0.73 3.96
N PRO D 27 -24.02 0.40 3.25
CA PRO D 27 -25.30 0.98 2.83
C PRO D 27 -25.81 0.22 1.66
N PHE D 28 -27.09 0.50 1.33
CA PHE D 28 -27.82 -0.26 0.33
C PHE D 28 -27.53 0.17 -1.05
N ASN D 29 -27.05 -0.80 -1.79
CA ASN D 29 -26.55 -0.61 -3.16
C ASN D 29 -26.91 -1.85 -3.96
N ALA D 30 -27.82 -1.65 -4.92
CA ALA D 30 -28.47 -2.73 -5.64
C ALA D 30 -28.97 -2.36 -7.00
N GLU D 31 -29.17 -3.39 -7.79
CA GLU D 31 -29.47 -3.22 -9.20
C GLU D 31 -30.36 -4.41 -9.72
N PRO D 32 -31.26 -4.16 -10.66
CA PRO D 32 -32.13 -5.18 -11.13
C PRO D 32 -31.42 -6.24 -11.94
N PRO D 33 -32.02 -7.44 -12.04
CA PRO D 33 -31.46 -8.45 -12.96
C PRO D 33 -31.55 -7.81 -14.35
N ARG D 34 -30.43 -7.87 -14.99
CA ARG D 34 -30.30 -7.68 -16.40
C ARG D 34 -31.58 -7.88 -17.26
N SER D 35 -32.16 -9.08 -17.13
CA SER D 35 -33.29 -9.55 -18.03
C SER D 35 -34.53 -8.78 -17.74
N ALA D 36 -34.66 -8.11 -16.58
CA ALA D 36 -35.84 -7.27 -16.27
C ALA D 36 -35.62 -5.76 -16.62
N LEU D 37 -34.35 -5.34 -16.70
CA LEU D 37 -33.99 -3.92 -16.85
C LEU D 37 -34.67 -3.27 -18.06
N VAL D 38 -34.79 -4.05 -19.09
CA VAL D 38 -35.00 -3.54 -20.43
C VAL D 38 -36.43 -3.97 -20.98
N SER D 39 -37.25 -4.43 -20.07
CA SER D 39 -38.56 -4.97 -20.42
C SER D 39 -39.52 -3.82 -20.72
N SER D 40 -39.22 -2.67 -20.14
CA SER D 40 -40.00 -1.50 -20.38
C SER D 40 -39.09 -0.24 -20.47
N TYR D 41 -39.52 0.72 -21.29
CA TYR D 41 -38.77 1.94 -21.58
C TYR D 41 -38.69 2.84 -20.32
N VAL D 42 -39.79 2.84 -19.56
CA VAL D 42 -39.83 3.48 -18.26
C VAL D 42 -39.67 2.41 -17.20
N THR D 43 -38.63 2.60 -16.39
CA THR D 43 -38.19 1.67 -15.37
C THR D 43 -39.16 1.74 -14.16
N PRO D 44 -39.80 0.62 -13.76
CA PRO D 44 -40.65 0.68 -12.56
C PRO D 44 -39.82 0.91 -11.30
N VAL D 45 -40.34 1.76 -10.43
CA VAL D 45 -39.66 2.09 -9.17
C VAL D 45 -39.07 0.86 -8.41
N ASP D 46 -39.89 -0.17 -8.32
CA ASP D 46 -39.51 -1.45 -7.64
C ASP D 46 -38.14 -1.96 -8.13
N LEU D 47 -37.92 -1.78 -9.44
CA LEU D 47 -36.76 -2.34 -10.17
C LEU D 47 -35.66 -1.27 -10.50
N PHE D 48 -35.90 -0.05 -10.11
CA PHE D 48 -34.98 1.03 -10.41
C PHE D 48 -33.84 0.89 -9.41
N TYR D 49 -32.61 1.00 -9.92
CA TYR D 49 -31.42 0.72 -9.09
C TYR D 49 -31.30 1.68 -7.97
N LYS D 50 -30.63 1.21 -6.94
CA LYS D 50 -30.55 1.93 -5.68
C LYS D 50 -29.12 2.10 -5.37
N ARG D 51 -28.69 3.32 -5.07
CA ARG D 51 -27.33 3.58 -4.78
C ARG D 51 -27.27 4.58 -3.66
N ASN D 52 -26.67 4.15 -2.54
CA ASN D 52 -26.64 4.98 -1.34
C ASN D 52 -25.29 4.90 -0.65
N HIS D 53 -24.87 6.00 -0.10
CA HIS D 53 -23.66 6.14 0.61
C HIS D 53 -23.84 5.99 2.13
N GLY D 54 -25.09 6.06 2.56
CA GLY D 54 -25.45 6.08 3.97
C GLY D 54 -26.83 5.49 4.19
N PRO D 55 -27.21 5.44 5.47
CA PRO D 55 -28.62 5.12 5.80
C PRO D 55 -29.62 6.12 5.23
N ILE D 56 -30.76 5.56 4.88
CA ILE D 56 -31.88 6.31 4.22
C ILE D 56 -32.53 7.20 5.25
N PRO D 57 -32.60 8.49 5.00
CA PRO D 57 -33.43 9.36 5.85
C PRO D 57 -34.91 8.96 5.96
N ILE D 58 -35.38 9.27 7.19
CA ILE D 58 -36.73 8.95 7.66
C ILE D 58 -37.35 10.31 7.96
N VAL D 59 -38.56 10.51 7.42
CA VAL D 59 -39.42 11.68 7.75
C VAL D 59 -40.44 11.36 8.87
N ASP D 60 -40.34 12.08 9.99
CA ASP D 60 -41.34 11.96 11.17
C ASP D 60 -42.61 12.81 11.00
N HIS D 61 -42.45 14.00 10.38
CA HIS D 61 -43.50 15.06 10.17
C HIS D 61 -43.36 15.86 8.82
N LEU D 62 -44.09 15.42 7.82
CA LEU D 62 -43.96 15.94 6.46
C LEU D 62 -44.13 17.47 6.32
N GLN D 63 -45.19 18.04 6.92
CA GLN D 63 -45.34 19.56 6.96
C GLN D 63 -44.31 19.92 8.03
N SER D 64 -43.63 21.05 7.91
CA SER D 64 -42.43 21.26 8.81
C SER D 64 -41.05 20.69 8.18
N TYR D 65 -41.12 19.76 7.22
CA TYR D 65 -39.98 19.53 6.29
C TYR D 65 -39.81 20.77 5.43
N SER D 66 -38.56 21.14 5.24
CA SER D 66 -38.22 22.21 4.31
C SER D 66 -36.80 22.14 3.71
N VAL D 67 -36.67 22.72 2.53
CA VAL D 67 -35.38 23.00 1.90
C VAL D 67 -35.05 24.49 2.15
N THR D 68 -33.84 24.72 2.62
CA THR D 68 -33.31 26.04 2.90
C THR D 68 -32.50 26.62 1.73
N LEU D 69 -32.96 27.74 1.17
CA LEU D 69 -32.12 28.46 0.19
C LEU D 69 -31.24 29.51 0.87
N THR D 70 -29.95 29.23 0.94
CA THR D 70 -28.95 30.11 1.57
C THR D 70 -27.85 30.50 0.60
N GLY D 71 -26.81 31.04 1.23
CA GLY D 71 -25.57 31.47 0.60
C GLY D 71 -25.65 32.83 -0.09
N LEU D 72 -24.82 33.04 -1.11
CA LEU D 72 -24.74 34.30 -1.92
C LEU D 72 -26.06 34.69 -2.62
N ILE D 73 -27.03 34.92 -1.75
CA ILE D 73 -28.42 35.22 -2.12
C ILE D 73 -28.97 36.44 -1.28
N GLN D 74 -29.77 37.31 -1.92
CA GLN D 74 -30.33 38.53 -1.23
C GLN D 74 -31.13 38.16 0.08
N ASN D 75 -32.14 37.31 -0.08
CA ASN D 75 -33.03 36.94 1.05
C ASN D 75 -33.15 35.44 1.29
N PRO D 76 -32.18 34.94 2.09
CA PRO D 76 -32.18 33.55 2.56
C PRO D 76 -33.58 33.08 3.07
N ARG D 77 -34.35 32.61 2.10
CA ARG D 77 -35.68 32.06 2.33
C ARG D 77 -35.62 30.58 2.84
N LYS D 78 -36.77 30.02 3.12
CA LYS D 78 -36.83 28.64 3.54
C LYS D 78 -38.12 28.09 2.94
N LEU D 79 -37.99 27.07 2.09
CA LEU D 79 -39.10 26.55 1.24
C LEU D 79 -39.65 25.24 1.67
N PHE D 80 -40.94 25.23 1.99
CA PHE D 80 -41.66 24.05 2.46
C PHE D 80 -42.12 23.24 1.26
N ILE D 81 -42.47 21.99 1.53
CA ILE D 81 -42.88 21.12 0.47
C ILE D 81 -44.13 21.61 -0.34
N LYS D 82 -45.07 22.23 0.40
CA LYS D 82 -46.28 22.98 -0.15
C LYS D 82 -45.91 24.11 -1.19
N ASP D 83 -44.87 24.85 -0.83
CA ASP D 83 -44.26 25.91 -1.65
C ASP D 83 -43.63 25.37 -2.95
N ILE D 84 -42.97 24.21 -2.84
CA ILE D 84 -42.31 23.61 -4.03
C ILE D 84 -43.37 23.05 -5.02
N ARG D 85 -44.41 22.42 -4.46
CA ARG D 85 -45.57 21.91 -5.23
C ARG D 85 -46.49 23.00 -5.86
N SER D 86 -46.38 24.24 -5.36
CA SER D 86 -47.13 25.40 -5.91
C SER D 86 -46.47 26.07 -7.15
N LEU D 87 -45.17 25.76 -7.34
CA LEU D 87 -44.41 26.26 -8.51
C LEU D 87 -44.89 25.52 -9.73
N PRO D 88 -44.65 26.02 -10.93
CA PRO D 88 -45.10 25.27 -12.10
C PRO D 88 -44.43 23.90 -12.16
N LYS D 89 -45.32 22.93 -12.22
CA LYS D 89 -44.96 21.55 -12.33
C LYS D 89 -44.51 21.16 -13.75
N TYR D 90 -43.37 20.47 -13.81
CA TYR D 90 -42.82 19.84 -15.02
C TYR D 90 -42.59 18.35 -14.86
N ASN D 91 -42.73 17.64 -15.96
CA ASN D 91 -42.51 16.22 -16.03
C ASN D 91 -41.37 15.97 -17.03
N VAL D 92 -40.20 15.51 -16.52
CA VAL D 92 -39.03 15.26 -17.39
C VAL D 92 -38.75 13.79 -17.38
N THR D 93 -38.65 13.23 -18.56
CA THR D 93 -38.21 11.88 -18.68
C THR D 93 -36.65 11.89 -18.75
N ALA D 94 -36.02 11.12 -17.82
CA ALA D 94 -34.54 11.22 -17.68
C ALA D 94 -33.93 10.00 -17.05
N THR D 95 -32.88 9.53 -17.70
CA THR D 95 -32.14 8.38 -17.26
C THR D 95 -31.08 8.79 -16.29
N LEU D 96 -31.08 8.06 -15.14
CA LEU D 96 -29.93 8.18 -14.17
C LEU D 96 -29.10 6.94 -14.44
N GLN D 97 -27.83 7.19 -14.77
CA GLN D 97 -26.80 6.18 -14.88
C GLN D 97 -25.77 6.47 -13.86
N CYS D 98 -25.45 5.43 -13.06
CA CYS D 98 -24.43 5.61 -12.02
C CYS D 98 -23.10 5.55 -12.73
N ALA D 99 -22.21 6.44 -12.30
CA ALA D 99 -20.87 6.46 -12.87
C ALA D 99 -20.19 5.11 -12.63
N GLY D 100 -20.63 4.34 -11.62
CA GLY D 100 -20.14 2.99 -11.32
C GLY D 100 -20.61 1.86 -12.22
N ASN D 101 -21.62 2.12 -13.03
CA ASN D 101 -22.18 1.10 -13.92
C ASN D 101 -21.07 0.39 -14.68
N ARG D 102 -21.17 -0.91 -14.74
CA ARG D 102 -20.22 -1.82 -15.42
C ARG D 102 -18.79 -1.95 -14.75
N ARG D 103 -18.70 -1.59 -13.50
CA ARG D 103 -17.42 -1.55 -12.83
C ARG D 103 -16.81 -2.92 -12.62
N THR D 104 -17.63 -3.90 -12.29
CA THR D 104 -17.11 -5.25 -12.02
C THR D 104 -16.28 -5.76 -13.14
N ALA D 105 -16.70 -5.57 -14.40
CA ALA D 105 -15.90 -6.10 -15.56
C ALA D 105 -14.55 -5.40 -15.69
N MET D 106 -14.50 -4.15 -15.27
CA MET D 106 -13.20 -3.43 -15.24
C MET D 106 -12.21 -4.01 -14.21
N SER D 107 -12.80 -4.46 -13.13
CA SER D 107 -12.10 -4.93 -11.94
C SER D 107 -11.51 -6.26 -12.20
N LYS D 108 -12.26 -7.14 -12.87
CA LYS D 108 -11.80 -8.51 -13.36
C LYS D 108 -10.45 -8.37 -14.04
N VAL D 109 -10.22 -7.24 -14.68
CA VAL D 109 -8.96 -7.05 -15.42
C VAL D 109 -7.87 -6.60 -14.55
N ARG D 110 -8.17 -5.62 -13.80
CA ARG D 110 -7.19 -5.17 -12.78
C ARG D 110 -8.06 -4.62 -11.68
N ASN D 111 -7.75 -5.01 -10.50
CA ASN D 111 -8.67 -4.85 -9.38
C ASN D 111 -8.95 -3.41 -8.96
N VAL D 112 -10.25 -3.18 -8.78
CA VAL D 112 -10.70 -1.87 -8.28
C VAL D 112 -11.48 -1.92 -7.00
N ARG D 113 -11.04 -1.08 -6.12
CA ARG D 113 -11.82 -0.87 -4.86
C ARG D 113 -13.16 -0.23 -5.16
N GLY D 114 -14.14 -0.88 -4.62
CA GLY D 114 -15.45 -0.28 -4.61
C GLY D 114 -16.51 -1.30 -4.88
N VAL D 115 -17.73 -0.83 -4.71
CA VAL D 115 -18.91 -1.64 -4.86
C VAL D 115 -18.95 -2.18 -6.30
N GLY D 116 -19.19 -3.48 -6.42
CA GLY D 116 -19.28 -4.18 -7.69
C GLY D 116 -20.62 -3.84 -8.33
N TRP D 117 -20.63 -3.66 -9.64
CA TRP D 117 -21.84 -3.45 -10.44
C TRP D 117 -21.66 -4.24 -11.72
N ASP D 118 -22.76 -4.82 -12.14
CA ASP D 118 -22.82 -5.44 -13.43
C ASP D 118 -23.29 -4.28 -14.42
N VAL D 119 -24.33 -4.57 -15.19
CA VAL D 119 -24.69 -3.81 -16.40
C VAL D 119 -26.00 -2.93 -16.13
N SER D 120 -26.53 -3.04 -14.93
CA SER D 120 -27.82 -2.47 -14.58
C SER D 120 -27.86 -1.38 -13.52
N ALA D 121 -26.73 -0.70 -13.33
CA ALA D 121 -26.67 0.50 -12.44
C ALA D 121 -27.13 1.71 -13.21
N ILE D 122 -28.37 1.55 -13.67
CA ILE D 122 -28.98 2.49 -14.63
C ILE D 122 -30.49 2.29 -14.65
N GLY D 123 -31.16 3.43 -14.82
CA GLY D 123 -32.62 3.44 -14.81
C GLY D 123 -33.19 4.68 -15.46
N ASN D 124 -34.36 4.46 -16.03
CA ASN D 124 -35.11 5.52 -16.75
C ASN D 124 -36.44 5.80 -16.10
N ALA D 125 -36.67 7.06 -15.80
CA ALA D 125 -37.92 7.38 -15.11
C ALA D 125 -38.47 8.77 -15.55
N VAL D 126 -39.77 8.96 -15.21
CA VAL D 126 -40.45 10.25 -15.43
C VAL D 126 -40.46 10.98 -14.09
N TRP D 127 -39.78 12.09 -14.05
CA TRP D 127 -39.53 12.78 -12.83
C TRP D 127 -40.55 13.93 -12.82
N GLY D 128 -41.22 14.09 -11.70
CA GLY D 128 -42.14 15.20 -11.56
C GLY D 128 -41.72 16.18 -10.51
N GLY D 129 -41.58 17.46 -10.91
CA GLY D 129 -41.37 18.46 -9.88
C GLY D 129 -41.26 19.86 -10.44
N ALA D 130 -40.60 20.69 -9.67
CA ALA D 130 -40.39 22.08 -9.99
C ALA D 130 -39.04 22.31 -10.65
N LYS D 131 -38.97 23.16 -11.68
CA LYS D 131 -37.66 23.56 -12.25
C LYS D 131 -36.91 24.43 -11.25
N LEU D 132 -35.62 24.06 -11.10
CA LEU D 132 -34.67 24.77 -10.23
C LEU D 132 -34.50 26.16 -10.70
N ALA D 133 -34.55 26.39 -12.01
CA ALA D 133 -34.41 27.79 -12.54
C ALA D 133 -35.52 28.70 -11.94
N ASP D 134 -36.75 28.14 -11.89
CA ASP D 134 -37.95 28.82 -11.35
C ASP D 134 -37.68 29.13 -9.85
N VAL D 135 -37.22 28.12 -9.10
CA VAL D 135 -36.91 28.30 -7.65
C VAL D 135 -35.85 29.36 -7.40
N LEU D 136 -34.92 29.52 -8.33
CA LEU D 136 -33.80 30.51 -8.12
C LEU D 136 -34.18 31.98 -8.57
N GLU D 137 -35.03 32.05 -9.58
CA GLU D 137 -35.82 33.25 -9.96
C GLU D 137 -36.57 33.79 -8.70
N LEU D 138 -37.25 32.87 -8.02
CA LEU D 138 -37.93 33.19 -6.75
C LEU D 138 -37.01 33.92 -5.72
N VAL D 139 -35.71 33.74 -5.82
CA VAL D 139 -34.81 34.28 -4.75
C VAL D 139 -33.88 35.34 -5.30
N GLY D 140 -34.25 35.82 -6.49
CA GLY D 140 -33.62 37.03 -7.03
C GLY D 140 -32.53 36.76 -8.07
N ILE D 141 -32.45 35.51 -8.53
CA ILE D 141 -31.46 35.16 -9.56
C ILE D 141 -32.19 34.85 -10.84
N PRO D 142 -32.06 35.71 -11.85
CA PRO D 142 -32.86 35.52 -13.04
C PRO D 142 -32.38 34.35 -13.87
N LYS D 143 -33.28 33.90 -14.75
CA LYS D 143 -32.92 32.86 -15.70
C LYS D 143 -31.72 33.26 -16.59
N LEU D 144 -30.98 32.27 -17.08
CA LEU D 144 -29.82 32.45 -17.99
C LEU D 144 -28.64 33.29 -17.47
N THR D 145 -28.52 33.35 -16.15
CA THR D 145 -27.32 33.91 -15.47
C THR D 145 -26.17 32.91 -15.27
N ALA D 146 -24.95 33.40 -15.52
CA ALA D 146 -23.70 32.63 -15.31
C ALA D 146 -23.04 33.03 -13.99
N SER D 147 -23.12 34.32 -13.69
CA SER D 147 -22.65 34.83 -12.38
C SER D 147 -23.46 36.04 -12.00
N THR D 148 -23.45 36.34 -10.70
CA THR D 148 -24.17 37.50 -10.15
C THR D 148 -23.19 38.46 -9.53
N ASN D 149 -23.69 39.70 -9.34
CA ASN D 149 -22.98 40.83 -8.65
C ASN D 149 -22.49 40.43 -7.23
N LEU D 150 -23.26 39.58 -6.53
CA LEU D 150 -22.85 39.02 -5.19
C LEU D 150 -21.71 37.96 -5.25
N GLY D 151 -21.24 37.63 -6.45
CA GLY D 151 -20.14 36.66 -6.63
C GLY D 151 -20.53 35.16 -6.82
N ALA D 152 -21.83 34.92 -7.00
CA ALA D 152 -22.37 33.56 -7.16
C ALA D 152 -22.02 32.99 -8.55
N ARG D 153 -21.56 31.72 -8.54
CA ARG D 153 -21.11 30.99 -9.76
C ARG D 153 -21.51 29.52 -9.79
N HIS D 154 -21.91 29.01 -8.62
CA HIS D 154 -22.25 27.59 -8.41
C HIS D 154 -23.44 27.42 -7.49
N VAL D 155 -24.12 26.27 -7.61
CA VAL D 155 -25.19 25.91 -6.75
C VAL D 155 -24.90 24.54 -6.12
N GLU D 156 -24.87 24.46 -4.77
CA GLU D 156 -24.52 23.26 -3.99
C GLU D 156 -25.75 22.65 -3.38
N PHE D 157 -25.95 21.36 -3.56
CA PHE D 157 -27.13 20.69 -3.06
C PHE D 157 -26.53 19.93 -1.91
N VAL D 158 -27.11 20.10 -0.71
CA VAL D 158 -26.68 19.40 0.51
C VAL D 158 -27.78 18.47 1.08
N SER D 159 -27.47 17.28 1.49
CA SER D 159 -28.48 16.33 1.89
C SER D 159 -28.55 16.36 3.37
N VAL D 160 -29.45 15.55 3.85
CA VAL D 160 -29.61 15.43 5.29
C VAL D 160 -29.01 14.14 5.76
N ASP D 161 -28.55 13.33 4.83
CA ASP D 161 -28.12 11.99 5.25
C ASP D 161 -26.78 12.09 5.92
N ARG D 162 -26.25 10.88 6.22
CA ARG D 162 -25.02 10.69 7.01
C ARG D 162 -24.10 9.66 6.38
N CYS D 163 -22.92 10.14 5.95
CA CYS D 163 -21.94 9.34 5.24
C CYS D 163 -20.52 9.11 5.89
N LYS D 164 -20.12 7.84 6.02
CA LYS D 164 -18.81 7.52 6.71
C LYS D 164 -17.63 8.33 6.13
N GLU D 165 -17.66 8.51 4.80
CA GLU D 165 -16.65 9.34 4.08
C GLU D 165 -16.62 10.79 4.48
N GLU D 166 -17.72 11.36 4.95
CA GLU D 166 -17.67 12.72 5.47
C GLU D 166 -17.75 12.78 7.02
N ASN D 167 -17.43 11.62 7.60
CA ASN D 167 -17.28 11.41 9.10
C ASN D 167 -18.61 11.70 9.82
N GLY D 168 -19.71 11.21 9.17
CA GLY D 168 -21.06 11.42 9.67
C GLY D 168 -21.75 12.63 9.04
N GLY D 169 -21.04 13.41 8.18
CA GLY D 169 -21.65 14.60 7.47
C GLY D 169 -22.45 14.20 6.21
N PRO D 170 -23.14 15.16 5.59
CA PRO D 170 -24.04 14.87 4.47
C PRO D 170 -23.34 14.70 3.08
N TYR D 171 -24.02 13.94 2.23
CA TYR D 171 -23.76 13.85 0.82
C TYR D 171 -24.03 15.22 0.27
N LYS D 172 -23.19 15.67 -0.68
CA LYS D 172 -23.30 16.98 -1.34
C LYS D 172 -22.88 16.86 -2.80
N ALA D 173 -23.44 17.74 -3.64
CA ALA D 173 -22.91 17.93 -4.99
C ALA D 173 -23.11 19.38 -5.41
N SER D 174 -22.49 19.74 -6.51
CA SER D 174 -22.84 21.01 -7.09
C SER D 174 -22.77 21.04 -8.58
N ILE D 175 -23.44 22.09 -9.11
CA ILE D 175 -23.47 22.41 -10.55
C ILE D 175 -23.30 23.84 -10.75
N THR D 176 -22.92 24.26 -11.95
CA THR D 176 -22.73 25.69 -12.23
C THR D 176 -24.06 26.42 -12.15
N LEU D 177 -23.98 27.71 -11.79
CA LEU D 177 -25.14 28.63 -11.89
C LEU D 177 -25.79 28.59 -13.34
N SER D 178 -24.94 28.67 -14.37
CA SER D 178 -25.38 28.52 -15.78
C SER D 178 -26.30 27.34 -15.92
N GLN D 179 -25.84 26.12 -15.54
CA GLN D 179 -26.72 24.96 -15.73
C GLN D 179 -28.03 25.10 -14.87
N ALA D 180 -27.84 25.69 -13.71
CA ALA D 180 -28.90 25.72 -12.68
C ALA D 180 -30.10 26.56 -13.09
N THR D 181 -29.78 27.51 -13.93
CA THR D 181 -30.55 28.70 -14.11
C THR D 181 -31.05 28.72 -15.57
N ASN D 182 -30.60 27.75 -16.35
CA ASN D 182 -31.06 27.49 -17.72
C ASN D 182 -32.19 26.49 -17.73
N PRO D 183 -33.42 26.90 -18.01
CA PRO D 183 -34.55 25.94 -17.89
C PRO D 183 -34.55 24.91 -18.99
N GLU D 184 -33.78 25.14 -20.05
CA GLU D 184 -33.62 24.11 -21.07
C GLU D 184 -32.71 22.88 -20.67
N ALA D 185 -31.89 23.07 -19.63
CA ALA D 185 -31.11 21.98 -18.96
C ALA D 185 -31.95 21.10 -17.96
N ASP D 186 -33.18 21.56 -17.65
CA ASP D 186 -34.22 20.72 -16.97
C ASP D 186 -33.86 20.26 -15.57
N VAL D 187 -32.99 21.03 -14.91
CA VAL D 187 -32.63 20.64 -13.56
C VAL D 187 -33.91 20.73 -12.80
N LEU D 188 -34.23 19.68 -12.07
CA LEU D 188 -35.51 19.55 -11.42
C LEU D 188 -35.39 19.31 -9.94
N LEU D 189 -36.21 19.99 -9.14
CA LEU D 189 -36.40 19.61 -7.73
C LEU D 189 -37.59 18.64 -7.72
N ALA D 190 -37.34 17.35 -7.76
CA ALA D 190 -38.41 16.38 -8.00
C ALA D 190 -38.98 15.78 -6.70
N TYR D 191 -40.33 15.81 -6.63
CA TYR D 191 -41.12 15.27 -5.51
C TYR D 191 -41.97 14.11 -6.00
N GLU D 192 -41.91 13.83 -7.30
CA GLU D 192 -42.61 12.70 -7.93
C GLU D 192 -41.69 11.87 -8.84
N MET D 193 -41.95 10.54 -8.89
CA MET D 193 -41.23 9.58 -9.72
C MET D 193 -42.22 8.54 -10.29
N ASN D 194 -42.23 8.43 -11.62
CA ASN D 194 -43.19 7.56 -12.34
C ASN D 194 -44.68 7.76 -11.93
N GLY D 195 -45.06 9.03 -11.77
CA GLY D 195 -46.43 9.40 -11.46
C GLY D 195 -46.88 9.28 -9.98
N GLU D 196 -46.11 8.54 -9.17
CA GLU D 196 -46.36 8.46 -7.70
C GLU D 196 -45.42 9.39 -6.92
N THR D 197 -45.81 9.62 -5.68
CA THR D 197 -44.93 10.29 -4.74
C THR D 197 -43.59 9.54 -4.66
N LEU D 198 -42.58 10.36 -4.59
CA LEU D 198 -41.22 9.89 -4.44
C LEU D 198 -41.08 8.99 -3.17
N ASN D 199 -40.51 7.82 -3.39
CA ASN D 199 -40.15 6.83 -2.34
C ASN D 199 -39.02 7.28 -1.41
N ARG D 200 -38.82 6.52 -0.36
CA ARG D 200 -37.71 6.83 0.56
C ARG D 200 -36.29 6.59 -0.08
N ASP D 201 -36.13 5.36 -0.61
CA ASP D 201 -34.94 4.99 -1.35
C ASP D 201 -34.51 6.04 -2.42
N HIS D 202 -35.47 6.73 -3.03
CA HIS D 202 -35.18 7.65 -4.15
C HIS D 202 -35.25 9.11 -3.81
N GLY D 203 -35.32 9.36 -2.52
CA GLY D 203 -35.10 10.70 -2.02
C GLY D 203 -36.24 11.46 -1.41
N PHE D 204 -37.32 10.76 -1.02
CA PHE D 204 -38.55 11.39 -0.46
C PHE D 204 -38.16 12.25 0.70
N PRO D 205 -38.63 13.48 0.79
CA PRO D 205 -39.70 14.12 -0.03
C PRO D 205 -39.26 14.90 -1.25
N LEU D 206 -37.96 15.08 -1.35
CA LEU D 206 -37.42 15.97 -2.39
C LEU D 206 -35.95 15.61 -2.72
N ARG D 207 -35.71 15.43 -4.03
CA ARG D 207 -34.32 15.28 -4.56
C ARG D 207 -34.10 16.24 -5.68
N VAL D 208 -32.83 16.56 -5.98
CA VAL D 208 -32.47 17.13 -7.33
C VAL D 208 -32.35 16.02 -8.34
N VAL D 209 -32.75 16.30 -9.53
CA VAL D 209 -32.40 15.45 -10.67
C VAL D 209 -31.71 16.31 -11.69
N VAL D 210 -30.47 15.91 -12.06
CA VAL D 210 -29.65 16.62 -13.08
C VAL D 210 -29.50 15.85 -14.35
N PRO D 211 -30.33 16.07 -15.34
CA PRO D 211 -30.30 15.20 -16.52
C PRO D 211 -29.06 15.36 -17.31
N GLY D 212 -28.71 14.30 -18.01
CA GLY D 212 -27.51 14.25 -18.86
C GLY D 212 -26.24 14.31 -18.00
N VAL D 213 -26.33 14.14 -16.70
CA VAL D 213 -25.18 14.15 -15.82
C VAL D 213 -25.16 12.85 -14.97
N ILE D 214 -23.99 12.45 -14.51
CA ILE D 214 -23.93 11.12 -13.90
C ILE D 214 -24.83 11.15 -12.69
N GLY D 215 -25.34 9.94 -12.37
CA GLY D 215 -26.19 9.78 -11.19
C GLY D 215 -25.73 10.48 -9.94
N ALA D 216 -24.45 10.38 -9.63
CA ALA D 216 -23.92 11.01 -8.35
C ALA D 216 -24.36 12.45 -8.05
N ARG D 217 -24.71 13.19 -9.08
CA ARG D 217 -24.94 14.62 -8.83
C ARG D 217 -26.42 14.85 -8.40
N SER D 218 -27.30 13.91 -8.72
CA SER D 218 -28.74 14.07 -8.42
C SER D 218 -29.01 13.77 -6.90
N VAL D 219 -28.67 14.75 -6.11
CA VAL D 219 -28.64 14.56 -4.70
C VAL D 219 -30.06 14.27 -4.11
N LYS D 220 -30.15 13.25 -3.25
CA LYS D 220 -31.39 12.87 -2.63
C LYS D 220 -31.56 13.45 -1.20
N TRP D 221 -32.86 13.62 -0.81
CA TRP D 221 -33.28 14.07 0.52
C TRP D 221 -32.69 15.43 0.81
N LEU D 222 -33.11 16.42 0.07
CA LEU D 222 -32.51 17.74 0.15
C LEU D 222 -32.67 18.34 1.52
N ASP D 223 -31.59 18.89 2.05
CA ASP D 223 -31.62 19.76 3.25
C ASP D 223 -31.39 21.20 2.86
N SER D 224 -30.49 21.48 1.91
CA SER D 224 -30.25 22.91 1.60
C SER D 224 -29.75 23.10 0.20
N ILE D 225 -30.09 24.22 -0.40
CA ILE D 225 -29.64 24.60 -1.73
C ILE D 225 -28.86 25.89 -1.53
N ASN D 226 -27.57 25.75 -1.74
CA ASN D 226 -26.55 26.61 -1.15
C ASN D 226 -25.83 27.31 -2.30
N VAL D 227 -26.25 28.54 -2.60
CA VAL D 227 -25.62 29.31 -3.70
C VAL D 227 -24.26 29.91 -3.33
N ILE D 228 -23.19 29.59 -4.08
CA ILE D 228 -21.79 29.85 -3.60
C ILE D 228 -20.91 30.32 -4.69
N ALA D 229 -19.72 30.79 -4.33
CA ALA D 229 -18.80 31.45 -5.30
C ALA D 229 -17.92 30.48 -6.13
N GLU D 230 -17.63 29.36 -5.50
CA GLU D 230 -16.78 28.31 -6.05
C GLU D 230 -17.42 26.94 -6.01
N GLU D 231 -16.85 26.00 -6.75
CA GLU D 231 -17.47 24.67 -6.74
C GLU D 231 -17.50 24.02 -5.32
N SER D 232 -18.46 23.16 -5.12
CA SER D 232 -18.54 22.49 -3.83
C SER D 232 -17.23 21.74 -3.51
N GLN D 233 -16.81 21.84 -2.26
CA GLN D 233 -15.62 21.18 -1.73
C GLN D 233 -15.97 19.83 -1.08
N GLY D 234 -17.15 19.41 -1.37
CA GLY D 234 -17.59 18.15 -0.78
C GLY D 234 -16.70 16.97 -1.16
N PHE D 235 -16.67 15.96 -0.30
CA PHE D 235 -15.79 14.79 -0.55
C PHE D 235 -16.12 14.19 -1.91
N PHE D 236 -17.40 14.08 -2.20
CA PHE D 236 -17.81 13.37 -3.42
C PHE D 236 -17.70 14.18 -4.75
N MET D 237 -17.42 15.47 -4.62
CA MET D 237 -17.04 16.27 -5.81
C MET D 237 -15.54 16.35 -6.00
N GLN D 238 -14.76 16.29 -4.89
CA GLN D 238 -13.28 16.53 -4.98
C GLN D 238 -12.42 15.27 -4.91
N LYS D 239 -12.87 14.24 -4.14
CA LYS D 239 -12.07 13.02 -3.85
C LYS D 239 -12.81 11.78 -4.34
N ASP D 240 -13.62 11.97 -5.36
CA ASP D 240 -14.35 10.86 -5.99
C ASP D 240 -14.98 11.29 -7.31
N TYR D 241 -15.57 10.33 -8.00
CA TYR D 241 -16.34 10.59 -9.27
C TYR D 241 -15.53 11.48 -10.24
N LYS D 242 -14.30 11.03 -10.41
CA LYS D 242 -13.40 11.62 -11.36
C LYS D 242 -12.79 10.48 -12.23
N MET D 243 -12.41 10.86 -13.43
CA MET D 243 -11.93 9.86 -14.44
C MET D 243 -10.47 9.97 -14.64
N PHE D 244 -9.74 9.14 -13.95
CA PHE D 244 -8.25 9.15 -14.06
C PHE D 244 -7.75 8.21 -15.14
N PRO D 245 -6.60 8.54 -15.72
CA PRO D 245 -5.96 7.67 -16.73
C PRO D 245 -5.46 6.36 -16.11
N PRO D 246 -5.32 5.29 -16.88
CA PRO D 246 -4.83 3.99 -16.39
C PRO D 246 -3.50 3.99 -15.62
N SER D 247 -2.61 4.96 -15.85
CA SER D 247 -1.31 5.00 -15.15
C SER D 247 -1.47 5.32 -13.60
N VAL D 248 -2.61 5.87 -13.24
CA VAL D 248 -2.85 6.37 -11.91
C VAL D 248 -3.29 5.25 -10.97
N ASN D 249 -2.60 5.18 -9.84
CA ASN D 249 -2.90 4.17 -8.78
C ASN D 249 -2.93 4.80 -7.39
N TRP D 250 -3.07 3.96 -6.35
CA TRP D 250 -3.12 4.62 -4.97
C TRP D 250 -1.84 5.21 -4.44
N ASP D 251 -0.71 4.87 -5.02
CA ASP D 251 0.57 5.52 -4.65
C ASP D 251 0.86 6.86 -5.32
N ASN D 252 0.24 7.13 -6.49
CA ASN D 252 0.61 8.40 -7.24
C ASN D 252 -0.56 9.38 -7.41
N ILE D 253 -1.74 8.91 -7.01
CA ILE D 253 -2.95 9.69 -7.20
C ILE D 253 -2.84 11.09 -6.63
N ASN D 254 -3.16 12.05 -7.46
CA ASN D 254 -3.41 13.46 -7.05
C ASN D 254 -4.80 13.87 -7.48
N TRP D 255 -5.72 13.93 -6.53
CA TRP D 255 -7.17 14.25 -6.77
C TRP D 255 -7.42 15.57 -7.49
N SER D 256 -6.52 16.52 -7.29
CA SER D 256 -6.76 17.82 -7.94
C SER D 256 -6.27 17.77 -9.42
N SER D 257 -5.69 16.65 -9.90
CA SER D 257 -5.21 16.69 -11.27
C SER D 257 -6.33 16.44 -12.32
N ARG D 258 -7.50 16.07 -11.85
CA ARG D 258 -8.62 15.86 -12.68
C ARG D 258 -9.79 16.67 -12.18
N ARG D 259 -10.61 17.08 -13.13
CA ARG D 259 -11.86 17.75 -12.90
C ARG D 259 -13.04 16.81 -12.58
N PRO D 260 -13.98 17.33 -11.83
CA PRO D 260 -15.14 16.55 -11.45
C PRO D 260 -15.90 16.12 -12.70
N GLN D 261 -16.28 14.86 -12.76
CA GLN D 261 -17.03 14.33 -13.85
C GLN D 261 -18.50 14.69 -13.70
N MET D 262 -19.05 15.19 -14.80
CA MET D 262 -20.46 15.61 -14.85
C MET D 262 -21.20 14.90 -16.01
N ASP D 263 -20.90 15.35 -17.23
CA ASP D 263 -21.36 14.67 -18.43
C ASP D 263 -20.68 13.26 -18.46
N PHE D 264 -21.21 12.37 -19.27
CA PHE D 264 -20.72 11.07 -19.36
C PHE D 264 -20.76 10.56 -20.75
N PRO D 265 -19.98 9.52 -21.13
CA PRO D 265 -19.88 9.15 -22.54
C PRO D 265 -20.73 7.99 -22.98
N VAL D 266 -20.70 7.75 -24.27
CA VAL D 266 -21.62 6.88 -24.87
C VAL D 266 -21.38 5.47 -24.37
N GLN D 267 -22.48 4.84 -23.99
CA GLN D 267 -22.53 3.54 -23.27
C GLN D 267 -23.57 2.62 -23.91
N SER D 268 -23.27 1.34 -23.99
CA SER D 268 -24.35 0.33 -24.28
C SER D 268 -24.05 -1.04 -23.63
N ALA D 269 -25.13 -1.75 -23.39
CA ALA D 269 -25.01 -3.11 -22.93
C ALA D 269 -26.16 -3.99 -23.35
N ILE D 270 -25.77 -5.24 -23.63
CA ILE D 270 -26.68 -6.32 -23.96
C ILE D 270 -27.24 -6.87 -22.67
N CYS D 271 -28.57 -6.86 -22.57
CA CYS D 271 -29.32 -7.26 -21.36
C CYS D 271 -30.22 -8.50 -21.43
N SER D 272 -30.55 -8.93 -22.65
CA SER D 272 -31.56 -10.00 -22.82
C SER D 272 -30.94 -11.41 -22.58
N VAL D 273 -29.61 -11.41 -22.49
CA VAL D 273 -28.84 -12.60 -22.25
C VAL D 273 -27.61 -12.28 -21.35
N GLU D 274 -27.12 -13.35 -20.77
CA GLU D 274 -26.11 -13.30 -19.72
C GLU D 274 -24.79 -13.26 -20.42
N ASP D 275 -23.74 -12.92 -19.70
CA ASP D 275 -22.41 -12.80 -20.29
C ASP D 275 -21.90 -14.08 -20.89
N VAL D 276 -22.37 -15.17 -20.31
CA VAL D 276 -22.08 -16.55 -20.80
C VAL D 276 -23.41 -17.26 -20.69
N GLN D 277 -24.03 -17.59 -21.83
CA GLN D 277 -25.42 -18.08 -21.86
C GLN D 277 -25.67 -19.29 -22.80
N MET D 278 -26.34 -20.30 -22.27
CA MET D 278 -26.78 -21.49 -23.04
C MET D 278 -27.99 -21.12 -23.89
N VAL D 279 -27.92 -21.46 -25.17
CA VAL D 279 -29.11 -21.37 -26.03
C VAL D 279 -29.36 -22.60 -27.00
N LYS D 280 -30.65 -22.80 -27.25
CA LYS D 280 -31.13 -23.73 -28.33
C LYS D 280 -30.94 -23.10 -29.69
N PRO D 281 -30.37 -23.86 -30.63
CA PRO D 281 -30.32 -23.41 -32.04
C PRO D 281 -31.59 -22.72 -32.47
N GLY D 282 -31.38 -21.67 -33.26
CA GLY D 282 -32.42 -20.89 -33.87
C GLY D 282 -32.26 -19.39 -33.64
N LYS D 283 -33.42 -18.77 -33.54
CA LYS D 283 -33.57 -17.31 -33.44
C LYS D 283 -33.37 -16.91 -31.98
N VAL D 284 -32.35 -16.08 -31.74
CA VAL D 284 -32.21 -15.43 -30.41
C VAL D 284 -32.31 -13.85 -30.45
N SER D 285 -33.22 -13.34 -29.65
CA SER D 285 -33.42 -11.90 -29.48
C SER D 285 -32.28 -11.21 -28.64
N ILE D 286 -31.47 -10.36 -29.30
CA ILE D 286 -30.45 -9.54 -28.60
C ILE D 286 -30.95 -8.13 -28.28
N LYS D 287 -31.36 -7.91 -27.06
CA LYS D 287 -32.00 -6.64 -26.65
C LYS D 287 -31.12 -5.97 -25.53
N GLY D 288 -31.02 -4.64 -25.60
CA GLY D 288 -30.30 -3.91 -24.60
C GLY D 288 -30.60 -2.41 -24.52
N TYR D 289 -29.69 -1.66 -23.88
CA TYR D 289 -29.80 -0.22 -23.79
C TYR D 289 -28.59 0.44 -24.29
N ALA D 290 -28.78 1.74 -24.62
CA ALA D 290 -27.73 2.64 -25.07
C ALA D 290 -28.08 4.01 -24.56
N VAL D 291 -27.05 4.73 -24.09
CA VAL D 291 -27.21 6.08 -23.66
C VAL D 291 -25.94 6.84 -23.84
N SER D 292 -26.12 8.15 -23.81
CA SER D 292 -25.09 9.13 -23.71
C SER D 292 -25.50 10.30 -22.84
N GLY D 293 -24.55 10.99 -22.29
CA GLY D 293 -24.85 12.10 -21.44
C GLY D 293 -25.09 13.41 -22.25
N GLY D 294 -25.31 14.47 -21.49
CA GLY D 294 -25.22 15.81 -22.04
C GLY D 294 -26.36 16.11 -23.06
N GLY D 295 -27.39 15.34 -23.05
CA GLY D 295 -28.53 15.57 -23.94
C GLY D 295 -28.31 15.02 -25.34
N ARG D 296 -27.26 14.27 -25.53
CA ARG D 296 -27.02 13.69 -26.86
C ARG D 296 -27.77 12.34 -27.01
N GLY D 297 -28.30 12.06 -28.20
CA GLY D 297 -29.12 10.89 -28.44
C GLY D 297 -28.23 9.82 -29.00
N ILE D 298 -28.84 8.72 -29.44
CA ILE D 298 -28.10 7.59 -29.97
C ILE D 298 -28.45 7.40 -31.45
N GLU D 299 -27.48 7.66 -32.31
CA GLU D 299 -27.68 7.72 -33.74
C GLU D 299 -27.69 6.37 -34.34
N ARG D 300 -26.95 5.48 -33.72
CA ARG D 300 -26.75 4.10 -34.24
C ARG D 300 -26.37 3.10 -33.10
N VAL D 301 -26.92 1.87 -33.16
CA VAL D 301 -26.41 0.70 -32.44
C VAL D 301 -26.02 -0.40 -33.40
N ASP D 302 -24.77 -0.86 -33.28
CA ASP D 302 -24.19 -1.89 -34.13
C ASP D 302 -24.01 -3.21 -33.40
N ILE D 303 -24.28 -4.28 -34.11
CA ILE D 303 -24.13 -5.62 -33.53
C ILE D 303 -23.32 -6.54 -34.41
N SER D 304 -22.36 -7.22 -33.81
CA SER D 304 -21.46 -8.12 -34.52
C SER D 304 -21.45 -9.55 -33.99
N LEU D 305 -21.40 -10.49 -34.92
CA LEU D 305 -21.39 -11.91 -34.56
C LEU D 305 -20.10 -12.52 -34.92
N ASP D 306 -19.13 -11.77 -35.37
CA ASP D 306 -17.91 -12.38 -35.95
C ASP D 306 -16.62 -11.76 -35.43
N GLY D 307 -16.70 -11.31 -34.17
CA GLY D 307 -15.54 -10.75 -33.49
C GLY D 307 -15.25 -9.33 -33.89
N GLY D 308 -16.29 -8.63 -34.38
CA GLY D 308 -16.18 -7.23 -34.80
C GLY D 308 -15.50 -6.95 -36.16
N LYS D 309 -15.43 -7.95 -37.02
CA LYS D 309 -15.07 -7.73 -38.45
C LYS D 309 -16.21 -7.01 -39.23
N ASN D 310 -17.44 -7.41 -38.94
CA ASN D 310 -18.66 -6.99 -39.63
C ASN D 310 -19.77 -6.71 -38.62
N TRP D 311 -20.51 -5.64 -38.91
CA TRP D 311 -21.54 -5.17 -37.99
C TRP D 311 -22.85 -4.97 -38.77
N VAL D 312 -23.92 -5.14 -38.07
CA VAL D 312 -25.23 -5.04 -38.60
C VAL D 312 -26.01 -4.18 -37.60
N GLU D 313 -26.97 -3.44 -38.10
CA GLU D 313 -27.45 -2.35 -37.29
C GLU D 313 -28.71 -2.84 -36.58
N ALA D 314 -28.79 -2.58 -35.31
CA ALA D 314 -29.95 -2.94 -34.53
C ALA D 314 -30.95 -1.80 -34.59
N SER D 315 -32.15 -2.07 -34.15
CA SER D 315 -33.16 -1.04 -34.18
C SER D 315 -33.08 -0.29 -32.89
N ARG D 316 -33.68 0.88 -32.88
CA ARG D 316 -33.71 1.64 -31.65
C ARG D 316 -35.01 2.33 -31.36
N THR D 317 -35.39 2.40 -30.09
CA THR D 317 -36.73 2.75 -29.68
C THR D 317 -36.73 3.47 -28.35
N GLN D 318 -37.63 4.42 -28.16
CA GLN D 318 -37.84 5.01 -26.84
C GLN D 318 -39.23 4.63 -26.44
N GLU D 319 -40.18 5.57 -26.33
CA GLU D 319 -41.63 5.20 -26.09
C GLU D 319 -42.08 4.17 -27.08
N PRO D 320 -42.74 3.10 -26.64
CA PRO D 320 -43.16 2.08 -27.65
C PRO D 320 -44.27 2.67 -28.59
N GLY D 321 -44.24 2.22 -29.86
CA GLY D 321 -45.13 2.68 -30.94
C GLY D 321 -44.61 3.88 -31.80
N LYS D 322 -44.41 5.00 -31.12
CA LYS D 322 -43.54 6.13 -31.61
C LYS D 322 -42.21 5.64 -32.28
N GLN D 323 -41.82 6.32 -33.33
CA GLN D 323 -40.57 5.97 -34.03
C GLN D 323 -39.45 6.86 -33.47
N TYR D 324 -38.31 6.24 -33.10
CA TYR D 324 -37.21 6.99 -32.49
C TYR D 324 -36.41 7.73 -33.50
N ILE D 325 -36.28 9.01 -33.25
CA ILE D 325 -35.37 9.83 -34.06
C ILE D 325 -34.42 10.66 -33.20
N SER D 326 -33.14 10.58 -33.60
CA SER D 326 -32.08 11.13 -32.75
C SER D 326 -31.98 12.63 -32.48
N GLU D 327 -31.84 13.53 -33.36
CA GLU D 327 -31.63 14.86 -32.66
C GLU D 327 -32.91 15.59 -33.08
N HIS D 328 -33.97 15.42 -32.28
CA HIS D 328 -35.33 15.68 -32.80
C HIS D 328 -36.23 16.05 -31.66
N SER D 329 -37.18 16.90 -31.98
CA SER D 329 -38.16 17.41 -31.01
C SER D 329 -38.96 16.33 -30.34
N SER D 330 -39.30 15.27 -31.10
CA SER D 330 -40.09 14.11 -30.53
C SER D 330 -39.31 13.13 -29.56
N SER D 331 -37.97 13.21 -29.65
CA SER D 331 -37.07 12.35 -28.83
C SER D 331 -36.87 12.92 -27.43
N ASP D 332 -36.68 11.96 -26.50
CA ASP D 332 -36.46 12.19 -25.06
C ASP D 332 -34.91 12.23 -24.84
N LYS D 333 -34.34 13.41 -24.93
CA LYS D 333 -32.90 13.58 -25.10
C LYS D 333 -32.13 13.27 -23.83
N TRP D 334 -32.79 13.30 -22.67
CA TRP D 334 -32.14 12.89 -21.41
C TRP D 334 -32.31 11.40 -21.12
N ALA D 335 -32.83 10.64 -22.04
CA ALA D 335 -33.21 9.24 -21.70
C ALA D 335 -32.48 8.25 -22.57
N TRP D 336 -32.34 7.03 -22.06
CA TRP D 336 -31.74 5.99 -22.86
C TRP D 336 -32.59 5.65 -24.03
N VAL D 337 -31.95 4.82 -24.85
CA VAL D 337 -32.55 4.23 -26.02
C VAL D 337 -32.41 2.70 -25.97
N LEU D 338 -33.52 2.00 -26.14
CA LEU D 338 -33.54 0.53 -26.18
C LEU D 338 -33.35 -0.04 -27.57
N PHE D 339 -32.44 -0.98 -27.66
CA PHE D 339 -32.10 -1.55 -28.95
C PHE D 339 -32.50 -3.04 -29.00
N GLU D 340 -32.88 -3.52 -30.19
CA GLU D 340 -33.17 -4.94 -30.44
C GLU D 340 -32.66 -5.38 -31.82
N ALA D 341 -32.14 -6.55 -31.87
CA ALA D 341 -31.78 -7.21 -33.10
C ALA D 341 -31.99 -8.76 -32.97
N THR D 342 -32.73 -9.34 -33.91
CA THR D 342 -32.91 -10.80 -33.93
C THR D 342 -31.80 -11.47 -34.78
N ILE D 343 -31.15 -12.45 -34.18
CA ILE D 343 -30.05 -13.11 -34.86
C ILE D 343 -30.26 -14.61 -34.94
N ASP D 344 -29.51 -15.20 -35.86
CA ASP D 344 -29.62 -16.63 -36.17
C ASP D 344 -28.33 -17.34 -35.67
N VAL D 345 -28.54 -18.25 -34.70
CA VAL D 345 -27.43 -19.01 -34.09
C VAL D 345 -27.57 -20.47 -34.42
N SER D 346 -26.50 -20.98 -35.00
CA SER D 346 -26.40 -22.39 -35.39
C SER D 346 -25.12 -23.04 -34.75
N GLN D 347 -24.39 -22.21 -34.04
CA GLN D 347 -23.01 -22.52 -33.66
C GLN D 347 -22.65 -21.69 -32.39
N THR D 348 -21.56 -22.05 -31.70
CA THR D 348 -21.09 -21.22 -30.55
C THR D 348 -20.55 -19.85 -31.06
N THR D 349 -21.17 -18.78 -30.53
CA THR D 349 -21.10 -17.40 -31.07
C THR D 349 -20.85 -16.31 -30.03
N GLU D 350 -19.75 -15.58 -30.25
CA GLU D 350 -19.54 -14.30 -29.55
C GLU D 350 -20.39 -13.13 -30.10
N VAL D 351 -21.33 -12.57 -29.35
CA VAL D 351 -22.01 -11.35 -29.78
C VAL D 351 -21.50 -10.05 -29.09
N ILE D 352 -21.27 -9.03 -29.91
CA ILE D 352 -20.81 -7.73 -29.41
C ILE D 352 -21.78 -6.60 -29.83
N ALA D 353 -22.03 -5.67 -28.90
CA ALA D 353 -22.83 -4.47 -29.14
C ALA D 353 -22.04 -3.21 -28.83
N LYS D 354 -22.15 -2.24 -29.75
CA LYS D 354 -21.64 -0.89 -29.50
C LYS D 354 -22.55 0.18 -30.09
N ALA D 355 -22.51 1.34 -29.47
CA ALA D 355 -23.34 2.44 -29.80
C ALA D 355 -22.53 3.65 -30.18
N VAL D 356 -23.18 4.49 -30.99
CA VAL D 356 -22.56 5.77 -31.54
C VAL D 356 -23.62 6.84 -31.36
N ASP D 357 -23.24 7.85 -30.63
CA ASP D 357 -24.18 8.93 -30.24
C ASP D 357 -24.28 10.01 -31.37
N SER D 358 -25.22 10.92 -31.16
CA SER D 358 -25.55 12.00 -32.15
C SER D 358 -24.37 12.84 -32.50
N ALA D 359 -23.34 12.91 -31.67
CA ALA D 359 -22.11 13.68 -32.03
C ALA D 359 -21.03 12.77 -32.67
N ALA D 360 -21.47 11.59 -33.08
CA ALA D 360 -20.56 10.56 -33.65
C ALA D 360 -19.48 9.98 -32.65
N ASN D 361 -19.64 10.28 -31.37
CA ASN D 361 -18.77 9.67 -30.35
C ASN D 361 -18.91 8.18 -30.34
N VAL D 362 -17.77 7.55 -30.16
CA VAL D 362 -17.69 6.07 -30.08
C VAL D 362 -17.39 5.54 -28.68
N GLN D 363 -17.56 4.22 -28.60
CA GLN D 363 -17.15 3.46 -27.39
C GLN D 363 -15.76 2.84 -27.53
N PRO D 364 -14.92 2.91 -26.51
CA PRO D 364 -13.56 2.29 -26.58
C PRO D 364 -13.65 0.79 -26.82
N GLU D 365 -12.76 0.27 -27.62
CA GLU D 365 -12.80 -1.18 -27.93
C GLU D 365 -12.58 -2.07 -26.65
N ASN D 366 -11.52 -1.75 -25.91
CA ASN D 366 -10.97 -2.52 -24.78
C ASN D 366 -10.94 -1.76 -23.45
N VAL D 367 -11.43 -2.39 -22.38
CA VAL D 367 -11.33 -1.80 -21.01
C VAL D 367 -9.94 -1.22 -20.62
N GLU D 368 -8.93 -1.97 -20.95
CA GLU D 368 -7.55 -1.52 -20.73
C GLU D 368 -7.32 -0.08 -21.12
N SER D 369 -7.87 0.39 -22.26
CA SER D 369 -7.60 1.80 -22.70
C SER D 369 -8.26 2.89 -21.76
N VAL D 370 -9.35 2.50 -21.09
CA VAL D 370 -10.06 3.38 -20.18
C VAL D 370 -10.07 3.02 -18.66
N TRP D 371 -9.33 1.99 -18.35
CA TRP D 371 -9.12 1.53 -16.97
C TRP D 371 -8.73 2.65 -16.07
N ASN D 372 -9.46 2.72 -14.97
CA ASN D 372 -9.30 3.80 -14.03
C ASN D 372 -9.57 3.30 -12.57
N LEU D 373 -8.81 3.93 -11.70
CA LEU D 373 -8.77 3.67 -10.24
C LEU D 373 -10.11 3.48 -9.51
N ARG D 374 -11.01 4.42 -9.79
CA ARG D 374 -12.35 4.39 -9.18
C ARG D 374 -13.28 3.40 -9.89
N GLY D 375 -12.86 2.82 -10.97
CA GLY D 375 -13.68 1.90 -11.68
C GLY D 375 -14.97 2.53 -12.16
N VAL D 376 -14.85 3.75 -12.65
CA VAL D 376 -16.03 4.47 -13.26
C VAL D 376 -16.01 4.55 -14.76
N LEU D 377 -17.20 4.63 -15.36
CA LEU D 377 -17.40 4.87 -16.84
C LEU D 377 -16.72 3.81 -17.73
N ASN D 378 -16.85 2.57 -17.29
CA ASN D 378 -16.58 1.42 -18.16
C ASN D 378 -17.53 1.42 -19.37
N THR D 379 -17.02 1.91 -20.50
CA THR D 379 -17.82 1.86 -21.75
C THR D 379 -17.27 1.03 -22.86
N SER D 380 -16.33 0.17 -22.53
CA SER D 380 -15.86 -0.98 -23.36
C SER D 380 -16.96 -1.56 -24.19
N TRP D 381 -16.59 -2.11 -25.34
CA TRP D 381 -17.60 -2.91 -26.05
C TRP D 381 -18.00 -4.03 -25.15
N HIS D 382 -19.31 -4.13 -24.93
CA HIS D 382 -19.86 -5.31 -24.25
C HIS D 382 -19.92 -6.55 -25.10
N ARG D 383 -19.22 -7.59 -24.65
CA ARG D 383 -19.09 -8.87 -25.39
C ARG D 383 -19.77 -9.95 -24.63
N VAL D 384 -20.68 -10.69 -25.25
CA VAL D 384 -21.30 -11.84 -24.62
C VAL D 384 -21.04 -13.10 -25.42
N LEU D 385 -21.15 -14.23 -24.73
CA LEU D 385 -20.84 -15.57 -25.31
C LEU D 385 -22.02 -16.45 -25.24
N LEU D 386 -22.44 -16.88 -26.42
CA LEU D 386 -23.60 -17.78 -26.59
C LEU D 386 -23.05 -19.16 -26.95
N ARG D 387 -23.61 -20.11 -26.22
CA ARG D 387 -23.17 -21.50 -26.20
C ARG D 387 -24.33 -22.42 -26.56
N LEU D 388 -23.97 -23.51 -27.21
CA LEU D 388 -24.92 -24.55 -27.65
C LEU D 388 -25.27 -25.66 -26.64
N GLY D 389 -26.27 -25.34 -25.76
CA GLY D 389 -26.93 -26.26 -24.80
C GLY D 389 -28.43 -26.57 -25.07
N PRO E 2 22.54 -16.32 -8.31
CA PRO E 2 21.24 -15.95 -9.00
C PRO E 2 20.86 -16.79 -10.26
N GLY E 3 20.11 -17.89 -10.13
CA GLY E 3 19.61 -18.58 -11.34
C GLY E 3 18.16 -18.27 -11.80
N ILE E 4 17.61 -17.25 -11.16
CA ILE E 4 16.17 -16.98 -11.17
C ILE E 4 15.97 -15.54 -10.84
N ARG E 5 15.01 -14.93 -11.46
CA ARG E 5 14.69 -13.60 -11.08
C ARG E 5 13.17 -13.35 -10.95
N GLY E 6 12.86 -12.35 -10.13
CA GLY E 6 11.53 -11.88 -9.91
C GLY E 6 11.23 -10.63 -10.70
N PRO E 7 10.41 -10.67 -11.73
CA PRO E 7 10.23 -9.46 -12.49
C PRO E 7 9.47 -8.39 -11.68
N SER E 8 9.60 -7.19 -12.17
CA SER E 8 8.90 -6.04 -11.66
C SER E 8 7.77 -5.64 -12.49
N GLU E 9 7.53 -6.39 -13.55
CA GLU E 9 6.46 -6.10 -14.52
C GLU E 9 6.02 -7.41 -15.17
N TYR E 10 4.95 -7.32 -15.94
CA TYR E 10 4.15 -8.50 -16.35
C TYR E 10 4.24 -8.94 -17.86
N SER E 11 5.38 -8.69 -18.47
CA SER E 11 5.54 -8.98 -19.89
C SER E 11 5.85 -10.42 -20.20
N GLN E 12 6.29 -11.20 -19.23
CA GLN E 12 6.72 -12.57 -19.43
C GLN E 12 5.96 -13.60 -18.55
N GLU E 13 4.69 -13.28 -18.36
CA GLU E 13 3.78 -14.10 -17.60
C GLU E 13 3.51 -15.37 -18.39
N PRO E 14 3.36 -16.52 -17.70
CA PRO E 14 3.13 -17.79 -18.34
C PRO E 14 1.70 -17.88 -18.82
N PRO E 15 1.46 -18.80 -19.73
CA PRO E 15 0.10 -19.01 -20.24
C PRO E 15 -0.76 -19.72 -19.23
N ARG E 16 -2.05 -19.47 -19.26
CA ARG E 16 -3.03 -20.20 -18.45
C ARG E 16 -4.19 -20.84 -19.26
N HIS E 17 -4.86 -21.84 -18.70
CA HIS E 17 -6.05 -22.39 -19.30
C HIS E 17 -7.13 -21.33 -19.51
N PRO E 18 -7.71 -21.27 -20.71
CA PRO E 18 -8.73 -20.26 -21.04
C PRO E 18 -10.06 -20.36 -20.27
N SER E 19 -10.36 -21.52 -19.72
CA SER E 19 -11.63 -21.76 -18.98
C SER E 19 -11.69 -21.05 -17.62
N LEU E 20 -10.51 -20.62 -17.20
CA LEU E 20 -10.36 -19.99 -15.92
C LEU E 20 -11.11 -18.72 -15.83
N LYS E 21 -11.87 -18.57 -14.75
CA LYS E 21 -12.47 -17.32 -14.38
C LYS E 21 -11.47 -16.39 -13.69
N VAL E 22 -11.17 -15.27 -14.36
CA VAL E 22 -10.11 -14.34 -13.97
C VAL E 22 -10.66 -13.27 -13.09
N ASN E 23 -10.14 -13.17 -11.88
CA ASN E 23 -10.60 -12.19 -10.92
C ASN E 23 -9.75 -10.96 -10.83
N ALA E 24 -8.48 -11.14 -11.20
CA ALA E 24 -7.52 -10.05 -11.45
C ALA E 24 -6.48 -10.52 -12.45
N LYS E 25 -6.16 -9.67 -13.41
CA LYS E 25 -5.17 -10.02 -14.42
C LYS E 25 -3.73 -9.79 -13.95
N GLU E 26 -3.50 -8.67 -13.30
CA GLU E 26 -2.18 -8.23 -12.92
C GLU E 26 -2.26 -7.69 -11.49
N PRO E 27 -1.77 -8.43 -10.51
CA PRO E 27 -1.21 -9.75 -10.68
C PRO E 27 -2.32 -10.76 -10.94
N PHE E 28 -1.89 -11.94 -11.36
CA PHE E 28 -2.79 -13.03 -11.76
C PHE E 28 -3.45 -13.83 -10.63
N ASN E 29 -4.73 -13.71 -10.65
CA ASN E 29 -5.60 -14.21 -9.64
C ASN E 29 -6.86 -14.80 -10.29
N ALA E 30 -6.95 -16.11 -10.22
CA ALA E 30 -7.94 -16.84 -10.95
C ALA E 30 -8.34 -18.20 -10.40
N GLU E 31 -9.48 -18.62 -10.81
CA GLU E 31 -10.13 -19.80 -10.23
C GLU E 31 -10.93 -20.55 -11.30
N PRO E 32 -11.02 -21.87 -11.18
CA PRO E 32 -11.82 -22.64 -12.15
C PRO E 32 -13.29 -22.40 -12.00
N PRO E 33 -14.01 -22.74 -13.06
CA PRO E 33 -15.48 -22.68 -13.00
C PRO E 33 -15.87 -23.76 -12.03
N ARG E 34 -16.69 -23.36 -11.13
CA ARG E 34 -17.37 -24.23 -10.19
C ARG E 34 -17.67 -25.69 -10.67
N SER E 35 -18.24 -25.77 -11.85
CA SER E 35 -18.72 -27.05 -12.41
C SER E 35 -17.56 -27.98 -12.73
N ALA E 36 -16.36 -27.45 -12.89
CA ALA E 36 -15.21 -28.29 -13.24
C ALA E 36 -14.34 -28.62 -11.96
N LEU E 37 -14.51 -27.82 -10.90
CA LEU E 37 -13.72 -27.94 -9.68
C LEU E 37 -13.72 -29.34 -9.02
N VAL E 38 -14.87 -29.94 -9.15
CA VAL E 38 -15.25 -31.07 -8.32
C VAL E 38 -15.42 -32.38 -9.18
N SER E 39 -14.91 -32.33 -10.43
CA SER E 39 -15.05 -33.45 -11.35
C SER E 39 -14.09 -34.54 -10.98
N SER E 40 -13.00 -34.16 -10.35
CA SER E 40 -12.04 -35.13 -9.91
C SER E 40 -11.45 -34.77 -8.52
N TYR E 41 -11.09 -35.81 -7.75
CA TYR E 41 -10.61 -35.66 -6.35
C TYR E 41 -9.30 -34.91 -6.34
N VAL E 42 -8.44 -35.29 -7.27
CA VAL E 42 -7.18 -34.59 -7.56
C VAL E 42 -7.36 -33.58 -8.72
N THR E 43 -7.15 -32.32 -8.34
CA THR E 43 -7.32 -31.19 -9.20
C THR E 43 -6.20 -31.11 -10.21
N PRO E 44 -6.57 -31.14 -11.49
CA PRO E 44 -5.54 -31.00 -12.54
C PRO E 44 -4.92 -29.58 -12.51
N VAL E 45 -3.61 -29.55 -12.70
CA VAL E 45 -2.82 -28.32 -12.67
C VAL E 45 -3.40 -27.18 -13.49
N ASP E 46 -3.87 -27.51 -14.67
CA ASP E 46 -4.54 -26.54 -15.57
C ASP E 46 -5.65 -25.78 -14.88
N LEU E 47 -6.38 -26.49 -14.03
CA LEU E 47 -7.59 -25.98 -13.37
C LEU E 47 -7.41 -25.59 -11.88
N PHE E 48 -6.22 -25.75 -11.40
CA PHE E 48 -5.88 -25.43 -10.05
C PHE E 48 -5.81 -23.93 -9.95
N TYR E 49 -6.43 -23.37 -8.92
CA TYR E 49 -6.54 -21.91 -8.80
C TYR E 49 -5.17 -21.31 -8.61
N LYS E 50 -5.14 -20.08 -9.02
CA LYS E 50 -3.93 -19.31 -9.13
C LYS E 50 -4.06 -18.08 -8.30
N ARG E 51 -3.15 -17.84 -7.37
CA ARG E 51 -3.23 -16.66 -6.53
C ARG E 51 -1.83 -16.08 -6.37
N ASN E 52 -1.68 -14.88 -6.85
CA ASN E 52 -0.36 -14.20 -6.87
C ASN E 52 -0.43 -12.78 -6.45
N HIS E 53 0.57 -12.32 -5.75
CA HIS E 53 0.69 -10.98 -5.31
C HIS E 53 1.50 -10.12 -6.20
N GLY E 54 2.23 -10.76 -7.08
CA GLY E 54 3.19 -10.16 -7.95
C GLY E 54 3.38 -10.91 -9.28
N PRO E 55 4.25 -10.37 -10.15
CA PRO E 55 4.73 -11.10 -11.32
C PRO E 55 5.39 -12.41 -11.00
N ILE E 56 5.17 -13.37 -11.89
CA ILE E 56 5.70 -14.74 -11.73
C ILE E 56 7.13 -14.80 -12.04
N PRO E 57 7.93 -15.31 -11.15
CA PRO E 57 9.35 -15.50 -11.42
C PRO E 57 9.66 -16.39 -12.62
N ILE E 58 10.74 -15.99 -13.25
CA ILE E 58 11.31 -16.66 -14.41
C ILE E 58 12.70 -17.19 -14.09
N VAL E 59 12.90 -18.46 -14.39
CA VAL E 59 14.21 -19.10 -14.27
C VAL E 59 15.00 -19.08 -15.61
N ASP E 60 16.16 -18.42 -15.62
CA ASP E 60 17.06 -18.36 -16.82
C ASP E 60 18.02 -19.57 -16.91
N HIS E 61 18.45 -20.09 -15.75
CA HIS E 61 19.45 -21.14 -15.53
C HIS E 61 19.20 -22.08 -14.32
N LEU E 62 18.54 -23.21 -14.56
CA LEU E 62 18.06 -24.10 -13.48
C LEU E 62 19.15 -24.62 -12.51
N GLN E 63 20.27 -25.13 -13.02
CA GLN E 63 21.43 -25.50 -12.15
C GLN E 63 22.00 -24.13 -11.80
N SER E 64 22.52 -23.91 -10.63
CA SER E 64 22.78 -22.50 -10.22
C SER E 64 21.56 -21.77 -9.48
N TYR E 65 20.34 -22.24 -9.68
CA TYR E 65 19.26 -21.93 -8.69
C TYR E 65 19.58 -22.62 -7.39
N SER E 66 19.31 -21.91 -6.31
CA SER E 66 19.41 -22.47 -4.95
C SER E 66 18.48 -21.80 -3.91
N VAL E 67 18.15 -22.59 -2.89
CA VAL E 67 17.60 -22.11 -1.65
C VAL E 67 18.69 -21.96 -0.60
N THR E 68 18.75 -20.78 0.02
CA THR E 68 19.73 -20.48 1.07
C THR E 68 19.18 -20.74 2.47
N LEU E 69 19.80 -21.62 3.23
CA LEU E 69 19.52 -21.78 4.61
C LEU E 69 20.35 -20.89 5.50
N THR E 70 19.74 -19.85 6.04
CA THR E 70 20.39 -18.87 6.94
C THR E 70 19.75 -18.76 8.27
N GLY E 71 20.17 -17.69 8.94
CA GLY E 71 19.73 -17.24 10.26
C GLY E 71 20.33 -18.00 11.44
N LEU E 72 19.58 -18.10 12.54
CA LEU E 72 19.97 -18.84 13.77
C LEU E 72 20.32 -20.36 13.60
N ILE E 73 21.31 -20.55 12.77
CA ILE E 73 21.78 -21.86 12.35
C ILE E 73 23.36 -21.96 12.42
N GLN E 74 23.87 -23.13 12.83
CA GLN E 74 25.35 -23.31 12.98
C GLN E 74 26.10 -22.97 11.65
N ASN E 75 25.73 -23.66 10.58
CA ASN E 75 26.46 -23.54 9.29
C ASN E 75 25.55 -23.15 8.12
N PRO E 76 25.39 -21.86 7.94
CA PRO E 76 24.64 -21.31 6.82
C PRO E 76 25.06 -21.92 5.47
N ARG E 77 24.38 -23.00 5.14
CA ARG E 77 24.55 -23.75 3.87
C ARG E 77 23.77 -23.09 2.74
N LYS E 78 23.91 -23.63 1.56
CA LYS E 78 23.18 -23.17 0.39
C LYS E 78 22.86 -24.39 -0.48
N LEU E 79 21.56 -24.65 -0.66
CA LEU E 79 21.04 -25.91 -1.21
C LEU E 79 20.53 -25.80 -2.60
N PHE E 80 21.14 -26.53 -3.50
CA PHE E 80 20.79 -26.52 -4.94
C PHE E 80 19.66 -27.51 -5.15
N ILE E 81 19.01 -27.39 -6.27
CA ILE E 81 17.85 -28.20 -6.57
C ILE E 81 18.16 -29.72 -6.60
N LYS E 82 19.35 -30.07 -7.09
CA LYS E 82 20.00 -31.41 -7.04
C LYS E 82 20.01 -32.02 -5.63
N ASP E 83 20.47 -31.19 -4.71
CA ASP E 83 20.52 -31.48 -3.27
C ASP E 83 19.14 -31.76 -2.63
N ILE E 84 18.14 -30.99 -3.06
CA ILE E 84 16.81 -31.12 -2.52
C ILE E 84 16.21 -32.44 -3.02
N ARG E 85 16.42 -32.73 -4.30
CA ARG E 85 15.96 -34.00 -4.95
C ARG E 85 16.67 -35.28 -4.44
N SER E 86 17.82 -35.11 -3.83
CA SER E 86 18.56 -36.24 -3.26
C SER E 86 18.10 -36.64 -1.86
N LEU E 87 17.37 -35.78 -1.20
CA LEU E 87 16.78 -36.06 0.12
C LEU E 87 15.59 -37.05 -0.04
N PRO E 88 15.20 -37.74 0.99
CA PRO E 88 14.11 -38.70 0.81
C PRO E 88 12.85 -38.01 0.31
N LYS E 89 12.37 -38.54 -0.81
CA LYS E 89 11.17 -38.03 -1.44
C LYS E 89 9.94 -38.53 -0.79
N TYR E 90 9.01 -37.61 -0.56
CA TYR E 90 7.65 -37.91 -0.09
C TYR E 90 6.58 -37.32 -1.01
N ASN E 91 5.47 -38.02 -1.09
CA ASN E 91 4.28 -37.56 -1.80
C ASN E 91 3.15 -37.29 -0.82
N VAL E 92 2.74 -36.04 -0.69
CA VAL E 92 1.68 -35.68 0.25
C VAL E 92 0.48 -35.14 -0.52
N THR E 93 -0.64 -35.69 -0.25
CA THR E 93 -1.83 -35.21 -0.83
C THR E 93 -2.39 -34.13 0.10
N ALA E 94 -2.59 -32.95 -0.47
CA ALA E 94 -2.96 -31.77 0.36
C ALA E 94 -3.72 -30.73 -0.41
N THR E 95 -4.77 -30.29 0.20
CA THR E 95 -5.56 -29.21 -0.33
C THR E 95 -5.01 -27.85 0.13
N LEU E 96 -4.82 -26.97 -0.82
CA LEU E 96 -4.60 -25.59 -0.59
C LEU E 96 -5.94 -24.87 -0.78
N GLN E 97 -6.40 -24.20 0.27
CA GLN E 97 -7.56 -23.33 0.24
C GLN E 97 -7.06 -21.91 0.56
N CYS E 98 -7.41 -20.96 -0.28
CA CYS E 98 -7.05 -19.62 -0.07
C CYS E 98 -7.98 -19.03 0.99
N ALA E 99 -7.42 -18.25 1.87
CA ALA E 99 -8.17 -17.66 2.92
C ALA E 99 -9.24 -16.75 2.35
N GLY E 100 -9.01 -16.28 1.14
CA GLY E 100 -9.96 -15.47 0.37
C GLY E 100 -11.15 -16.20 -0.26
N ASN E 101 -11.10 -17.52 -0.33
CA ASN E 101 -12.20 -18.28 -0.81
C ASN E 101 -13.51 -17.81 -0.26
N ARG E 102 -14.49 -17.68 -1.16
CA ARG E 102 -15.90 -17.22 -0.92
C ARG E 102 -16.08 -15.76 -0.46
N ARG E 103 -15.10 -14.94 -0.77
CA ARG E 103 -15.12 -13.57 -0.32
C ARG E 103 -16.19 -12.72 -0.94
N THR E 104 -16.45 -12.98 -2.21
CA THR E 104 -17.38 -12.13 -2.96
C THR E 104 -18.79 -12.14 -2.29
N ALA E 105 -19.24 -13.30 -1.82
CA ALA E 105 -20.53 -13.38 -1.11
C ALA E 105 -20.54 -12.62 0.18
N MET E 106 -19.40 -12.53 0.84
CA MET E 106 -19.32 -11.70 2.08
C MET E 106 -19.42 -10.18 1.80
N SER E 107 -18.91 -9.83 0.61
CA SER E 107 -18.78 -8.45 0.12
C SER E 107 -20.15 -7.88 -0.26
N LYS E 108 -20.91 -8.72 -0.97
CA LYS E 108 -22.34 -8.48 -1.40
C LYS E 108 -23.20 -8.02 -0.23
N VAL E 109 -22.84 -8.41 0.96
CA VAL E 109 -23.53 -7.97 2.18
C VAL E 109 -23.01 -6.68 2.74
N ARG E 110 -21.75 -6.60 2.87
CA ARG E 110 -21.12 -5.35 3.30
C ARG E 110 -19.74 -5.38 2.60
N ASN E 111 -19.45 -4.29 1.94
CA ASN E 111 -18.32 -4.24 1.02
C ASN E 111 -16.96 -4.50 1.59
N VAL E 112 -16.25 -5.40 0.92
CA VAL E 112 -14.84 -5.62 1.26
C VAL E 112 -13.89 -5.30 0.11
N ARG E 113 -12.86 -4.55 0.50
CA ARG E 113 -11.68 -4.38 -0.39
C ARG E 113 -10.93 -5.67 -0.62
N GLY E 114 -10.77 -5.95 -1.85
CA GLY E 114 -9.92 -7.01 -2.24
C GLY E 114 -10.41 -7.76 -3.46
N VAL E 115 -9.57 -8.68 -3.92
CA VAL E 115 -9.92 -9.50 -5.08
C VAL E 115 -11.13 -10.36 -4.75
N GLY E 116 -12.05 -10.40 -5.69
CA GLY E 116 -13.24 -11.15 -5.59
C GLY E 116 -13.00 -12.59 -5.86
N TRP E 117 -13.66 -13.44 -5.10
CA TRP E 117 -13.59 -14.89 -5.27
C TRP E 117 -14.96 -15.44 -5.08
N ASP E 118 -15.25 -16.41 -5.88
CA ASP E 118 -16.43 -17.23 -5.76
C ASP E 118 -16.06 -18.40 -4.77
N VAL E 119 -16.35 -19.59 -5.19
CA VAL E 119 -16.41 -20.77 -4.35
C VAL E 119 -15.19 -21.72 -4.67
N SER E 120 -14.40 -21.35 -5.64
CA SER E 120 -13.35 -22.19 -6.16
C SER E 120 -11.90 -21.74 -5.97
N ALA E 121 -11.65 -20.90 -4.95
CA ALA E 121 -10.23 -20.54 -4.57
C ALA E 121 -9.70 -21.64 -3.68
N ILE E 122 -9.68 -22.82 -4.28
CA ILE E 122 -9.36 -24.05 -3.60
C ILE E 122 -9.01 -25.13 -4.60
N GLY E 123 -8.04 -25.98 -4.18
CA GLY E 123 -7.53 -27.00 -5.03
C GLY E 123 -6.85 -28.09 -4.24
N ASN E 124 -6.96 -29.31 -4.73
CA ASN E 124 -6.34 -30.51 -4.15
C ASN E 124 -5.34 -31.16 -5.04
N ALA E 125 -4.17 -31.37 -4.52
CA ALA E 125 -3.10 -31.91 -5.35
C ALA E 125 -2.20 -32.86 -4.55
N VAL E 126 -1.43 -33.65 -5.31
CA VAL E 126 -0.38 -34.51 -4.81
C VAL E 126 0.93 -33.77 -4.97
N TRP E 127 1.53 -33.48 -3.86
CA TRP E 127 2.76 -32.66 -3.83
C TRP E 127 3.94 -33.60 -3.63
N GLY E 128 4.93 -33.41 -4.46
CA GLY E 128 6.12 -34.20 -4.39
C GLY E 128 7.28 -33.40 -3.97
N GLY E 129 7.95 -33.80 -2.89
CA GLY E 129 9.25 -33.26 -2.60
C GLY E 129 9.90 -33.76 -1.32
N ALA E 130 10.73 -32.88 -0.76
CA ALA E 130 11.48 -33.19 0.44
C ALA E 130 10.81 -32.72 1.70
N LYS E 131 10.79 -33.48 2.76
CA LYS E 131 10.28 -32.95 4.03
C LYS E 131 11.22 -31.93 4.58
N LEU E 132 10.65 -30.82 5.01
CA LEU E 132 11.40 -29.69 5.65
C LEU E 132 12.09 -30.12 6.96
N ALA E 133 11.48 -31.04 7.69
CA ALA E 133 12.13 -31.55 8.89
C ALA E 133 13.52 -32.18 8.53
N ASP E 134 13.57 -32.94 7.45
CA ASP E 134 14.80 -33.61 6.94
C ASP E 134 15.84 -32.55 6.54
N VAL E 135 15.40 -31.51 5.85
CA VAL E 135 16.28 -30.37 5.46
C VAL E 135 16.84 -29.62 6.67
N LEU E 136 16.06 -29.54 7.75
CA LEU E 136 16.52 -28.82 8.96
C LEU E 136 17.47 -29.65 9.86
N GLU E 137 17.20 -30.95 9.91
CA GLU E 137 18.13 -31.99 10.42
C GLU E 137 19.53 -31.81 9.76
N LEU E 138 19.50 -31.73 8.44
CA LEU E 138 20.70 -31.49 7.68
C LEU E 138 21.52 -30.30 8.19
N VAL E 139 20.89 -29.36 8.86
CA VAL E 139 21.63 -28.12 9.24
C VAL E 139 21.75 -27.98 10.75
N GLY E 140 21.53 -29.10 11.41
CA GLY E 140 21.87 -29.23 12.83
C GLY E 140 20.72 -29.04 13.76
N ILE E 141 19.51 -28.99 13.22
CA ILE E 141 18.29 -28.85 14.05
C ILE E 141 17.50 -30.16 14.06
N PRO E 142 17.54 -30.88 15.16
CA PRO E 142 16.91 -32.19 15.19
C PRO E 142 15.40 -32.19 15.03
N LYS E 143 14.85 -33.31 14.64
CA LYS E 143 13.41 -33.45 14.61
C LYS E 143 12.77 -33.27 15.99
N LEU E 144 11.55 -32.82 16.02
CA LEU E 144 10.73 -32.57 17.25
C LEU E 144 11.22 -31.52 18.22
N THR E 145 11.99 -30.58 17.70
CA THR E 145 12.42 -29.40 18.43
C THR E 145 11.47 -28.23 18.38
N ALA E 146 11.23 -27.60 19.53
CA ALA E 146 10.42 -26.35 19.67
C ALA E 146 11.27 -25.08 19.71
N SER E 147 12.42 -25.21 20.32
CA SER E 147 13.42 -24.14 20.33
C SER E 147 14.82 -24.70 20.48
N THR E 148 15.79 -23.92 20.05
CA THR E 148 17.19 -24.34 20.18
C THR E 148 17.95 -23.40 21.12
N ASN E 149 19.14 -23.88 21.52
CA ASN E 149 20.17 -23.12 22.33
C ASN E 149 20.53 -21.76 21.66
N LEU E 150 20.58 -21.71 20.34
CA LEU E 150 20.83 -20.44 19.58
C LEU E 150 19.66 -19.42 19.57
N GLY E 151 18.55 -19.78 20.19
CA GLY E 151 17.39 -18.90 20.26
C GLY E 151 16.28 -19.04 19.15
N ALA E 152 16.44 -20.08 18.31
CA ALA E 152 15.53 -20.32 17.21
C ALA E 152 14.17 -20.84 17.66
N ARG E 153 13.11 -20.23 17.15
CA ARG E 153 11.69 -20.54 17.49
C ARG E 153 10.72 -20.60 16.27
N HIS E 154 11.15 -20.05 15.15
CA HIS E 154 10.40 -19.88 13.92
C HIS E 154 11.23 -20.09 12.66
N VAL E 155 10.54 -20.46 11.59
CA VAL E 155 11.15 -20.67 10.28
C VAL E 155 10.44 -19.81 9.24
N GLU E 156 11.17 -18.88 8.62
CA GLU E 156 10.64 -17.91 7.63
C GLU E 156 10.99 -18.28 6.21
N PHE E 157 10.01 -18.29 5.34
CA PHE E 157 10.19 -18.69 3.95
C PHE E 157 10.09 -17.44 3.17
N VAL E 158 11.14 -17.11 2.46
CA VAL E 158 11.24 -15.87 1.71
C VAL E 158 11.28 -16.16 0.19
N SER E 159 10.52 -15.45 -0.57
CA SER E 159 10.45 -15.72 -2.00
C SER E 159 11.45 -14.83 -2.76
N VAL E 160 11.46 -15.03 -4.04
CA VAL E 160 12.23 -14.22 -4.92
C VAL E 160 11.39 -13.27 -5.76
N ASP E 161 10.08 -13.32 -5.55
CA ASP E 161 9.18 -12.42 -6.25
C ASP E 161 9.20 -11.00 -5.71
N ARG E 162 8.45 -10.15 -6.37
CA ARG E 162 8.36 -8.73 -6.09
C ARG E 162 6.90 -8.25 -5.95
N CYS E 163 6.55 -7.78 -4.78
CA CYS E 163 5.19 -7.32 -4.45
C CYS E 163 5.06 -5.82 -4.15
N LYS E 164 4.10 -5.13 -4.75
CA LYS E 164 3.79 -3.71 -4.44
C LYS E 164 3.68 -3.40 -2.93
N GLU E 165 3.00 -4.31 -2.20
CA GLU E 165 2.82 -4.24 -0.73
C GLU E 165 4.11 -4.16 0.09
N GLU E 166 5.15 -4.81 -0.39
CA GLU E 166 6.48 -4.73 0.20
C GLU E 166 7.47 -3.80 -0.58
N ASN E 167 6.89 -2.93 -1.39
CA ASN E 167 7.59 -1.89 -2.11
C ASN E 167 8.62 -2.46 -3.07
N GLY E 168 8.25 -3.54 -3.70
CA GLY E 168 9.10 -4.29 -4.57
C GLY E 168 9.85 -5.49 -3.97
N GLY E 169 9.71 -5.65 -2.66
CA GLY E 169 10.31 -6.75 -1.93
C GLY E 169 9.51 -8.04 -2.06
N PRO E 170 10.06 -9.14 -1.53
CA PRO E 170 9.43 -10.46 -1.61
C PRO E 170 8.35 -10.84 -0.62
N TYR E 171 7.45 -11.69 -1.13
CA TYR E 171 6.46 -12.42 -0.39
C TYR E 171 7.23 -13.29 0.65
N LYS E 172 6.72 -13.31 1.88
CA LYS E 172 7.27 -14.07 2.99
C LYS E 172 6.15 -14.68 3.84
N ALA E 173 6.47 -15.76 4.52
CA ALA E 173 5.63 -16.31 5.58
C ALA E 173 6.45 -17.02 6.57
N SER E 174 5.88 -17.30 7.73
CA SER E 174 6.59 -18.19 8.66
C SER E 174 5.70 -19.14 9.39
N ILE E 175 6.36 -20.17 9.91
CA ILE E 175 5.76 -21.15 10.79
C ILE E 175 6.64 -21.36 12.01
N THR E 176 6.07 -21.98 13.04
CA THR E 176 6.91 -22.35 14.22
C THR E 176 7.90 -23.44 13.90
N LEU E 177 8.99 -23.37 14.63
CA LEU E 177 10.01 -24.45 14.59
C LEU E 177 9.38 -25.85 14.88
N SER E 178 8.54 -25.90 15.90
CA SER E 178 7.70 -27.06 16.18
C SER E 178 7.04 -27.68 14.97
N GLN E 179 6.23 -26.87 14.26
CA GLN E 179 5.57 -27.36 13.04
C GLN E 179 6.59 -27.78 11.93
N ALA E 180 7.66 -27.05 11.83
CA ALA E 180 8.64 -27.19 10.77
C ALA E 180 9.45 -28.47 10.90
N THR E 181 9.50 -28.97 12.09
CA THR E 181 10.53 -29.89 12.55
C THR E 181 9.87 -31.23 12.93
N ASN E 182 8.54 -31.19 12.92
CA ASN E 182 7.66 -32.34 13.12
C ASN E 182 7.30 -33.05 11.81
N PRO E 183 7.88 -34.18 11.52
CA PRO E 183 7.64 -34.79 10.21
C PRO E 183 6.17 -35.24 9.98
N GLU E 184 5.44 -35.44 11.06
CA GLU E 184 4.03 -35.79 10.96
C GLU E 184 3.12 -34.60 10.52
N ALA E 185 3.61 -33.36 10.62
CA ALA E 185 2.98 -32.15 10.03
C ALA E 185 3.20 -31.97 8.49
N ASP E 186 4.08 -32.80 7.93
CA ASP E 186 4.25 -32.93 6.45
C ASP E 186 4.60 -31.65 5.69
N VAL E 187 5.25 -30.74 6.36
CA VAL E 187 5.67 -29.56 5.70
C VAL E 187 6.70 -30.00 4.68
N LEU E 188 6.49 -29.56 3.48
CA LEU E 188 7.18 -30.07 2.31
C LEU E 188 7.82 -28.99 1.49
N LEU E 189 9.08 -29.22 1.12
CA LEU E 189 9.68 -28.40 0.08
C LEU E 189 9.38 -29.12 -1.24
N ALA E 190 8.36 -28.69 -1.92
CA ALA E 190 7.85 -29.36 -3.10
C ALA E 190 8.37 -28.87 -4.45
N TYR E 191 8.90 -29.81 -5.21
CA TYR E 191 9.42 -29.56 -6.59
C TYR E 191 8.57 -30.25 -7.66
N GLU E 192 7.56 -31.01 -7.20
CA GLU E 192 6.57 -31.75 -8.02
C GLU E 192 5.13 -31.57 -7.57
N MET E 193 4.25 -31.53 -8.55
CA MET E 193 2.79 -31.31 -8.38
C MET E 193 2.04 -32.16 -9.41
N ASN E 194 1.22 -33.03 -8.88
CA ASN E 194 0.48 -34.05 -9.65
C ASN E 194 1.35 -34.92 -10.59
N GLY E 195 2.46 -35.36 -10.05
CA GLY E 195 3.40 -36.22 -10.75
C GLY E 195 4.35 -35.58 -11.75
N GLU E 196 4.04 -34.35 -12.20
CA GLU E 196 4.90 -33.58 -13.10
C GLU E 196 5.71 -32.52 -12.31
N THR E 197 6.74 -32.07 -12.97
CA THR E 197 7.54 -30.98 -12.51
C THR E 197 6.65 -29.78 -12.25
N LEU E 198 6.93 -29.13 -11.14
CA LEU E 198 6.21 -27.95 -10.74
C LEU E 198 6.26 -26.89 -11.85
N ASN E 199 5.10 -26.35 -12.17
CA ASN E 199 4.87 -25.21 -13.09
C ASN E 199 5.42 -23.87 -12.58
N ARG E 200 5.43 -22.90 -13.45
CA ARG E 200 5.81 -21.56 -13.05
C ARG E 200 4.79 -20.90 -12.06
N ASP E 201 3.56 -20.87 -12.50
CA ASP E 201 2.42 -20.38 -11.71
C ASP E 201 2.42 -20.92 -10.26
N HIS E 202 2.84 -22.15 -10.07
CA HIS E 202 2.76 -22.82 -8.78
C HIS E 202 4.01 -22.97 -8.02
N GLY E 203 5.01 -22.31 -8.49
CA GLY E 203 6.23 -22.12 -7.74
C GLY E 203 7.54 -22.64 -8.20
N PHE E 204 7.63 -23.03 -9.47
CA PHE E 204 8.81 -23.69 -10.04
C PHE E 204 10.03 -22.82 -9.82
N PRO E 205 11.13 -23.38 -9.36
CA PRO E 205 11.42 -24.81 -9.09
C PRO E 205 11.08 -25.41 -7.74
N LEU E 206 10.73 -24.54 -6.81
CA LEU E 206 10.56 -24.96 -5.44
C LEU E 206 9.63 -24.02 -4.66
N ARG E 207 8.67 -24.63 -4.00
CA ARG E 207 7.76 -23.96 -3.06
C ARG E 207 7.67 -24.73 -1.76
N VAL E 208 7.27 -24.06 -0.68
CA VAL E 208 6.79 -24.74 0.52
C VAL E 208 5.34 -25.05 0.37
N VAL E 209 4.97 -26.20 0.90
CA VAL E 209 3.58 -26.55 1.10
C VAL E 209 3.38 -26.87 2.56
N VAL E 210 2.46 -26.11 3.18
CA VAL E 210 2.10 -26.25 4.59
C VAL E 210 0.68 -26.79 4.74
N PRO E 211 0.54 -28.10 4.87
CA PRO E 211 -0.78 -28.72 4.94
C PRO E 211 -1.58 -28.33 6.18
N GLY E 212 -2.87 -28.25 5.95
CA GLY E 212 -3.81 -27.88 6.96
C GLY E 212 -3.74 -26.43 7.36
N VAL E 213 -3.05 -25.63 6.58
CA VAL E 213 -2.87 -24.23 6.86
C VAL E 213 -3.34 -23.46 5.62
N ILE E 214 -3.79 -22.24 5.84
CA ILE E 214 -4.32 -21.47 4.74
C ILE E 214 -3.26 -21.33 3.63
N GLY E 215 -3.77 -21.26 2.39
CA GLY E 215 -2.91 -21.15 1.22
C GLY E 215 -1.76 -20.14 1.31
N ALA E 216 -2.03 -18.98 1.86
CA ALA E 216 -1.07 -17.88 2.00
C ALA E 216 0.29 -18.25 2.62
N ARG E 217 0.35 -19.31 3.36
CA ARG E 217 1.60 -19.65 4.00
C ARG E 217 2.48 -20.58 3.15
N SER E 218 1.92 -21.19 2.11
CA SER E 218 2.66 -22.06 1.23
C SER E 218 3.45 -21.23 0.18
N VAL E 219 4.55 -20.68 0.60
CA VAL E 219 5.28 -19.69 -0.17
C VAL E 219 5.90 -20.28 -1.42
N LYS E 220 5.67 -19.62 -2.52
CA LYS E 220 6.20 -20.07 -3.83
C LYS E 220 7.54 -19.41 -4.21
N TRP E 221 8.33 -20.12 -5.03
CA TRP E 221 9.59 -19.64 -5.60
C TRP E 221 10.65 -19.32 -4.57
N LEU E 222 11.02 -20.29 -3.82
CA LEU E 222 11.80 -20.08 -2.65
C LEU E 222 13.13 -19.44 -2.96
N ASP E 223 13.47 -18.41 -2.21
CA ASP E 223 14.79 -17.87 -2.22
C ASP E 223 15.55 -18.23 -0.95
N SER E 224 14.91 -18.22 0.19
CA SER E 224 15.63 -18.49 1.43
C SER E 224 14.75 -19.07 2.46
N ILE E 225 15.33 -19.92 3.31
CA ILE E 225 14.67 -20.47 4.44
C ILE E 225 15.49 -19.96 5.65
N ASN E 226 14.84 -19.10 6.37
CA ASN E 226 15.45 -18.20 7.31
C ASN E 226 15.02 -18.56 8.74
N VAL E 227 15.88 -19.26 9.46
CA VAL E 227 15.61 -19.68 10.83
C VAL E 227 15.81 -18.50 11.83
N ILE E 228 14.77 -18.13 12.60
CA ILE E 228 14.75 -16.86 13.37
C ILE E 228 14.09 -17.01 14.77
N ALA E 229 14.27 -15.99 15.59
CA ALA E 229 13.88 -16.02 17.00
C ALA E 229 12.42 -15.75 17.31
N GLU E 230 11.87 -14.92 16.45
CA GLU E 230 10.52 -14.45 16.53
C GLU E 230 9.76 -14.66 15.22
N GLU E 231 8.45 -14.56 15.27
CA GLU E 231 7.72 -14.73 14.03
C GLU E 231 8.12 -13.69 12.93
N SER E 232 7.89 -14.08 11.68
CA SER E 232 8.13 -13.21 10.58
C SER E 232 7.36 -11.91 10.68
N GLN E 233 8.05 -10.82 10.40
CA GLN E 233 7.50 -9.46 10.40
C GLN E 233 7.15 -8.99 9.04
N GLY E 234 7.07 -9.97 8.15
CA GLY E 234 6.55 -9.74 6.83
C GLY E 234 5.18 -9.09 6.78
N PHE E 235 4.94 -8.29 5.73
CA PHE E 235 3.69 -7.57 5.56
C PHE E 235 2.53 -8.51 5.61
N PHE E 236 2.70 -9.66 4.97
CA PHE E 236 1.58 -10.63 4.85
C PHE E 236 1.34 -11.56 6.03
N MET E 237 2.24 -11.53 6.99
CA MET E 237 2.00 -12.14 8.29
C MET E 237 1.44 -11.20 9.35
N GLN E 238 1.75 -9.92 9.24
CA GLN E 238 1.42 -8.89 10.27
C GLN E 238 0.27 -7.90 9.87
N LYS E 239 0.13 -7.64 8.58
CA LYS E 239 -0.82 -6.68 8.08
C LYS E 239 -1.76 -7.27 7.03
N ASP E 240 -1.99 -8.52 7.18
CA ASP E 240 -2.93 -9.24 6.33
C ASP E 240 -3.25 -10.63 6.98
N TYR E 241 -4.17 -11.33 6.38
CA TYR E 241 -4.45 -12.75 6.68
C TYR E 241 -4.67 -12.94 8.16
N LYS E 242 -5.51 -12.07 8.64
CA LYS E 242 -5.94 -12.10 9.98
C LYS E 242 -7.47 -12.04 10.02
N MET E 243 -8.06 -12.62 11.05
CA MET E 243 -9.52 -12.75 11.14
C MET E 243 -10.05 -11.78 12.22
N PHE E 244 -10.51 -10.62 11.77
CA PHE E 244 -11.08 -9.65 12.67
C PHE E 244 -12.61 -9.83 12.88
N PRO E 245 -13.08 -9.42 14.05
CA PRO E 245 -14.54 -9.38 14.31
C PRO E 245 -15.28 -8.36 13.44
N PRO E 246 -16.55 -8.57 13.17
CA PRO E 246 -17.38 -7.65 12.39
C PRO E 246 -17.38 -6.16 12.78
N SER E 247 -17.13 -5.84 14.05
CA SER E 247 -17.10 -4.43 14.48
C SER E 247 -15.87 -3.60 13.91
N VAL E 248 -14.86 -4.29 13.42
CA VAL E 248 -13.61 -3.72 12.97
C VAL E 248 -13.73 -3.22 11.52
N ASN E 249 -13.33 -1.98 11.34
CA ASN E 249 -13.37 -1.34 10.03
C ASN E 249 -12.05 -0.51 9.76
N TRP E 250 -11.98 0.19 8.62
CA TRP E 250 -10.70 0.91 8.35
C TRP E 250 -10.36 2.05 9.28
N ASP E 251 -11.33 2.56 10.04
CA ASP E 251 -11.10 3.65 11.08
C ASP E 251 -10.65 3.21 12.40
N ASN E 252 -10.91 1.96 12.75
CA ASN E 252 -10.48 1.45 14.14
C ASN E 252 -9.53 0.27 14.15
N ILE E 253 -9.22 -0.26 12.98
CA ILE E 253 -8.33 -1.40 12.87
C ILE E 253 -7.01 -1.22 13.58
N ASN E 254 -6.70 -2.16 14.40
CA ASN E 254 -5.42 -2.34 14.98
C ASN E 254 -4.86 -3.78 14.67
N TRP E 255 -3.88 -3.83 13.75
CA TRP E 255 -3.30 -5.12 13.21
C TRP E 255 -2.70 -6.00 14.30
N SER E 256 -2.28 -5.41 15.34
CA SER E 256 -1.65 -6.25 16.32
C SER E 256 -2.69 -6.80 17.33
N SER E 257 -3.97 -6.48 17.15
CA SER E 257 -4.97 -7.03 18.04
C SER E 257 -5.31 -8.53 17.78
N ARG E 258 -4.91 -9.00 16.61
CA ARG E 258 -5.20 -10.31 16.19
C ARG E 258 -3.91 -11.00 15.82
N ARG E 259 -3.91 -12.31 16.06
CA ARG E 259 -2.88 -13.25 15.63
C ARG E 259 -3.00 -13.68 14.20
N PRO E 260 -1.87 -13.97 13.61
CA PRO E 260 -1.84 -14.45 12.21
C PRO E 260 -2.61 -15.76 12.09
N GLN E 261 -3.48 -15.83 11.12
CA GLN E 261 -4.28 -16.99 10.82
C GLN E 261 -3.42 -18.07 10.12
N MET E 262 -3.53 -19.25 10.66
CA MET E 262 -2.82 -20.39 10.15
C MET E 262 -3.77 -21.56 9.78
N ASP E 263 -4.28 -22.18 10.82
CA ASP E 263 -5.36 -23.14 10.73
C ASP E 263 -6.58 -22.42 10.22
N PHE E 264 -7.51 -23.17 9.66
CA PHE E 264 -8.72 -22.60 9.14
C PHE E 264 -9.92 -23.46 9.45
N PRO E 265 -11.12 -22.89 9.45
CA PRO E 265 -12.28 -23.63 9.91
C PRO E 265 -13.16 -24.32 8.82
N VAL E 266 -14.08 -25.13 9.31
CA VAL E 266 -14.85 -26.07 8.49
C VAL E 266 -15.63 -25.29 7.47
N GLN E 267 -15.45 -25.73 6.24
CA GLN E 267 -15.92 -25.03 5.03
C GLN E 267 -16.62 -26.04 4.08
N SER E 268 -17.67 -25.60 3.44
CA SER E 268 -18.21 -26.40 2.30
C SER E 268 -18.94 -25.54 1.25
N ALA E 269 -18.97 -26.06 0.05
CA ALA E 269 -19.75 -25.37 -0.98
C ALA E 269 -20.22 -26.32 -2.08
N ILE E 270 -21.43 -25.96 -2.51
CA ILE E 270 -22.11 -26.63 -3.62
C ILE E 270 -21.53 -26.14 -4.94
N CYS E 271 -21.06 -27.08 -5.74
CA CYS E 271 -20.37 -26.79 -6.99
C CYS E 271 -21.03 -27.27 -8.31
N SER E 272 -21.95 -28.19 -8.23
CA SER E 272 -22.51 -28.84 -9.45
C SER E 272 -23.65 -27.97 -10.05
N VAL E 273 -24.02 -26.93 -9.33
CA VAL E 273 -24.97 -25.98 -9.76
C VAL E 273 -24.61 -24.55 -9.29
N GLU E 274 -25.20 -23.58 -9.98
CA GLU E 274 -24.89 -22.17 -9.84
C GLU E 274 -25.74 -21.66 -8.72
N ASP E 275 -25.42 -20.49 -8.23
CA ASP E 275 -26.11 -19.91 -7.12
C ASP E 275 -27.56 -19.68 -7.37
N VAL E 276 -27.86 -19.50 -8.63
CA VAL E 276 -29.21 -19.29 -9.11
C VAL E 276 -29.20 -20.05 -10.42
N GLN E 277 -29.90 -21.19 -10.45
CA GLN E 277 -29.82 -22.10 -11.61
C GLN E 277 -31.22 -22.65 -12.09
N MET E 278 -31.41 -22.63 -13.40
CA MET E 278 -32.59 -23.23 -14.10
C MET E 278 -32.43 -24.76 -14.15
N VAL E 279 -33.47 -25.46 -13.72
CA VAL E 279 -33.55 -26.92 -13.96
C VAL E 279 -34.92 -27.48 -14.43
N LYS E 280 -34.78 -28.55 -15.19
CA LYS E 280 -35.92 -29.42 -15.57
C LYS E 280 -36.37 -30.29 -14.40
N PRO E 281 -37.70 -30.36 -14.14
CA PRO E 281 -38.22 -31.31 -13.12
C PRO E 281 -37.56 -32.66 -13.21
N GLY E 282 -37.36 -33.19 -12.02
CA GLY E 282 -36.79 -34.50 -11.83
C GLY E 282 -35.59 -34.52 -10.88
N LYS E 283 -34.69 -35.44 -11.20
CA LYS E 283 -33.56 -35.78 -10.38
C LYS E 283 -32.38 -34.80 -10.68
N VAL E 284 -31.96 -34.04 -9.65
CA VAL E 284 -30.76 -33.21 -9.77
C VAL E 284 -29.65 -33.60 -8.78
N SER E 285 -28.48 -33.85 -9.34
CA SER E 285 -27.27 -34.16 -8.57
C SER E 285 -26.62 -32.92 -7.87
N ILE E 286 -26.69 -32.85 -6.54
CA ILE E 286 -26.02 -31.82 -5.73
C ILE E 286 -24.62 -32.31 -5.24
N LYS E 287 -23.58 -31.86 -5.92
CA LYS E 287 -22.20 -32.24 -5.68
C LYS E 287 -21.34 -31.04 -5.23
N GLY E 288 -20.43 -31.28 -4.26
CA GLY E 288 -19.53 -30.24 -3.83
C GLY E 288 -18.32 -30.69 -3.06
N TYR E 289 -17.68 -29.75 -2.35
CA TYR E 289 -16.50 -30.03 -1.54
C TYR E 289 -16.75 -29.58 -0.11
N ALA E 290 -16.06 -30.28 0.81
CA ALA E 290 -15.96 -29.90 2.22
C ALA E 290 -14.52 -30.10 2.67
N VAL E 291 -14.05 -29.17 3.51
CA VAL E 291 -12.71 -29.24 4.11
C VAL E 291 -12.71 -28.57 5.43
N SER E 292 -11.70 -28.96 6.18
CA SER E 292 -11.26 -28.31 7.37
C SER E 292 -9.76 -28.29 7.47
N GLY E 293 -9.25 -27.34 8.21
CA GLY E 293 -7.82 -27.23 8.41
C GLY E 293 -7.34 -28.16 9.52
N GLY E 294 -6.07 -28.12 9.76
CA GLY E 294 -5.45 -28.68 10.94
C GLY E 294 -5.39 -30.19 10.92
N GLY E 295 -5.59 -30.76 9.78
CA GLY E 295 -5.61 -32.20 9.68
C GLY E 295 -6.89 -32.86 10.13
N ARG E 296 -7.92 -32.11 10.35
CA ARG E 296 -9.20 -32.67 10.74
C ARG E 296 -10.01 -33.06 9.47
N GLY E 297 -10.67 -34.19 9.51
CA GLY E 297 -11.47 -34.72 8.45
C GLY E 297 -12.91 -34.24 8.51
N ILE E 298 -13.73 -34.70 7.58
CA ILE E 298 -15.14 -34.30 7.55
C ILE E 298 -16.08 -35.46 7.98
N GLU E 299 -16.71 -35.31 9.11
CA GLU E 299 -17.46 -36.36 9.74
C GLU E 299 -18.80 -36.56 9.07
N ARG E 300 -19.30 -35.45 8.57
CA ARG E 300 -20.68 -35.33 8.10
C ARG E 300 -20.94 -34.19 7.13
N VAL E 301 -21.64 -34.42 6.04
CA VAL E 301 -22.17 -33.29 5.23
C VAL E 301 -23.70 -33.36 5.17
N ASP E 302 -24.36 -32.32 5.54
CA ASP E 302 -25.81 -32.22 5.63
C ASP E 302 -26.40 -31.35 4.49
N ILE E 303 -27.51 -31.82 3.94
CA ILE E 303 -28.18 -31.12 2.90
C ILE E 303 -29.66 -30.89 3.19
N SER E 304 -30.13 -29.67 3.00
CA SER E 304 -31.50 -29.28 3.29
C SER E 304 -32.22 -28.66 2.10
N LEU E 305 -33.48 -29.07 1.90
CA LEU E 305 -34.31 -28.52 0.83
C LEU E 305 -35.43 -27.70 1.36
N ASP E 306 -35.48 -27.41 2.64
CA ASP E 306 -36.67 -26.75 3.25
C ASP E 306 -36.30 -25.61 4.13
N GLY E 307 -35.20 -24.93 3.79
CA GLY E 307 -34.76 -23.72 4.52
C GLY E 307 -34.06 -24.04 5.81
N GLY E 308 -33.54 -25.28 5.91
CA GLY E 308 -32.82 -25.71 7.08
C GLY E 308 -33.61 -26.15 8.30
N LYS E 309 -34.87 -26.46 8.11
CA LYS E 309 -35.70 -27.17 9.14
C LYS E 309 -35.32 -28.66 9.29
N ASN E 310 -34.98 -29.27 8.16
CA ASN E 310 -34.70 -30.69 8.04
C ASN E 310 -33.51 -30.96 7.14
N TRP E 311 -32.65 -31.89 7.57
CA TRP E 311 -31.40 -32.18 6.86
C TRP E 311 -31.32 -33.62 6.56
N VAL E 312 -30.70 -33.92 5.47
CA VAL E 312 -30.49 -35.30 5.03
C VAL E 312 -28.94 -35.41 4.71
N GLU E 313 -28.41 -36.59 4.86
CA GLU E 313 -27.01 -36.67 4.84
C GLU E 313 -26.50 -36.99 3.46
N ALA E 314 -25.50 -36.26 3.00
CA ALA E 314 -24.87 -36.54 1.76
C ALA E 314 -23.81 -37.54 1.94
N SER E 315 -23.36 -38.12 0.84
CA SER E 315 -22.28 -39.10 0.91
C SER E 315 -20.95 -38.30 0.84
N ARG E 316 -19.87 -39.00 1.26
CA ARG E 316 -18.61 -38.41 1.22
C ARG E 316 -17.48 -39.30 0.78
N THR E 317 -16.59 -38.74 -0.02
CA THR E 317 -15.61 -39.55 -0.80
C THR E 317 -14.28 -38.82 -0.96
N GLN E 318 -13.20 -39.55 -0.94
CA GLN E 318 -11.90 -38.99 -1.33
C GLN E 318 -11.44 -39.62 -2.61
N GLU E 319 -10.41 -40.44 -2.57
CA GLU E 319 -10.04 -41.29 -3.77
C GLU E 319 -11.22 -42.09 -4.25
N PRO E 320 -11.49 -42.17 -5.53
CA PRO E 320 -12.72 -42.86 -5.95
C PRO E 320 -12.51 -44.41 -5.77
N GLY E 321 -13.60 -45.11 -5.45
CA GLY E 321 -13.61 -46.54 -5.15
C GLY E 321 -13.42 -46.94 -3.69
N LYS E 322 -12.28 -46.59 -3.14
CA LYS E 322 -12.02 -46.45 -1.66
C LYS E 322 -13.22 -45.82 -0.86
N GLN E 323 -13.50 -46.35 0.30
CA GLN E 323 -14.57 -45.79 1.14
C GLN E 323 -13.95 -44.75 2.08
N TYR E 324 -14.55 -43.58 2.17
CA TYR E 324 -14.02 -42.52 3.04
C TYR E 324 -14.39 -42.68 4.52
N ILE E 325 -13.35 -42.71 5.32
CA ILE E 325 -13.50 -42.72 6.77
C ILE E 325 -12.72 -41.59 7.45
N SER E 326 -13.42 -40.90 8.32
CA SER E 326 -12.90 -39.68 8.87
C SER E 326 -11.69 -39.72 9.80
N GLU E 327 -11.58 -40.39 10.90
CA GLU E 327 -10.23 -40.03 11.53
C GLU E 327 -9.58 -41.34 11.48
N HIS E 328 -8.91 -41.60 10.37
CA HIS E 328 -8.58 -42.97 9.95
C HIS E 328 -7.30 -42.99 9.16
N SER E 329 -6.55 -44.06 9.35
CA SER E 329 -5.25 -44.24 8.68
C SER E 329 -5.39 -44.23 7.13
N SER E 330 -6.51 -44.74 6.61
CA SER E 330 -6.77 -44.74 5.12
C SER E 330 -7.14 -43.36 4.49
N SER E 331 -7.59 -42.46 5.33
CA SER E 331 -7.98 -41.07 4.95
C SER E 331 -6.78 -40.13 4.71
N ASP E 332 -7.01 -39.24 3.78
CA ASP E 332 -6.06 -38.16 3.37
C ASP E 332 -6.41 -36.91 4.21
N LYS E 333 -5.78 -36.79 5.38
CA LYS E 333 -6.22 -35.85 6.42
C LYS E 333 -5.97 -34.36 6.02
N TRP E 334 -5.04 -34.12 5.10
CA TRP E 334 -4.80 -32.78 4.57
C TRP E 334 -5.59 -32.38 3.36
N ALA E 335 -6.52 -33.24 3.00
CA ALA E 335 -7.26 -33.05 1.77
C ALA E 335 -8.74 -32.82 1.99
N TRP E 336 -9.37 -32.17 1.01
CA TRP E 336 -10.82 -32.09 1.00
C TRP E 336 -11.51 -33.42 0.83
N VAL E 337 -12.82 -33.32 1.02
CA VAL E 337 -13.75 -34.37 0.90
C VAL E 337 -14.86 -33.96 -0.06
N LEU E 338 -15.10 -34.78 -1.06
CA LEU E 338 -16.17 -34.50 -2.03
C LEU E 338 -17.48 -35.12 -1.60
N PHE E 339 -18.52 -34.33 -1.68
CA PHE E 339 -19.85 -34.75 -1.31
C PHE E 339 -20.83 -34.80 -2.49
N GLU E 340 -21.75 -35.76 -2.44
CA GLU E 340 -22.86 -35.85 -3.41
C GLU E 340 -24.15 -36.31 -2.73
N ALA E 341 -25.21 -35.72 -3.18
CA ALA E 341 -26.58 -36.11 -2.83
C ALA E 341 -27.55 -35.91 -4.03
N THR E 342 -28.29 -36.93 -4.41
CA THR E 342 -29.33 -36.80 -5.45
C THR E 342 -30.63 -36.41 -4.84
N ILE E 343 -31.22 -35.38 -5.39
CA ILE E 343 -32.47 -34.88 -4.87
C ILE E 343 -33.56 -34.78 -5.95
N ASP E 344 -34.78 -34.67 -5.46
CA ASP E 344 -35.96 -34.65 -6.31
C ASP E 344 -36.60 -33.30 -6.25
N VAL E 345 -36.63 -32.69 -7.44
CA VAL E 345 -37.19 -31.34 -7.59
C VAL E 345 -38.39 -31.33 -8.50
N SER E 346 -39.46 -30.82 -7.92
CA SER E 346 -40.75 -30.73 -8.58
C SER E 346 -41.26 -29.28 -8.55
N GLN E 347 -40.51 -28.41 -7.91
CA GLN E 347 -40.98 -27.08 -7.52
C GLN E 347 -39.71 -26.19 -7.38
N THR E 348 -39.90 -24.87 -7.30
CA THR E 348 -38.80 -23.95 -6.99
C THR E 348 -38.29 -24.15 -5.54
N THR E 349 -37.00 -24.50 -5.45
CA THR E 349 -36.31 -25.05 -4.25
C THR E 349 -34.99 -24.33 -3.89
N GLU E 350 -34.94 -23.79 -2.68
CA GLU E 350 -33.65 -23.42 -2.05
C GLU E 350 -32.88 -24.64 -1.47
N VAL E 351 -31.70 -25.00 -2.03
CA VAL E 351 -30.83 -26.03 -1.40
C VAL E 351 -29.67 -25.47 -0.58
N ILE E 352 -29.48 -26.02 0.59
CA ILE E 352 -28.37 -25.61 1.53
C ILE E 352 -27.48 -26.79 1.91
N ALA E 353 -26.18 -26.56 1.90
CA ALA E 353 -25.17 -27.55 2.31
C ALA E 353 -24.34 -27.00 3.47
N LYS E 354 -24.15 -27.83 4.50
CA LYS E 354 -23.17 -27.54 5.54
C LYS E 354 -22.46 -28.79 6.05
N ALA E 355 -21.25 -28.57 6.56
CA ALA E 355 -20.43 -29.64 6.93
C ALA E 355 -20.06 -29.54 8.40
N VAL E 356 -19.69 -30.69 8.96
CA VAL E 356 -19.25 -30.82 10.36
C VAL E 356 -17.99 -31.64 10.32
N ASP E 357 -16.95 -31.13 10.94
CA ASP E 357 -15.66 -31.80 10.92
C ASP E 357 -15.51 -32.86 12.02
N SER E 358 -14.40 -33.58 12.00
CA SER E 358 -14.12 -34.65 13.00
C SER E 358 -14.14 -34.17 14.42
N ALA E 359 -13.88 -32.88 14.66
CA ALA E 359 -13.95 -32.35 16.03
C ALA E 359 -15.34 -31.77 16.34
N ALA E 360 -16.30 -32.10 15.50
CA ALA E 360 -17.66 -31.64 15.64
C ALA E 360 -17.84 -30.10 15.51
N ASN E 361 -16.83 -29.50 14.93
CA ASN E 361 -16.96 -28.08 14.55
C ASN E 361 -18.02 -27.86 13.49
N VAL E 362 -18.72 -26.76 13.63
CA VAL E 362 -19.79 -26.38 12.68
C VAL E 362 -19.48 -25.13 11.89
N GLN E 363 -20.26 -24.93 10.87
CA GLN E 363 -20.25 -23.73 10.06
C GLN E 363 -21.24 -22.66 10.57
N PRO E 364 -20.85 -21.38 10.58
CA PRO E 364 -21.77 -20.32 10.99
C PRO E 364 -23.00 -20.22 10.04
N GLU E 365 -24.17 -20.00 10.60
CA GLU E 365 -25.41 -19.99 9.78
C GLU E 365 -25.39 -18.77 8.72
N ASN E 366 -25.04 -17.60 9.23
CA ASN E 366 -25.08 -16.38 8.48
C ASN E 366 -23.69 -15.66 8.40
N VAL E 367 -23.36 -15.13 7.20
CA VAL E 367 -22.18 -14.29 6.99
C VAL E 367 -22.02 -13.20 8.01
N GLU E 368 -23.10 -12.48 8.24
CA GLU E 368 -23.08 -11.39 9.21
C GLU E 368 -22.30 -11.77 10.47
N SER E 369 -22.43 -13.01 10.99
CA SER E 369 -21.77 -13.34 12.31
C SER E 369 -20.23 -13.42 12.20
N VAL E 370 -19.78 -13.68 10.98
CA VAL E 370 -18.34 -13.81 10.72
C VAL E 370 -17.70 -12.79 9.75
N TRP E 371 -18.48 -11.81 9.36
CA TRP E 371 -18.07 -10.71 8.52
C TRP E 371 -16.83 -10.05 9.09
N ASN E 372 -15.91 -9.87 8.19
CA ASN E 372 -14.61 -9.36 8.52
C ASN E 372 -14.03 -8.49 7.36
N LEU E 373 -13.33 -7.49 7.79
CA LEU E 373 -12.64 -6.51 6.95
C LEU E 373 -11.82 -6.97 5.71
N ARG E 374 -11.05 -8.03 5.92
CA ARG E 374 -10.27 -8.65 4.85
C ARG E 374 -11.03 -9.63 3.99
N GLY E 375 -12.25 -9.89 4.37
CA GLY E 375 -13.06 -10.75 3.55
C GLY E 375 -12.50 -12.11 3.46
N VAL E 376 -11.97 -12.59 4.59
CA VAL E 376 -11.40 -13.96 4.67
C VAL E 376 -12.27 -14.96 5.42
N LEU E 377 -12.22 -16.21 5.03
CA LEU E 377 -12.82 -17.33 5.76
C LEU E 377 -14.32 -17.26 5.89
N ASN E 378 -14.94 -16.87 4.79
CA ASN E 378 -16.37 -17.01 4.64
C ASN E 378 -16.80 -18.44 4.66
N THR E 379 -17.27 -18.90 5.82
CA THR E 379 -17.77 -20.30 5.95
C THR E 379 -19.28 -20.44 6.30
N SER E 380 -20.02 -19.35 6.13
CA SER E 380 -21.48 -19.32 5.94
C SER E 380 -22.03 -20.51 5.28
N TRP E 381 -23.21 -20.92 5.71
CA TRP E 381 -23.90 -21.95 4.94
C TRP E 381 -24.08 -21.44 3.51
N HIS E 382 -23.58 -22.22 2.59
CA HIS E 382 -23.82 -21.99 1.21
C HIS E 382 -25.25 -22.37 0.77
N ARG E 383 -25.97 -21.39 0.27
CA ARG E 383 -27.39 -21.52 -0.17
C ARG E 383 -27.47 -21.33 -1.64
N VAL E 384 -28.05 -22.27 -2.34
CA VAL E 384 -28.33 -22.10 -3.76
C VAL E 384 -29.84 -22.16 -4.06
N LEU E 385 -30.19 -21.57 -5.20
CA LEU E 385 -31.61 -21.43 -5.61
C LEU E 385 -31.82 -22.13 -6.93
N LEU E 386 -32.67 -23.13 -6.88
CA LEU E 386 -33.04 -23.89 -8.07
C LEU E 386 -34.45 -23.45 -8.52
N ARG E 387 -34.51 -23.19 -9.81
CA ARG E 387 -35.70 -22.59 -10.47
C ARG E 387 -36.17 -23.47 -11.59
N LEU E 388 -37.49 -23.46 -11.78
CA LEU E 388 -38.17 -24.28 -12.82
C LEU E 388 -38.26 -23.64 -14.24
N GLY E 389 -37.18 -23.85 -15.02
CA GLY E 389 -37.09 -23.50 -16.45
C GLY E 389 -37.02 -24.80 -17.24
N PRO F 2 -3.32 -59.01 41.70
CA PRO F 2 -4.48 -58.15 42.17
C PRO F 2 -4.24 -57.26 43.43
N GLY F 3 -3.77 -56.00 43.30
CA GLY F 3 -3.70 -55.08 44.46
C GLY F 3 -4.87 -54.09 44.68
N ILE F 4 -5.91 -54.31 43.90
CA ILE F 4 -6.97 -53.34 43.70
C ILE F 4 -8.19 -54.08 43.25
N ARG F 5 -9.35 -53.65 43.67
CA ARG F 5 -10.53 -54.23 43.11
C ARG F 5 -11.60 -53.17 42.73
N GLY F 6 -12.46 -53.57 41.80
CA GLY F 6 -13.60 -52.77 41.43
C GLY F 6 -14.84 -53.26 42.05
N PRO F 7 -15.43 -52.56 42.95
CA PRO F 7 -16.64 -53.11 43.56
C PRO F 7 -17.80 -53.22 42.60
N SER F 8 -18.78 -54.00 43.01
CA SER F 8 -20.02 -54.19 42.28
C SER F 8 -21.16 -53.52 42.96
N GLU F 9 -20.83 -52.77 44.01
CA GLU F 9 -21.86 -52.06 44.79
C GLU F 9 -21.17 -50.88 45.53
N TYR F 10 -21.98 -49.99 46.10
CA TYR F 10 -21.58 -48.59 46.45
C TYR F 10 -21.38 -48.30 47.96
N SER F 11 -21.01 -49.32 48.69
CA SER F 11 -20.90 -49.23 50.16
C SER F 11 -19.58 -48.52 50.62
N GLN F 12 -18.58 -48.49 49.76
CA GLN F 12 -17.26 -47.99 50.14
C GLN F 12 -16.80 -46.78 49.26
N GLU F 13 -17.78 -45.99 48.83
CA GLU F 13 -17.54 -44.78 48.03
C GLU F 13 -16.80 -43.76 48.89
N PRO F 14 -15.87 -43.05 48.32
CA PRO F 14 -15.12 -42.06 49.04
C PRO F 14 -15.98 -40.80 49.30
N PRO F 15 -15.49 -39.97 50.18
CA PRO F 15 -16.26 -38.77 50.53
C PRO F 15 -16.02 -37.71 49.45
N ARG F 16 -17.01 -36.85 49.26
CA ARG F 16 -16.87 -35.67 48.38
C ARG F 16 -17.16 -34.29 49.04
N HIS F 17 -16.66 -33.20 48.47
CA HIS F 17 -17.03 -31.85 48.94
C HIS F 17 -18.58 -31.61 48.93
N PRO F 18 -19.17 -31.11 50.03
CA PRO F 18 -20.62 -30.93 50.10
C PRO F 18 -21.17 -29.90 49.21
N SER F 19 -20.36 -28.97 48.73
CA SER F 19 -20.87 -27.88 47.83
C SER F 19 -21.25 -28.38 46.47
N LEU F 20 -20.84 -29.60 46.18
CA LEU F 20 -21.01 -30.20 44.87
C LEU F 20 -22.46 -30.36 44.55
N LYS F 21 -22.86 -29.92 43.37
CA LYS F 21 -24.15 -30.25 42.85
C LYS F 21 -24.16 -31.64 42.25
N VAL F 22 -24.97 -32.50 42.84
CA VAL F 22 -25.03 -33.93 42.51
C VAL F 22 -26.08 -34.23 41.50
N ASN F 23 -25.67 -34.77 40.36
CA ASN F 23 -26.60 -35.04 39.26
C ASN F 23 -27.04 -36.48 39.20
N ALA F 24 -26.19 -37.33 39.73
CA ALA F 24 -26.54 -38.73 40.02
C ALA F 24 -25.66 -39.24 41.15
N LYS F 25 -26.32 -39.91 42.10
CA LYS F 25 -25.69 -40.44 43.34
C LYS F 25 -24.91 -41.74 43.05
N GLU F 26 -25.58 -42.63 42.32
CA GLU F 26 -25.01 -43.99 42.12
C GLU F 26 -25.25 -44.48 40.71
N PRO F 27 -24.23 -44.45 39.86
CA PRO F 27 -22.89 -43.97 40.18
C PRO F 27 -22.79 -42.47 40.34
N PHE F 28 -21.67 -42.06 40.95
CA PHE F 28 -21.41 -40.67 41.29
C PHE F 28 -21.03 -39.76 40.11
N ASN F 29 -21.90 -38.81 39.90
CA ASN F 29 -21.86 -37.91 38.83
C ASN F 29 -22.19 -36.50 39.35
N ALA F 30 -21.18 -35.64 39.40
CA ALA F 30 -21.32 -34.35 40.06
C ALA F 30 -20.37 -33.25 39.51
N GLU F 31 -20.76 -32.02 39.80
CA GLU F 31 -20.12 -30.81 39.24
C GLU F 31 -20.20 -29.68 40.26
N PRO F 32 -19.18 -28.81 40.26
CA PRO F 32 -19.19 -27.67 41.16
C PRO F 32 -20.24 -26.65 40.79
N PRO F 33 -20.60 -25.82 41.74
CA PRO F 33 -21.48 -24.68 41.46
C PRO F 33 -20.66 -23.77 40.52
N ARG F 34 -21.33 -23.42 39.48
CA ARG F 34 -20.92 -22.40 38.54
C ARG F 34 -20.00 -21.27 39.09
N SER F 35 -20.42 -20.69 40.21
CA SER F 35 -19.80 -19.53 40.83
C SER F 35 -18.46 -19.84 41.37
N ALA F 36 -18.18 -21.09 41.64
CA ALA F 36 -16.83 -21.47 42.16
C ALA F 36 -15.90 -22.01 41.07
N LEU F 37 -16.47 -22.42 39.95
CA LEU F 37 -15.75 -23.06 38.83
C LEU F 37 -14.55 -22.29 38.28
N VAL F 38 -14.75 -21.00 38.27
CA VAL F 38 -13.95 -20.06 37.54
C VAL F 38 -13.13 -19.08 38.46
N SER F 39 -13.03 -19.42 39.70
CA SER F 39 -12.38 -18.55 40.70
C SER F 39 -10.90 -18.67 40.55
N SER F 40 -10.49 -19.80 40.03
CA SER F 40 -9.09 -20.02 39.84
C SER F 40 -8.85 -20.82 38.50
N TYR F 41 -7.69 -20.55 37.92
CA TYR F 41 -7.29 -21.10 36.62
C TYR F 41 -7.09 -22.61 36.72
N VAL F 42 -6.46 -23.00 37.80
CA VAL F 42 -6.32 -24.40 38.19
C VAL F 42 -7.40 -24.76 39.22
N THR F 43 -8.22 -25.72 38.79
CA THR F 43 -9.37 -26.20 39.50
C THR F 43 -8.90 -27.09 40.70
N PRO F 44 -9.32 -26.74 41.93
CA PRO F 44 -8.96 -27.57 43.09
C PRO F 44 -9.66 -28.89 42.99
N VAL F 45 -8.93 -29.94 43.35
CA VAL F 45 -9.45 -31.32 43.37
C VAL F 45 -10.82 -31.50 44.05
N ASP F 46 -11.01 -30.86 45.19
CA ASP F 46 -12.32 -30.83 45.92
C ASP F 46 -13.47 -30.46 44.99
N LEU F 47 -13.22 -29.48 44.10
CA LEU F 47 -14.23 -28.88 43.20
C LEU F 47 -14.24 -29.40 41.75
N PHE F 48 -13.30 -30.29 41.45
CA PHE F 48 -13.15 -30.81 40.12
C PHE F 48 -14.28 -31.81 39.90
N TYR F 49 -14.95 -31.69 38.80
CA TYR F 49 -16.09 -32.46 38.55
C TYR F 49 -15.78 -33.97 38.45
N LYS F 50 -16.82 -34.70 38.75
CA LYS F 50 -16.74 -36.11 39.00
C LYS F 50 -17.68 -36.81 38.07
N ARG F 51 -17.16 -37.71 37.26
CA ARG F 51 -17.98 -38.44 36.31
C ARG F 51 -17.60 -39.92 36.31
N ASN F 52 -18.54 -40.74 36.71
CA ASN F 52 -18.30 -42.22 36.89
C ASN F 52 -19.42 -43.05 36.35
N HIS F 53 -19.04 -44.19 35.82
CA HIS F 53 -20.00 -45.11 35.23
C HIS F 53 -20.33 -46.23 36.15
N GLY F 54 -19.52 -46.33 37.19
CA GLY F 54 -19.63 -47.38 38.17
C GLY F 54 -19.02 -47.02 39.49
N PRO F 55 -19.06 -47.98 40.41
CA PRO F 55 -18.44 -47.82 41.73
C PRO F 55 -16.92 -47.56 41.63
N ILE F 56 -16.42 -46.76 42.54
CA ILE F 56 -15.04 -46.33 42.57
C ILE F 56 -14.16 -47.40 43.10
N PRO F 57 -13.18 -47.84 42.34
CA PRO F 57 -12.21 -48.80 42.85
C PRO F 57 -11.50 -48.40 44.14
N ILE F 58 -11.24 -49.46 44.89
CA ILE F 58 -10.58 -49.43 46.16
C ILE F 58 -9.32 -50.27 46.14
N VAL F 59 -8.23 -49.67 46.58
CA VAL F 59 -6.93 -50.29 46.64
C VAL F 59 -6.70 -50.83 48.05
N ASP F 60 -6.51 -52.16 48.18
CA ASP F 60 -6.20 -52.83 49.50
C ASP F 60 -4.68 -52.86 49.84
N HIS F 61 -3.85 -52.99 48.79
CA HIS F 61 -2.35 -53.12 48.80
C HIS F 61 -1.57 -52.44 47.63
N LEU F 62 -1.12 -51.23 47.87
CA LEU F 62 -0.54 -50.38 46.80
C LEU F 62 0.65 -51.01 46.03
N GLN F 63 1.64 -51.54 46.75
CA GLN F 63 2.75 -52.29 46.06
C GLN F 63 2.06 -53.61 45.71
N SER F 64 2.34 -54.21 44.60
CA SER F 64 1.43 -55.30 44.12
C SER F 64 0.24 -54.85 43.15
N TYR F 65 -0.11 -53.55 43.19
CA TYR F 65 -0.85 -52.94 42.05
C TYR F 65 0.06 -52.86 40.89
N SER F 66 -0.50 -53.14 39.73
CA SER F 66 0.19 -52.97 38.47
C SER F 66 -0.72 -52.66 37.26
N VAL F 67 -0.14 -52.03 36.26
CA VAL F 67 -0.69 -51.97 34.91
C VAL F 67 0.00 -53.00 34.01
N THR F 68 -0.79 -53.80 33.28
CA THR F 68 -0.28 -54.83 32.39
C THR F 68 -0.20 -54.31 30.97
N LEU F 69 0.98 -54.36 30.39
CA LEU F 69 1.14 -54.11 28.96
C LEU F 69 1.08 -55.38 28.11
N THR F 70 -0.04 -55.57 27.41
CA THR F 70 -0.28 -56.74 26.56
C THR F 70 -0.60 -56.40 25.16
N GLY F 71 -1.09 -57.42 24.47
CA GLY F 71 -1.48 -57.41 23.07
C GLY F 71 -0.33 -57.44 22.06
N LEU F 72 -0.55 -56.89 20.88
CA LEU F 72 0.45 -56.85 19.76
C LEU F 72 1.80 -56.23 20.11
N ILE F 73 2.40 -56.86 21.08
CA ILE F 73 3.67 -56.41 21.65
C ILE F 73 4.69 -57.57 21.80
N GLN F 74 5.98 -57.32 21.57
CA GLN F 74 7.04 -58.39 21.65
C GLN F 74 7.03 -59.12 23.03
N ASN F 75 7.21 -58.34 24.10
CA ASN F 75 7.32 -58.90 25.49
C ASN F 75 6.33 -58.33 26.48
N PRO F 76 5.15 -58.98 26.55
CA PRO F 76 4.10 -58.60 27.50
C PRO F 76 4.63 -58.49 28.92
N ARG F 77 5.03 -57.28 29.22
CA ARG F 77 5.55 -56.91 30.54
C ARG F 77 4.41 -56.60 31.51
N LYS F 78 4.76 -56.32 32.74
CA LYS F 78 3.77 -55.94 33.75
C LYS F 78 4.45 -54.89 34.65
N LEU F 79 3.84 -53.68 34.68
CA LEU F 79 4.44 -52.45 35.23
C LEU F 79 3.82 -52.02 36.55
N PHE F 80 4.63 -52.03 37.59
CA PHE F 80 4.22 -51.65 38.96
C PHE F 80 4.31 -50.16 39.11
N ILE F 81 3.65 -49.65 40.11
CA ILE F 81 3.59 -48.19 40.29
C ILE F 81 4.97 -47.51 40.51
N LYS F 82 5.88 -48.23 41.18
CA LYS F 82 7.33 -47.90 41.31
C LYS F 82 8.04 -47.66 39.96
N ASP F 83 7.76 -48.56 39.02
CA ASP F 83 8.29 -48.54 37.64
C ASP F 83 7.78 -47.34 36.83
N ILE F 84 6.51 -47.01 37.04
CA ILE F 84 5.87 -45.87 36.35
C ILE F 84 6.48 -44.56 36.86
N ARG F 85 6.66 -44.47 38.18
CA ARG F 85 7.31 -43.28 38.84
C ARG F 85 8.81 -43.10 38.56
N SER F 86 9.46 -44.14 38.09
CA SER F 86 10.88 -44.06 37.75
C SER F 86 11.11 -43.57 36.34
N LEU F 87 10.09 -43.58 35.52
CA LEU F 87 10.18 -43.02 34.13
C LEU F 87 10.28 -41.48 34.23
N PRO F 88 10.69 -40.81 33.18
CA PRO F 88 10.79 -39.38 33.27
C PRO F 88 9.41 -38.78 33.55
N LYS F 89 9.37 -38.05 34.64
CA LYS F 89 8.20 -37.31 35.06
C LYS F 89 7.95 -36.00 34.28
N TYR F 90 6.69 -35.88 33.83
CA TYR F 90 6.19 -34.67 33.16
C TYR F 90 4.97 -34.10 33.90
N ASN F 91 4.84 -32.78 33.84
CA ASN F 91 3.67 -32.07 34.37
C ASN F 91 2.94 -31.37 33.22
N VAL F 92 1.72 -31.78 32.95
CA VAL F 92 0.98 -31.25 31.82
C VAL F 92 -0.25 -30.59 32.38
N THR F 93 -0.48 -29.37 31.96
CA THR F 93 -1.69 -28.65 32.35
C THR F 93 -2.70 -28.94 31.32
N ALA F 94 -3.85 -29.45 31.74
CA ALA F 94 -4.84 -29.93 30.76
C ALA F 94 -6.26 -29.97 31.36
N THR F 95 -7.17 -29.47 30.55
CA THR F 95 -8.55 -29.45 30.86
C THR F 95 -9.23 -30.72 30.39
N LEU F 96 -9.97 -31.29 31.31
CA LEU F 96 -10.93 -32.32 31.01
C LEU F 96 -12.31 -31.73 30.93
N GLN F 97 -12.94 -31.90 29.80
CA GLN F 97 -14.31 -31.50 29.62
C GLN F 97 -15.09 -32.73 29.25
N CYS F 98 -16.19 -32.91 29.94
CA CYS F 98 -17.05 -34.02 29.68
C CYS F 98 -17.92 -33.72 28.46
N ALA F 99 -18.03 -34.68 27.57
CA ALA F 99 -18.76 -34.53 26.36
C ALA F 99 -20.20 -34.21 26.74
N GLY F 100 -20.61 -34.65 27.93
CA GLY F 100 -21.94 -34.31 28.45
C GLY F 100 -22.16 -32.86 29.00
N ASN F 101 -21.09 -32.10 29.18
CA ASN F 101 -21.20 -30.71 29.58
C ASN F 101 -22.25 -29.96 28.79
N ARG F 102 -23.05 -29.24 29.55
CA ARG F 102 -24.22 -28.41 29.06
C ARG F 102 -25.41 -29.17 28.47
N ARG F 103 -25.51 -30.43 28.82
CA ARG F 103 -26.57 -31.28 28.25
C ARG F 103 -27.97 -30.83 28.64
N THR F 104 -28.14 -30.41 29.92
CA THR F 104 -29.48 -30.14 30.43
C THR F 104 -30.20 -29.11 29.56
N ALA F 105 -29.48 -28.10 29.17
CA ALA F 105 -30.07 -27.02 28.31
C ALA F 105 -30.44 -27.53 26.94
N MET F 106 -29.79 -28.57 26.44
CA MET F 106 -30.21 -29.20 25.17
C MET F 106 -31.51 -30.01 25.33
N SER F 107 -31.68 -30.51 26.54
CA SER F 107 -32.75 -31.44 26.90
C SER F 107 -34.06 -30.66 27.06
N LYS F 108 -33.94 -29.52 27.73
CA LYS F 108 -35.09 -28.53 27.88
C LYS F 108 -35.78 -28.25 26.55
N VAL F 109 -35.03 -28.30 25.48
CA VAL F 109 -35.62 -28.06 24.18
C VAL F 109 -36.27 -29.31 23.60
N ARG F 110 -35.60 -30.43 23.73
CA ARG F 110 -36.15 -31.71 23.29
C ARG F 110 -35.44 -32.69 24.13
N ASN F 111 -36.21 -33.56 24.76
CA ASN F 111 -35.72 -34.39 25.85
C ASN F 111 -34.60 -35.36 25.44
N VAL F 112 -33.53 -35.35 26.25
CA VAL F 112 -32.53 -36.40 26.13
C VAL F 112 -32.44 -37.21 27.39
N ARG F 113 -32.36 -38.51 27.12
CA ARG F 113 -31.97 -39.49 28.13
C ARG F 113 -30.48 -39.36 28.50
N GLY F 114 -30.28 -39.17 29.80
CA GLY F 114 -28.97 -39.19 30.39
C GLY F 114 -28.91 -38.31 31.59
N VAL F 115 -27.79 -38.41 32.24
CA VAL F 115 -27.52 -37.64 33.41
C VAL F 115 -27.49 -36.16 32.96
N GLY F 116 -28.11 -35.31 33.75
CA GLY F 116 -28.16 -33.90 33.55
C GLY F 116 -26.89 -33.22 33.97
N TRP F 117 -26.50 -32.23 33.19
CA TRP F 117 -25.36 -31.38 33.48
C TRP F 117 -25.68 -29.93 33.14
N ASP F 118 -25.19 -29.09 33.99
CA ASP F 118 -25.29 -27.71 33.78
C ASP F 118 -23.94 -27.34 32.95
N VAL F 119 -23.22 -26.36 33.42
CA VAL F 119 -22.23 -25.61 32.64
C VAL F 119 -20.83 -25.93 33.20
N SER F 120 -20.81 -26.76 34.22
CA SER F 120 -19.60 -27.09 35.03
C SER F 120 -19.05 -28.55 35.00
N ALA F 121 -19.40 -29.32 33.97
CA ALA F 121 -18.82 -30.63 33.72
C ALA F 121 -17.49 -30.49 33.01
N ILE F 122 -16.62 -29.78 33.69
CA ILE F 122 -15.35 -29.33 33.17
C ILE F 122 -14.42 -28.85 34.24
N GLY F 123 -13.15 -29.09 34.02
CA GLY F 123 -12.14 -28.77 34.97
C GLY F 123 -10.74 -28.79 34.41
N ASN F 124 -9.91 -27.98 35.02
CA ASN F 124 -8.55 -27.78 34.61
C ASN F 124 -7.59 -28.13 35.70
N ALA F 125 -6.62 -28.95 35.33
CA ALA F 125 -5.67 -29.44 36.32
C ALA F 125 -4.29 -29.62 35.79
N VAL F 126 -3.34 -29.72 36.73
CA VAL F 126 -1.92 -30.02 36.43
C VAL F 126 -1.80 -31.50 36.71
N TRP F 127 -1.51 -32.25 35.68
CA TRP F 127 -1.41 -33.69 35.77
C TRP F 127 0.08 -34.07 35.85
N GLY F 128 0.40 -34.88 36.83
CA GLY F 128 1.73 -35.39 36.95
C GLY F 128 1.88 -36.86 36.61
N GLY F 129 2.72 -37.18 35.66
CA GLY F 129 3.05 -38.59 35.48
C GLY F 129 4.04 -38.91 34.37
N ALA F 130 3.93 -40.08 33.88
CA ALA F 130 4.80 -40.54 32.82
C ALA F 130 4.22 -40.35 31.44
N LYS F 131 5.00 -40.01 30.47
CA LYS F 131 4.49 -40.04 29.12
C LYS F 131 4.31 -41.46 28.63
N LEU F 132 3.14 -41.69 28.02
CA LEU F 132 2.76 -42.99 27.40
C LEU F 132 3.67 -43.36 26.25
N ALA F 133 4.16 -42.38 25.51
CA ALA F 133 5.16 -42.67 24.47
C ALA F 133 6.44 -43.35 25.04
N ASP F 134 6.89 -42.85 26.18
CA ASP F 134 8.04 -43.36 26.92
C ASP F 134 7.76 -44.81 27.35
N VAL F 135 6.58 -45.05 27.92
CA VAL F 135 6.12 -46.41 28.33
C VAL F 135 6.04 -47.38 27.17
N LEU F 136 5.70 -46.89 25.98
CA LEU F 136 5.58 -47.77 24.83
C LEU F 136 6.94 -48.09 24.11
N GLU F 137 7.82 -47.09 24.13
CA GLU F 137 9.25 -47.23 23.79
C GLU F 137 9.86 -48.41 24.69
N LEU F 138 9.56 -48.38 25.97
CA LEU F 138 9.99 -49.44 26.88
C LEU F 138 9.59 -50.82 26.40
N VAL F 139 8.56 -50.94 25.57
CA VAL F 139 8.08 -52.28 25.22
C VAL F 139 8.26 -52.55 23.69
N GLY F 140 9.12 -51.75 23.10
CA GLY F 140 9.66 -52.04 21.79
C GLY F 140 8.97 -51.29 20.69
N ILE F 141 8.13 -50.32 21.06
CA ILE F 141 7.43 -49.50 20.04
C ILE F 141 7.97 -48.09 20.04
N PRO F 142 8.67 -47.71 18.99
CA PRO F 142 9.43 -46.44 19.04
C PRO F 142 8.50 -45.25 18.91
N LYS F 143 9.01 -44.12 19.29
CA LYS F 143 8.25 -42.90 19.16
C LYS F 143 7.93 -42.57 17.68
N LEU F 144 6.85 -41.84 17.47
CA LEU F 144 6.35 -41.47 16.12
C LEU F 144 5.98 -42.56 15.14
N THR F 145 5.66 -43.71 15.69
CA THR F 145 5.03 -44.83 14.94
C THR F 145 3.49 -44.76 14.75
N ALA F 146 3.03 -45.03 13.54
CA ALA F 146 1.61 -45.14 13.19
C ALA F 146 1.13 -46.57 13.19
N SER F 147 2.00 -47.47 12.75
CA SER F 147 1.74 -48.92 12.77
C SER F 147 3.01 -49.65 12.86
N THR F 148 2.93 -50.89 13.34
CA THR F 148 4.08 -51.76 13.46
C THR F 148 3.93 -53.01 12.56
N ASN F 149 5.07 -53.70 12.41
CA ASN F 149 5.19 -55.03 11.71
C ASN F 149 4.25 -56.08 12.28
N LEU F 150 4.04 -56.06 13.59
CA LEU F 150 3.07 -56.97 14.27
C LEU F 150 1.58 -56.65 14.06
N GLY F 151 1.28 -55.57 13.31
CA GLY F 151 -0.10 -55.20 12.99
C GLY F 151 -0.80 -54.17 13.95
N ALA F 152 -0.01 -53.60 14.86
CA ALA F 152 -0.50 -52.64 15.86
C ALA F 152 -0.82 -51.30 15.28
N ARG F 153 -2.01 -50.79 15.59
CA ARG F 153 -2.55 -49.52 15.07
C ARG F 153 -3.26 -48.63 16.15
N HIS F 154 -3.65 -49.24 17.25
CA HIS F 154 -4.40 -48.65 18.35
C HIS F 154 -3.93 -49.10 19.72
N VAL F 155 -4.19 -48.25 20.70
CA VAL F 155 -3.86 -48.52 22.11
C VAL F 155 -5.09 -48.38 22.98
N GLU F 156 -5.48 -49.48 23.63
CA GLU F 156 -6.75 -49.63 24.42
C GLU F 156 -6.45 -49.57 25.90
N PHE F 157 -7.16 -48.74 26.64
CA PHE F 157 -6.94 -48.58 28.04
C PHE F 157 -8.08 -49.19 28.68
N VAL F 158 -7.83 -50.11 29.58
CA VAL F 158 -8.88 -50.92 30.24
C VAL F 158 -8.86 -50.70 31.75
N SER F 159 -9.99 -50.49 32.32
CA SER F 159 -10.01 -50.15 33.73
C SER F 159 -10.22 -51.42 34.56
N VAL F 160 -10.26 -51.23 35.83
CA VAL F 160 -10.55 -52.25 36.77
C VAL F 160 -11.93 -52.12 37.36
N ASP F 161 -12.64 -51.10 36.98
CA ASP F 161 -13.95 -50.87 37.50
C ASP F 161 -15.03 -51.73 36.87
N ARG F 162 -16.26 -51.59 37.34
CA ARG F 162 -17.39 -52.42 36.91
C ARG F 162 -18.63 -51.60 36.59
N CYS F 163 -19.04 -51.69 35.34
CA CYS F 163 -20.16 -50.90 34.79
C CYS F 163 -21.37 -51.72 34.34
N LYS F 164 -22.56 -51.33 34.76
CA LYS F 164 -23.82 -51.96 34.27
C LYS F 164 -23.90 -52.15 32.73
N GLU F 165 -23.46 -51.18 31.99
CA GLU F 165 -23.45 -51.18 30.54
C GLU F 165 -22.64 -52.26 29.88
N GLU F 166 -21.58 -52.63 30.54
CA GLU F 166 -20.75 -53.76 30.16
C GLU F 166 -21.01 -55.04 31.01
N ASN F 167 -22.16 -55.09 31.64
CA ASN F 167 -22.67 -56.23 32.35
C ASN F 167 -21.73 -56.66 33.45
N GLY F 168 -21.19 -55.66 34.13
CA GLY F 168 -20.25 -55.87 35.21
C GLY F 168 -18.78 -55.79 34.80
N GLY F 169 -18.53 -55.65 33.49
CA GLY F 169 -17.20 -55.48 32.96
C GLY F 169 -16.65 -54.10 33.11
N PRO F 170 -15.38 -53.91 32.73
CA PRO F 170 -14.73 -52.57 32.80
C PRO F 170 -14.94 -51.53 31.70
N TYR F 171 -14.83 -50.27 32.15
CA TYR F 171 -14.74 -49.08 31.30
C TYR F 171 -13.46 -49.24 30.45
N LYS F 172 -13.55 -48.90 29.20
CA LYS F 172 -12.45 -48.98 28.24
C LYS F 172 -12.52 -47.79 27.27
N ALA F 173 -11.34 -47.40 26.77
CA ALA F 173 -11.26 -46.50 25.64
C ALA F 173 -10.03 -46.76 24.79
N SER F 174 -9.99 -46.22 23.60
CA SER F 174 -8.77 -46.31 22.85
C SER F 174 -8.41 -45.10 22.06
N ILE F 175 -7.14 -45.03 21.74
CA ILE F 175 -6.62 -43.98 20.84
C ILE F 175 -5.67 -44.61 19.82
N THR F 176 -5.38 -43.89 18.75
CA THR F 176 -4.47 -44.42 17.74
C THR F 176 -3.06 -44.53 18.27
N LEU F 177 -2.34 -45.48 17.70
CA LEU F 177 -0.89 -45.64 17.99
C LEU F 177 -0.12 -44.32 17.72
N SER F 178 -0.43 -43.67 16.58
CA SER F 178 0.07 -42.33 16.28
C SER F 178 -0.04 -41.39 17.46
N GLN F 179 -1.26 -41.19 17.97
CA GLN F 179 -1.42 -40.25 19.10
C GLN F 179 -0.67 -40.73 20.37
N ALA F 180 -0.65 -42.02 20.53
CA ALA F 180 -0.08 -42.64 21.73
C ALA F 180 1.43 -42.50 21.85
N THR F 181 2.01 -42.31 20.71
CA THR F 181 3.43 -42.59 20.50
C THR F 181 4.15 -41.31 20.13
N ASN F 182 3.34 -40.27 19.94
CA ASN F 182 3.80 -38.92 19.68
C ASN F 182 3.93 -38.08 20.99
N PRO F 183 5.12 -37.77 21.48
CA PRO F 183 5.24 -37.17 22.80
C PRO F 183 4.73 -35.74 22.86
N GLU F 184 4.59 -35.16 21.70
CA GLU F 184 4.01 -33.82 21.61
C GLU F 184 2.45 -33.78 21.84
N ALA F 185 1.78 -34.90 21.66
CA ALA F 185 0.39 -35.08 22.06
C ALA F 185 0.15 -35.26 23.61
N ASP F 186 1.22 -35.44 24.36
CA ASP F 186 1.19 -35.39 25.82
C ASP F 186 0.28 -36.40 26.53
N VAL F 187 0.05 -37.53 25.90
CA VAL F 187 -0.73 -38.51 26.53
C VAL F 187 0.07 -38.99 27.72
N LEU F 188 -0.59 -39.01 28.85
CA LEU F 188 0.06 -39.17 30.13
C LEU F 188 -0.53 -40.29 30.95
N LEU F 189 0.31 -41.13 31.57
CA LEU F 189 -0.13 -42.04 32.58
C LEU F 189 0.08 -41.26 33.86
N ALA F 190 -0.98 -40.66 34.37
CA ALA F 190 -0.89 -39.77 35.52
C ALA F 190 -1.17 -40.41 36.87
N TYR F 191 -0.22 -40.20 37.80
CA TYR F 191 -0.29 -40.65 39.20
C TYR F 191 -0.42 -39.49 40.16
N GLU F 192 -0.33 -38.29 39.61
CA GLU F 192 -0.49 -37.00 40.35
C GLU F 192 -1.45 -36.00 39.69
N MET F 193 -2.17 -35.27 40.55
CA MET F 193 -3.14 -34.24 40.16
C MET F 193 -3.04 -33.07 41.15
N ASN F 194 -2.73 -31.93 40.57
CA ASN F 194 -2.50 -30.63 41.30
C ASN F 194 -1.43 -30.76 42.43
N GLY F 195 -0.34 -31.41 42.11
CA GLY F 195 0.79 -31.57 42.99
C GLY F 195 0.69 -32.63 44.08
N GLU F 196 -0.51 -33.11 44.36
CA GLU F 196 -0.75 -34.22 45.28
C GLU F 196 -0.97 -35.56 44.55
N THR F 197 -0.82 -36.62 45.31
CA THR F 197 -1.22 -37.95 44.86
C THR F 197 -2.64 -37.97 44.42
N LEU F 198 -2.82 -38.67 43.33
CA LEU F 198 -4.11 -38.82 42.72
C LEU F 198 -5.09 -39.42 43.70
N ASN F 199 -6.25 -38.83 43.81
CA ASN F 199 -7.33 -39.29 44.67
C ASN F 199 -8.14 -40.48 44.08
N ARG F 200 -9.04 -41.06 44.87
CA ARG F 200 -9.79 -42.22 44.42
C ARG F 200 -10.76 -41.88 43.27
N ASP F 201 -11.57 -40.89 43.53
CA ASP F 201 -12.47 -40.32 42.51
C ASP F 201 -11.84 -40.07 41.12
N HIS F 202 -10.59 -39.69 41.10
CA HIS F 202 -9.92 -39.23 39.91
C HIS F 202 -8.95 -40.26 39.33
N GLY F 203 -8.99 -41.44 39.90
CA GLY F 203 -8.31 -42.58 39.30
C GLY F 203 -7.15 -43.26 39.99
N PHE F 204 -7.00 -43.00 41.29
CA PHE F 204 -5.87 -43.53 42.09
C PHE F 204 -5.75 -45.01 41.92
N PRO F 205 -4.58 -45.56 41.62
CA PRO F 205 -3.27 -44.94 41.60
C PRO F 205 -2.80 -44.41 40.27
N LEU F 206 -3.57 -44.72 39.22
CA LEU F 206 -3.12 -44.46 37.86
C LEU F 206 -4.29 -44.30 36.90
N ARG F 207 -4.24 -43.20 36.17
CA ARG F 207 -5.18 -42.96 35.06
C ARG F 207 -4.44 -42.51 33.81
N VAL F 208 -5.05 -42.72 32.64
CA VAL F 208 -4.62 -42.00 31.43
C VAL F 208 -5.30 -40.64 31.35
N VAL F 209 -4.53 -39.68 30.88
CA VAL F 209 -5.02 -38.39 30.53
C VAL F 209 -4.69 -38.09 29.12
N VAL F 210 -5.74 -37.87 28.34
CA VAL F 210 -5.64 -37.58 26.92
C VAL F 210 -6.02 -36.17 26.62
N PRO F 211 -5.05 -35.28 26.55
CA PRO F 211 -5.30 -33.87 26.32
C PRO F 211 -5.92 -33.54 24.96
N GLY F 212 -6.77 -32.53 24.98
CA GLY F 212 -7.49 -32.07 23.78
C GLY F 212 -8.55 -33.01 23.27
N VAL F 213 -8.86 -34.03 24.06
CA VAL F 213 -9.86 -35.04 23.70
C VAL F 213 -10.93 -35.06 24.82
N ILE F 214 -12.14 -35.51 24.47
CA ILE F 214 -13.22 -35.43 25.46
C ILE F 214 -12.85 -36.26 26.66
N GLY F 215 -13.41 -35.84 27.81
CA GLY F 215 -13.17 -36.48 29.06
C GLY F 215 -13.26 -37.99 29.06
N ALA F 216 -14.28 -38.52 28.40
CA ALA F 216 -14.52 -39.95 28.31
C ALA F 216 -13.33 -40.82 27.95
N ARG F 217 -12.35 -40.30 27.24
CA ARG F 217 -11.23 -41.16 26.85
C ARG F 217 -10.12 -41.26 27.87
N SER F 218 -10.11 -40.40 28.87
CA SER F 218 -9.13 -40.39 29.94
C SER F 218 -9.47 -41.40 31.02
N VAL F 219 -9.19 -42.65 30.71
CA VAL F 219 -9.64 -43.80 31.53
C VAL F 219 -9.01 -43.82 32.88
N LYS F 220 -9.86 -43.94 33.87
CA LYS F 220 -9.39 -44.02 35.25
C LYS F 220 -9.15 -45.48 35.79
N TRP F 221 -8.25 -45.58 36.79
CA TRP F 221 -7.92 -46.85 37.55
C TRP F 221 -7.45 -47.98 36.61
N LEU F 222 -6.33 -47.75 35.95
CA LEU F 222 -5.87 -48.59 34.88
C LEU F 222 -5.62 -49.99 35.35
N ASP F 223 -6.13 -50.91 34.57
CA ASP F 223 -5.79 -52.30 34.73
C ASP F 223 -4.80 -52.72 33.64
N SER F 224 -5.05 -52.33 32.39
CA SER F 224 -4.18 -52.80 31.29
C SER F 224 -4.13 -51.86 30.19
N ILE F 225 -3.01 -51.86 29.53
CA ILE F 225 -2.78 -51.08 28.33
C ILE F 225 -2.51 -52.11 27.22
N ASN F 226 -3.46 -52.17 26.33
CA ASN F 226 -3.70 -53.25 25.43
C ASN F 226 -3.43 -52.74 24.02
N VAL F 227 -2.27 -53.05 23.48
CA VAL F 227 -1.90 -52.68 22.08
C VAL F 227 -2.56 -53.63 21.02
N ILE F 228 -3.37 -53.09 20.10
CA ILE F 228 -4.26 -53.91 19.27
C ILE F 228 -4.35 -53.43 17.81
N ALA F 229 -4.93 -54.23 16.93
CA ALA F 229 -4.90 -53.93 15.48
C ALA F 229 -5.94 -52.97 14.99
N GLU F 230 -7.06 -53.01 15.67
CA GLU F 230 -8.24 -52.24 15.37
C GLU F 230 -8.74 -51.43 16.59
N GLU F 231 -9.59 -50.47 16.33
CA GLU F 231 -10.08 -49.65 17.43
C GLU F 231 -10.78 -50.49 18.51
N SER F 232 -10.79 -50.00 19.71
CA SER F 232 -11.49 -50.71 20.80
C SER F 232 -12.95 -50.84 20.47
N GLN F 233 -13.47 -52.04 20.78
CA GLN F 233 -14.91 -52.43 20.58
C GLN F 233 -15.70 -52.31 21.82
N GLY F 234 -15.10 -51.61 22.78
CA GLY F 234 -15.76 -51.29 24.02
C GLY F 234 -17.06 -50.58 23.86
N PHE F 235 -17.95 -50.78 24.79
CA PHE F 235 -19.31 -50.22 24.71
C PHE F 235 -19.23 -48.73 24.52
N PHE F 236 -18.36 -48.13 25.31
CA PHE F 236 -18.31 -46.63 25.34
C PHE F 236 -17.56 -45.96 24.20
N MET F 237 -16.88 -46.74 23.39
CA MET F 237 -16.32 -46.30 22.10
C MET F 237 -17.26 -46.52 20.88
N GLN F 238 -18.07 -47.53 20.95
CA GLN F 238 -18.93 -47.95 19.83
C GLN F 238 -20.46 -47.56 19.99
N LYS F 239 -20.93 -47.48 21.22
CA LYS F 239 -22.33 -47.34 21.49
C LYS F 239 -22.57 -46.19 22.42
N ASP F 240 -21.65 -45.28 22.36
CA ASP F 240 -21.76 -44.03 23.13
C ASP F 240 -20.78 -42.99 22.59
N TYR F 241 -20.90 -41.76 23.06
CA TYR F 241 -19.89 -40.73 22.82
C TYR F 241 -19.66 -40.55 21.36
N LYS F 242 -20.80 -40.48 20.71
CA LYS F 242 -20.84 -40.17 19.29
C LYS F 242 -21.78 -38.97 19.05
N MET F 243 -21.50 -38.19 18.03
CA MET F 243 -22.26 -36.95 17.70
C MET F 243 -23.18 -37.14 16.53
N PHE F 244 -24.45 -37.41 16.81
CA PHE F 244 -25.42 -37.67 15.72
C PHE F 244 -26.10 -36.39 15.31
N PRO F 245 -26.54 -36.35 14.07
CA PRO F 245 -27.41 -35.25 13.61
C PRO F 245 -28.76 -35.20 14.28
N PRO F 246 -29.42 -34.05 14.33
CA PRO F 246 -30.75 -33.91 14.98
C PRO F 246 -31.92 -34.83 14.41
N SER F 247 -31.79 -35.33 13.19
CA SER F 247 -32.77 -36.21 12.63
C SER F 247 -32.80 -37.66 13.29
N VAL F 248 -31.73 -38.03 13.99
CA VAL F 248 -31.55 -39.33 14.55
C VAL F 248 -32.27 -39.40 15.91
N ASN F 249 -33.06 -40.46 16.08
CA ASN F 249 -33.80 -40.77 17.33
C ASN F 249 -33.73 -42.27 17.67
N TRP F 250 -34.38 -42.66 18.75
CA TRP F 250 -34.24 -44.05 19.20
C TRP F 250 -34.83 -45.13 18.25
N ASP F 251 -35.65 -44.71 17.32
CA ASP F 251 -36.20 -45.58 16.27
C ASP F 251 -35.35 -45.80 15.02
N ASN F 252 -34.42 -44.86 14.76
CA ASN F 252 -33.63 -45.00 13.54
C ASN F 252 -32.14 -45.05 13.72
N ILE F 253 -31.73 -44.89 14.97
CA ILE F 253 -30.29 -44.90 15.27
C ILE F 253 -29.56 -46.10 14.74
N ASN F 254 -28.52 -45.86 14.04
CA ASN F 254 -27.49 -46.83 13.71
C ASN F 254 -26.10 -46.31 14.23
N TRP F 255 -25.61 -46.97 15.29
CA TRP F 255 -24.34 -46.63 16.00
C TRP F 255 -23.09 -46.66 15.11
N SER F 256 -23.14 -47.42 14.06
CA SER F 256 -21.96 -47.49 13.19
C SER F 256 -21.98 -46.37 12.16
N SER F 257 -23.01 -45.58 12.12
CA SER F 257 -23.08 -44.52 11.13
C SER F 257 -22.19 -43.33 11.47
N ARG F 258 -21.75 -43.25 12.70
CA ARG F 258 -20.90 -42.17 13.20
C ARG F 258 -19.62 -42.71 13.73
N ARG F 259 -18.56 -41.96 13.59
CA ARG F 259 -17.28 -42.23 14.27
C ARG F 259 -17.20 -41.79 15.70
N PRO F 260 -16.37 -42.46 16.49
CA PRO F 260 -16.18 -42.08 17.88
C PRO F 260 -15.69 -40.70 17.97
N GLN F 261 -16.26 -39.94 18.88
CA GLN F 261 -15.85 -38.56 19.13
C GLN F 261 -14.59 -38.53 19.99
N MET F 262 -13.62 -37.76 19.55
CA MET F 262 -12.35 -37.61 20.23
C MET F 262 -12.07 -36.13 20.52
N ASP F 263 -11.68 -35.43 19.48
CA ASP F 263 -11.56 -33.96 19.50
C ASP F 263 -12.92 -33.34 19.77
N PHE F 264 -12.97 -32.11 20.24
CA PHE F 264 -14.25 -31.50 20.58
C PHE F 264 -14.24 -30.07 20.17
N PRO F 265 -15.39 -29.45 19.95
CA PRO F 265 -15.40 -28.10 19.38
C PRO F 265 -15.48 -26.93 20.40
N VAL F 266 -15.30 -25.73 19.86
CA VAL F 266 -15.16 -24.51 20.60
C VAL F 266 -16.42 -24.28 21.44
N GLN F 267 -16.16 -24.07 22.74
CA GLN F 267 -17.17 -24.06 23.79
C GLN F 267 -16.94 -22.83 24.75
N SER F 268 -17.98 -22.22 25.18
CA SER F 268 -17.88 -21.23 26.27
C SER F 268 -19.14 -21.10 27.13
N ALA F 269 -18.93 -20.70 28.37
CA ALA F 269 -20.02 -20.41 29.23
C ALA F 269 -19.72 -19.38 30.28
N ILE F 270 -20.78 -18.63 30.54
CA ILE F 270 -20.81 -17.62 31.58
C ILE F 270 -21.11 -18.29 32.90
N CYS F 271 -20.22 -18.04 33.85
CA CYS F 271 -20.20 -18.67 35.14
C CYS F 271 -20.40 -17.75 36.41
N SER F 272 -20.20 -16.47 36.27
CA SER F 272 -20.18 -15.57 37.47
C SER F 272 -21.63 -15.12 37.83
N VAL F 273 -22.57 -15.52 37.01
CA VAL F 273 -23.96 -15.32 37.20
C VAL F 273 -24.80 -16.52 36.62
N GLU F 274 -26.02 -16.58 37.13
CA GLU F 274 -26.96 -17.68 36.94
C GLU F 274 -27.71 -17.39 35.72
N ASP F 275 -28.35 -18.36 35.20
CA ASP F 275 -29.06 -18.25 33.94
C ASP F 275 -30.16 -17.21 33.96
N VAL F 276 -30.65 -17.01 35.15
CA VAL F 276 -31.67 -16.03 35.44
C VAL F 276 -31.27 -15.48 36.77
N GLN F 277 -30.79 -14.26 36.80
CA GLN F 277 -30.19 -13.68 38.01
C GLN F 277 -30.63 -12.21 38.32
N MET F 278 -30.95 -11.99 39.59
CA MET F 278 -31.26 -10.66 40.16
C MET F 278 -29.95 -9.84 40.32
N VAL F 279 -29.96 -8.63 39.82
CA VAL F 279 -28.90 -7.68 40.17
C VAL F 279 -29.33 -6.24 40.49
N LYS F 280 -28.51 -5.63 41.35
CA LYS F 280 -28.57 -4.18 41.64
C LYS F 280 -27.98 -3.38 40.49
N PRO F 281 -28.64 -2.29 40.08
CA PRO F 281 -28.06 -1.39 39.05
C PRO F 281 -26.61 -1.07 39.33
N GLY F 282 -25.89 -0.97 38.25
CA GLY F 282 -24.48 -0.65 38.23
C GLY F 282 -23.63 -1.63 37.45
N LYS F 283 -22.42 -1.79 37.95
CA LYS F 283 -21.34 -2.59 37.35
C LYS F 283 -21.47 -4.07 37.69
N VAL F 284 -21.70 -4.90 36.69
CA VAL F 284 -21.65 -6.37 36.93
C VAL F 284 -20.53 -7.08 36.14
N SER F 285 -19.74 -7.82 36.89
CA SER F 285 -18.66 -8.64 36.31
C SER F 285 -19.12 -9.96 35.61
N ILE F 286 -19.00 -10.02 34.30
CA ILE F 286 -19.31 -11.22 33.53
C ILE F 286 -18.02 -12.05 33.30
N LYS F 287 -17.88 -13.11 34.06
CA LYS F 287 -16.72 -14.00 34.02
C LYS F 287 -17.12 -15.44 33.62
N GLY F 288 -16.27 -16.09 32.83
CA GLY F 288 -16.50 -17.47 32.40
C GLY F 288 -15.31 -18.20 31.88
N TYR F 289 -15.58 -19.30 31.18
CA TYR F 289 -14.52 -20.12 30.55
C TYR F 289 -14.83 -20.30 29.08
N ALA F 290 -13.75 -20.54 28.36
CA ALA F 290 -13.80 -20.92 26.93
C ALA F 290 -12.71 -21.96 26.67
N VAL F 291 -13.02 -22.93 25.85
CA VAL F 291 -12.08 -23.96 25.43
C VAL F 291 -12.44 -24.49 24.09
N SER F 292 -11.41 -25.09 23.54
CA SER F 292 -11.47 -25.97 22.37
C SER F 292 -10.61 -27.17 22.51
N GLY F 293 -10.95 -28.22 21.80
CA GLY F 293 -10.17 -29.43 21.81
C GLY F 293 -8.95 -29.29 20.86
N GLY F 294 -8.17 -30.38 20.83
CA GLY F 294 -7.17 -30.66 19.80
C GLY F 294 -5.99 -29.76 19.86
N GLY F 295 -5.83 -29.12 20.97
CA GLY F 295 -4.69 -28.21 21.17
C GLY F 295 -4.82 -26.80 20.58
N ARG F 296 -6.00 -26.50 20.16
CA ARG F 296 -6.28 -25.14 19.68
C ARG F 296 -6.66 -24.20 20.87
N GLY F 297 -6.13 -22.99 20.80
CA GLY F 297 -6.35 -21.97 21.78
C GLY F 297 -7.59 -21.15 21.49
N ILE F 298 -7.82 -20.13 22.31
CA ILE F 298 -9.00 -19.26 22.12
C ILE F 298 -8.52 -17.85 21.68
N GLU F 299 -8.87 -17.52 20.46
CA GLU F 299 -8.38 -16.30 19.82
C GLU F 299 -9.14 -15.09 20.23
N ARG F 300 -10.39 -15.33 20.59
CA ARG F 300 -11.38 -14.24 20.90
C ARG F 300 -12.58 -14.67 21.70
N VAL F 301 -12.94 -13.88 22.71
CA VAL F 301 -14.24 -14.06 23.37
C VAL F 301 -15.10 -12.81 23.21
N ASP F 302 -16.29 -12.98 22.68
CA ASP F 302 -17.22 -11.94 22.37
C ASP F 302 -18.45 -11.89 23.33
N ILE F 303 -18.81 -10.69 23.75
CA ILE F 303 -19.93 -10.47 24.61
C ILE F 303 -20.91 -9.47 24.11
N SER F 304 -22.18 -9.83 24.14
CA SER F 304 -23.27 -9.00 23.64
C SER F 304 -24.36 -8.73 24.65
N LEU F 305 -24.81 -7.50 24.67
CA LEU F 305 -25.87 -7.03 25.56
C LEU F 305 -27.13 -6.69 24.82
N ASP F 306 -27.21 -6.92 23.54
CA ASP F 306 -28.31 -6.43 22.73
C ASP F 306 -28.88 -7.47 21.80
N GLY F 307 -28.81 -8.74 22.26
CA GLY F 307 -29.41 -9.86 21.53
C GLY F 307 -28.55 -10.28 20.36
N GLY F 308 -27.27 -9.98 20.45
CA GLY F 308 -26.31 -10.38 19.42
C GLY F 308 -26.24 -9.56 18.14
N LYS F 309 -26.77 -8.34 18.16
CA LYS F 309 -26.56 -7.30 17.09
C LYS F 309 -25.11 -6.77 17.12
N ASN F 310 -24.60 -6.52 18.30
CA ASN F 310 -23.31 -5.93 18.59
C ASN F 310 -22.55 -6.65 19.70
N TRP F 311 -21.23 -6.80 19.49
CA TRP F 311 -20.36 -7.57 20.35
C TRP F 311 -19.16 -6.77 20.76
N VAL F 312 -18.71 -7.01 21.91
CA VAL F 312 -17.59 -6.34 22.51
C VAL F 312 -16.67 -7.44 23.06
N GLU F 313 -15.41 -7.18 23.09
CA GLU F 313 -14.52 -8.26 23.29
C GLU F 313 -14.16 -8.34 24.75
N ALA F 314 -14.24 -9.53 25.31
CA ALA F 314 -13.84 -9.74 26.68
C ALA F 314 -12.34 -10.05 26.74
N SER F 315 -11.79 -9.99 27.91
CA SER F 315 -10.42 -10.27 28.06
C SER F 315 -10.24 -11.78 28.28
N ARG F 316 -9.01 -12.23 28.03
CA ARG F 316 -8.72 -13.60 28.19
C ARG F 316 -7.39 -13.93 28.88
N THR F 317 -7.44 -14.92 29.76
CA THR F 317 -6.35 -15.18 30.72
C THR F 317 -6.19 -16.64 31.02
N GLN F 318 -4.96 -17.08 31.19
CA GLN F 318 -4.68 -18.44 31.70
C GLN F 318 -4.07 -18.35 33.10
N GLU F 319 -2.82 -18.64 33.28
CA GLU F 319 -2.11 -18.34 34.54
C GLU F 319 -2.20 -16.88 34.90
N PRO F 320 -2.55 -16.56 36.14
CA PRO F 320 -2.76 -15.14 36.48
C PRO F 320 -1.38 -14.38 36.42
N GLY F 321 -1.44 -13.10 36.01
CA GLY F 321 -0.26 -12.24 35.84
C GLY F 321 0.39 -12.25 34.47
N LYS F 322 0.88 -13.41 34.07
CA LYS F 322 1.13 -13.75 32.63
C LYS F 322 0.02 -13.28 31.61
N GLN F 323 0.47 -12.83 30.45
CA GLN F 323 -0.44 -12.36 29.38
C GLN F 323 -0.79 -13.54 28.47
N TYR F 324 -2.07 -13.79 28.23
CA TYR F 324 -2.46 -14.87 27.36
C TYR F 324 -2.31 -14.54 25.90
N ILE F 325 -1.57 -15.40 25.27
CA ILE F 325 -1.46 -15.42 23.82
C ILE F 325 -1.79 -16.78 23.17
N SER F 326 -2.62 -16.70 22.15
CA SER F 326 -3.20 -17.91 21.58
C SER F 326 -2.33 -18.89 20.82
N GLU F 327 -1.60 -18.62 19.83
CA GLU F 327 -0.99 -19.94 19.37
C GLU F 327 0.45 -19.65 19.62
N HIS F 328 0.89 -19.98 20.81
CA HIS F 328 2.14 -19.40 21.34
C HIS F 328 2.79 -20.35 22.29
N SER F 329 4.09 -20.28 22.33
CA SER F 329 4.87 -21.17 23.19
C SER F 329 4.57 -20.96 24.69
N SER F 330 4.24 -19.76 25.11
CA SER F 330 3.87 -19.44 26.53
C SER F 330 2.44 -19.93 27.00
N SER F 331 1.58 -20.18 26.04
CA SER F 331 0.24 -20.68 26.26
C SER F 331 0.14 -22.16 26.59
N ASP F 332 -0.86 -22.49 27.39
CA ASP F 332 -1.18 -23.86 27.81
C ASP F 332 -2.25 -24.41 26.88
N LYS F 333 -1.83 -25.07 25.82
CA LYS F 333 -2.71 -25.34 24.66
C LYS F 333 -3.79 -26.38 24.98
N TRP F 334 -3.56 -27.16 26.02
CA TRP F 334 -4.54 -28.18 26.44
C TRP F 334 -5.54 -27.68 27.47
N ALA F 335 -5.44 -26.41 27.73
CA ALA F 335 -6.17 -25.89 28.85
C ALA F 335 -7.20 -24.85 28.42
N TRP F 336 -8.25 -24.72 29.19
CA TRP F 336 -9.16 -23.61 29.02
C TRP F 336 -8.54 -22.21 29.20
N VAL F 337 -9.35 -21.26 28.78
CA VAL F 337 -9.11 -19.88 28.88
C VAL F 337 -10.26 -19.16 29.66
N LEU F 338 -9.91 -18.43 30.69
CA LEU F 338 -10.86 -17.64 31.46
C LEU F 338 -11.08 -16.27 30.94
N PHE F 339 -12.32 -15.94 30.77
CA PHE F 339 -12.68 -14.64 30.22
C PHE F 339 -13.42 -13.76 31.28
N GLU F 340 -13.18 -12.45 31.21
CA GLU F 340 -13.90 -11.44 32.02
C GLU F 340 -14.20 -10.15 31.17
N ALA F 341 -15.40 -9.65 31.41
CA ALA F 341 -15.83 -8.37 30.92
C ALA F 341 -16.73 -7.67 31.95
N THR F 342 -16.42 -6.41 32.29
CA THR F 342 -17.30 -5.60 33.14
C THR F 342 -18.30 -4.83 32.33
N ILE F 343 -19.55 -4.97 32.70
CA ILE F 343 -20.60 -4.29 31.98
C ILE F 343 -21.44 -3.41 32.87
N ASP F 344 -22.17 -2.53 32.21
CA ASP F 344 -23.03 -1.55 32.89
C ASP F 344 -24.51 -1.85 32.65
N VAL F 345 -25.17 -2.15 33.76
CA VAL F 345 -26.60 -2.51 33.71
C VAL F 345 -27.45 -1.47 34.42
N SER F 346 -28.40 -0.98 33.66
CA SER F 346 -29.36 0.01 34.16
C SER F 346 -30.83 -0.47 33.95
N GLN F 347 -30.95 -1.63 33.36
CA GLN F 347 -32.20 -2.08 32.76
C GLN F 347 -32.16 -3.64 32.71
N THR F 348 -33.30 -4.29 32.54
CA THR F 348 -33.31 -5.73 32.36
C THR F 348 -32.62 -6.12 30.99
N THR F 349 -31.58 -6.96 31.11
CA THR F 349 -30.59 -7.28 30.08
C THR F 349 -30.31 -8.76 29.84
N GLU F 350 -30.46 -9.19 28.62
CA GLU F 350 -29.95 -10.47 28.19
C GLU F 350 -28.45 -10.40 27.84
N VAL F 351 -27.57 -11.10 28.55
CA VAL F 351 -26.17 -11.24 28.12
C VAL F 351 -25.79 -12.53 27.45
N ILE F 352 -25.10 -12.43 26.33
CA ILE F 352 -24.61 -13.61 25.52
C ILE F 352 -23.11 -13.65 25.39
N ALA F 353 -22.51 -14.82 25.56
CA ALA F 353 -21.05 -15.04 25.31
C ALA F 353 -20.83 -16.10 24.26
N LYS F 354 -19.89 -15.84 23.38
CA LYS F 354 -19.39 -16.84 22.48
C LYS F 354 -17.92 -16.69 22.23
N ALA F 355 -17.30 -17.78 21.85
CA ALA F 355 -15.85 -17.80 21.63
C ALA F 355 -15.51 -18.27 20.24
N VAL F 356 -14.31 -17.88 19.87
CA VAL F 356 -13.76 -18.25 18.56
C VAL F 356 -12.35 -18.73 18.80
N ASP F 357 -12.07 -19.91 18.29
CA ASP F 357 -10.79 -20.55 18.55
C ASP F 357 -9.70 -20.15 17.54
N SER F 358 -8.47 -20.61 17.79
CA SER F 358 -7.29 -20.27 16.95
C SER F 358 -7.46 -20.62 15.47
N ALA F 359 -8.34 -21.55 15.18
CA ALA F 359 -8.58 -21.92 13.77
C ALA F 359 -9.80 -21.20 13.19
N ALA F 360 -10.21 -20.17 13.95
CA ALA F 360 -11.40 -19.36 13.61
C ALA F 360 -12.72 -20.17 13.59
N ASN F 361 -12.72 -21.34 14.22
CA ASN F 361 -13.97 -22.05 14.46
C ASN F 361 -14.89 -21.25 15.32
N VAL F 362 -16.16 -21.36 15.02
CA VAL F 362 -17.29 -20.69 15.75
C VAL F 362 -18.22 -21.66 16.52
N GLN F 363 -18.98 -21.06 17.40
CA GLN F 363 -20.02 -21.77 18.12
C GLN F 363 -21.36 -21.64 17.42
N PRO F 364 -22.15 -22.69 17.40
CA PRO F 364 -23.48 -22.63 16.74
C PRO F 364 -24.41 -21.60 17.48
N GLU F 365 -25.19 -20.88 16.73
CA GLU F 365 -26.09 -19.88 17.38
C GLU F 365 -27.19 -20.57 18.34
N ASN F 366 -27.84 -21.58 17.80
CA ASN F 366 -28.95 -22.25 18.43
C ASN F 366 -28.77 -23.74 18.66
N VAL F 367 -29.09 -24.22 19.86
CA VAL F 367 -29.09 -25.66 20.15
C VAL F 367 -29.70 -26.55 19.07
N GLU F 368 -30.88 -26.15 18.60
CA GLU F 368 -31.59 -26.87 17.55
C GLU F 368 -30.66 -27.36 16.43
N SER F 369 -29.69 -26.58 16.03
CA SER F 369 -28.88 -27.00 14.87
C SER F 369 -27.91 -28.10 15.23
N VAL F 370 -27.61 -28.23 16.49
CA VAL F 370 -26.66 -29.30 16.91
C VAL F 370 -27.25 -30.35 17.84
N TRP F 371 -28.57 -30.26 18.08
CA TRP F 371 -29.34 -31.21 18.91
C TRP F 371 -29.03 -32.62 18.49
N ASN F 372 -28.77 -33.42 19.50
CA ASN F 372 -28.35 -34.78 19.30
C ASN F 372 -28.84 -35.67 20.44
N LEU F 373 -29.16 -36.86 20.05
CA LEU F 373 -29.70 -37.96 20.89
C LEU F 373 -29.03 -38.22 22.22
N ARG F 374 -27.69 -38.18 22.24
CA ARG F 374 -26.93 -38.41 23.48
C ARG F 374 -26.76 -37.17 24.28
N GLY F 375 -27.19 -36.07 23.75
CA GLY F 375 -27.10 -34.80 24.46
C GLY F 375 -25.65 -34.38 24.73
N VAL F 376 -24.79 -34.61 23.77
CA VAL F 376 -23.38 -34.26 23.96
C VAL F 376 -22.97 -33.01 23.12
N LEU F 377 -21.95 -32.34 23.61
CA LEU F 377 -21.30 -31.21 22.88
C LEU F 377 -22.25 -30.06 22.56
N ASN F 378 -23.12 -29.76 23.49
CA ASN F 378 -23.90 -28.56 23.44
C ASN F 378 -23.01 -27.28 23.49
N THR F 379 -22.77 -26.69 22.32
CA THR F 379 -21.93 -25.51 22.26
C THR F 379 -22.65 -24.26 21.71
N SER F 380 -23.97 -24.33 21.67
CA SER F 380 -24.90 -23.21 21.67
C SER F 380 -24.34 -21.97 22.30
N TRP F 381 -24.66 -20.77 21.75
CA TRP F 381 -24.34 -19.54 22.50
C TRP F 381 -25.03 -19.62 23.85
N HIS F 382 -24.23 -19.46 24.87
CA HIS F 382 -24.75 -19.33 26.18
C HIS F 382 -25.40 -17.97 26.47
N ARG F 383 -26.71 -17.98 26.80
CA ARG F 383 -27.50 -16.72 27.04
C ARG F 383 -27.92 -16.67 28.46
N VAL F 384 -27.64 -15.59 29.13
CA VAL F 384 -28.13 -15.39 30.49
C VAL F 384 -29.02 -14.13 30.59
N LEU F 385 -29.85 -14.12 31.63
CA LEU F 385 -30.86 -13.06 31.82
C LEU F 385 -30.62 -12.39 33.14
N LEU F 386 -30.34 -11.11 33.07
CA LEU F 386 -30.16 -10.29 34.25
C LEU F 386 -31.37 -9.41 34.43
N ARG F 387 -31.82 -9.41 35.66
CA ARG F 387 -33.11 -8.81 36.11
C ARG F 387 -32.81 -7.79 37.16
N LEU F 388 -33.63 -6.76 37.17
CA LEU F 388 -33.53 -5.66 38.17
C LEU F 388 -34.30 -5.82 39.53
N GLY F 389 -33.64 -6.52 40.48
CA GLY F 389 -34.09 -6.76 41.87
C GLY F 389 -33.15 -6.19 42.93
CS CS G . -0.88 4.79 24.79
CS CS H . 25.30 25.98 22.56
C1 GOL I . 20.40 1.83 13.12
O1 GOL I . 20.51 2.08 11.78
C2 GOL I . 19.11 1.04 13.34
O2 GOL I . 19.56 -0.33 13.44
C3 GOL I . 18.63 1.66 14.65
O3 GOL I . 17.49 1.12 15.23
N1 MTQ J . 5.89 10.74 12.41
C2 MTQ J . 4.67 10.17 12.18
N2 MTQ J . 3.95 9.74 13.15
N3 MTQ J . 4.19 10.00 11.00
C4 MTQ J . 4.89 10.41 9.87
O4 MTQ J . 4.54 10.24 8.61
N5 MTQ J . 7.04 11.44 8.90
C6 MTQ J . 8.33 12.27 8.98
C7 MTQ J . 8.72 12.39 10.54
N8 MTQ J . 7.89 11.87 11.56
C9 MTQ J . 6.20 11.00 10.03
C10 MTQ J . 6.73 11.19 11.47
C1' MTQ J . 9.32 12.38 7.97
S1' MTQ J . 9.70 11.39 6.64
C2' MTQ J . 9.74 13.71 8.24
S2' MTQ J . 10.86 14.28 6.96
C3' MTQ J . 9.17 14.48 9.57
O3' MTQ J . 8.25 13.75 10.47
C4' MTQ J . 8.61 15.72 9.30
O4' MTQ J . 8.49 16.58 10.48
P MTQ J . 7.60 17.66 10.32
O1P MTQ J . 6.39 17.50 9.73
O2P MTQ J . 7.19 17.90 11.64
O3P MTQ J . 8.35 18.80 9.61
MOM1 MTQ J . 11.42 12.63 5.54
OM1 MTQ J . 10.51 12.41 4.12
OM2 MTQ J . 13.02 12.04 5.90
CS CS K . 55.36 13.95 35.08
CS CS L . 32.22 -4.55 18.21
C1 GOL M . 38.61 21.16 19.21
O1 GOL M . 38.62 21.92 18.08
C2 GOL M . 39.58 21.81 20.17
O2 GOL M . 39.35 23.18 20.16
C3 GOL M . 39.29 21.18 21.50
O3 GOL M . 40.45 21.03 22.27
N1 MTQ N . 52.97 12.49 19.83
C2 MTQ N . 54.19 13.09 20.11
N2 MTQ N . 54.65 13.15 21.37
N3 MTQ N . 54.90 13.60 19.12
C4 MTQ N . 54.62 13.56 17.81
O4 MTQ N . 55.34 14.08 16.81
N5 MTQ N . 52.82 13.02 16.12
C6 MTQ N . 51.59 12.28 15.70
C7 MTQ N . 50.76 11.71 16.87
N8 MTQ N . 51.27 11.85 18.19
C9 MTQ N . 53.34 12.99 17.47
C10 MTQ N . 52.45 12.41 18.60
C1' MTQ N . 50.99 12.45 14.48
S1' MTQ N . 51.04 13.82 13.54
C2' MTQ N . 50.55 11.08 14.10
S2' MTQ N . 49.96 11.06 12.48
C3' MTQ N . 50.66 9.89 15.14
O3' MTQ N . 51.11 10.32 16.50
C4' MTQ N . 51.43 8.82 14.70
O4' MTQ N . 51.45 7.70 15.71
P MTQ N . 52.30 6.64 15.46
O1P MTQ N . 53.50 7.15 15.04
O2P MTQ N . 52.53 5.71 16.54
O3P MTQ N . 51.67 6.00 14.16
MOM1 MTQ N . 49.80 13.08 11.59
OM1 MTQ N . 50.62 14.31 10.54
OM2 MTQ N . 48.23 13.67 11.35
CS CS O . -30.83 39.78 -50.19
CS CS P . -14.23 32.60 -21.52
C1 GOL Q . -30.55 19.40 -37.25
O1 GOL Q . -30.26 18.09 -37.62
C2 GOL Q . -31.42 20.16 -38.28
O2 GOL Q . -32.68 19.51 -38.22
C3 GOL Q . -31.61 21.58 -37.72
O3 GOL Q . -32.01 22.65 -38.58
N1 MTQ R . -20.62 28.41 -47.34
C2 MTQ R . -20.93 28.64 -48.64
N2 MTQ R . -21.73 29.75 -48.79
N3 MTQ R . -20.46 27.82 -49.57
C4 MTQ R . -19.61 26.82 -49.21
O4 MTQ R . -19.03 25.92 -50.06
N5 MTQ R . -18.62 25.30 -47.29
C6 MTQ R . -18.24 25.17 -45.83
C7 MTQ R . -18.91 26.17 -44.87
N8 MTQ R . -19.63 27.28 -45.40
C9 MTQ R . -19.31 26.53 -47.81
C10 MTQ R . -19.92 27.44 -46.75
C1' MTQ R . -17.70 24.03 -45.26
S1' MTQ R . -18.03 22.56 -45.80
C2' MTQ R . -16.62 24.44 -44.34
S2' MTQ R . -15.72 23.03 -43.71
C3' MTQ R . -16.44 26.02 -44.05
O3' MTQ R . -17.58 26.83 -44.63
C4' MTQ R . -15.22 26.61 -44.42
O4' MTQ R . -15.01 27.96 -43.84
P MTQ R . -13.87 28.58 -44.23
O1P MTQ R . -13.49 28.14 -45.45
O2P MTQ R . -13.69 30.06 -44.07
O3P MTQ R . -12.66 27.83 -43.61
MOM1 MTQ R . -16.61 21.08 -44.30
OM1 MTQ R . -16.30 19.98 -45.69
OM2 MTQ R . -17.81 20.53 -43.32
CS CS S . -33.71 22.73 6.04
CS CS T . -40.08 15.53 -26.12
C1 GOL U . -18.55 21.38 -12.50
O1 GOL U . -17.29 21.03 -12.95
C2 GOL U . -18.58 21.95 -11.07
O2 GOL U . -17.64 22.99 -10.76
C3 GOL U . -19.98 22.61 -10.98
O3 GOL U . -20.30 23.00 -9.64
N1 MTQ V . -27.91 11.49 -2.65
C2 MTQ V . -27.60 11.38 -1.31
N2 MTQ V . -28.07 12.37 -0.51
N3 MTQ V . -26.90 10.32 -0.87
C4 MTQ V . -26.48 9.44 -1.77
O4 MTQ V . -25.77 8.38 -1.45
N5 MTQ V . -26.21 8.61 -4.22
C6 MTQ V . -26.31 8.86 -5.72
C7 MTQ V . -27.28 10.06 -6.08
N8 MTQ V . -27.87 10.79 -5.03
C9 MTQ V . -26.76 9.49 -3.23
C10 MTQ V . -27.59 10.67 -3.71
C1' MTQ V . -25.47 8.31 -6.72
S1' MTQ V . -23.81 8.10 -6.76
C2' MTQ V . -26.38 7.77 -7.64
S2' MTQ V . -25.67 6.75 -8.85
C3' MTQ V . -27.98 8.11 -7.46
O3' MTQ V . -28.41 9.19 -6.53
C4' MTQ V . -28.73 6.95 -7.29
O4' MTQ V . -30.13 7.27 -7.52
P MTQ V . -31.00 6.29 -7.02
O1P MTQ V . -30.82 6.11 -5.64
O2P MTQ V . -32.21 7.11 -6.97
O3P MTQ V . -31.25 5.17 -8.04
MOM1 MTQ V . -23.37 6.96 -8.72
OM1 MTQ V . -22.81 5.82 -7.60
OM2 MTQ V . -22.61 8.27 -9.52
CS CS W . 19.42 -18.21 -3.18
CS CS X . -3.91 -42.23 3.63
C1 GOL Y . 2.14 -18.51 14.01
O1 GOL Y . 1.21 -17.53 14.32
C2 GOL Y . 3.33 -17.72 13.52
O2 GOL Y . 3.59 -16.79 14.55
C3 GOL Y . 4.45 -18.74 13.31
O3 GOL Y . 5.63 -18.29 12.69
N1 MTQ Z . 4.09 -17.19 -2.72
C2 MTQ Z . 4.76 -16.13 -3.23
N2 MTQ Z . 6.07 -16.17 -3.41
N3 MTQ Z . 4.10 -15.09 -3.60
C4 MTQ Z . 2.74 -15.10 -3.48
O4 MTQ Z . 2.02 -14.18 -3.87
N5 MTQ Z . 0.54 -16.23 -2.61
C6 MTQ Z . -0.24 -17.42 -2.06
C7 MTQ Z . 0.67 -18.57 -1.72
N8 MTQ Z . 2.08 -18.44 -1.96
C9 MTQ Z . 1.98 -16.15 -2.89
C10 MTQ Z . 2.80 -17.39 -2.48
C1' MTQ Z . -1.52 -17.34 -1.41
S1' MTQ Z . -2.32 -16.04 -0.70
C2' MTQ Z . -2.17 -18.52 -1.94
S2' MTQ Z . -3.83 -18.47 -1.53
C3' MTQ Z . -1.37 -19.64 -2.71
O3' MTQ Z . 0.07 -19.43 -2.72
C4' MTQ Z . -1.77 -19.86 -4.00
O4' MTQ Z . -1.12 -21.09 -4.55
P MTQ Z . -1.37 -21.32 -5.89
O1P MTQ Z . -1.22 -20.23 -6.72
O2P MTQ Z . -0.23 -22.16 -6.38
O3P MTQ Z . -2.77 -21.90 -5.81
MOM1 MTQ Z . -4.47 -16.83 -0.19
OM1 MTQ Z . -4.83 -15.16 -0.57
OM2 MTQ Z . -4.60 -17.35 1.39
CS CS AA . -2.79 -55.67 36.39
CS CS BA . 3.47 -23.27 28.18
C1 GOL CA . -10.23 -42.82 17.00
O1 GOL CA . -11.44 -42.66 16.38
C2 GOL CA . -10.20 -44.22 17.53
O2 GOL CA . -10.49 -45.12 16.47
C3 GOL CA . -8.84 -44.48 18.18
O3 GOL CA . -8.74 -45.74 18.82
N1 MTQ DA . -12.58 -44.09 33.64
C2 MTQ DA . -13.18 -45.19 34.22
N2 MTQ DA . -12.39 -46.16 34.63
N3 MTQ DA . -14.46 -45.30 34.40
C4 MTQ DA . -15.25 -44.28 34.02
O4 MTQ DA . -16.53 -44.29 34.17
N5 MTQ DA . -15.50 -42.07 32.75
C6 MTQ DA . -15.06 -40.68 32.33
C7 MTQ DA . -13.44 -40.65 32.33
N8 MTQ DA . -12.75 -41.91 32.57
C9 MTQ DA . -14.71 -43.12 33.36
C10 MTQ DA . -13.21 -43.02 33.17
C1' MTQ DA . -15.77 -39.70 31.63
S1' MTQ DA . -17.10 -39.94 30.70
C2' MTQ DA . -15.27 -38.42 32.11
S2' MTQ DA . -16.22 -37.17 31.45
C3' MTQ DA . -13.99 -38.32 33.07
O3' MTQ DA . -13.32 -39.62 33.42
C4' MTQ DA . -14.30 -37.81 34.28
O4' MTQ DA . -13.06 -37.69 34.99
P MTQ DA . -13.05 -37.21 36.27
O1P MTQ DA . -14.08 -37.61 37.06
O2P MTQ DA . -11.77 -37.49 36.89
O3P MTQ DA . -13.27 -35.76 36.10
MOM1 MTQ DA . -17.71 -37.78 29.99
OM1 MTQ DA . -19.40 -38.33 30.01
OM2 MTQ DA . -17.29 -37.46 28.40
#